data_7GAQ
# 
_entry.id   7GAQ 
# 
_audit_conform.dict_name       mmcif_pdbx.dic 
_audit_conform.dict_version    5.396 
_audit_conform.dict_location   http://mmcif.pdb.org/dictionaries/ascii/mmcif_pdbx.dic 
# 
loop_
_database_2.database_id 
_database_2.database_code 
_database_2.pdbx_database_accession 
_database_2.pdbx_DOI 
PDB   7GAQ         pdb_00007gaq 10.2210/pdb7gaq/pdb 
WWPDB D_1001405947 ?            ?                   
# 
_pdbx_audit_revision_history.ordinal             1 
_pdbx_audit_revision_history.data_content_type   'Structure model' 
_pdbx_audit_revision_history.major_revision      1 
_pdbx_audit_revision_history.minor_revision      0 
_pdbx_audit_revision_history.revision_date       2024-09-04 
# 
_pdbx_audit_revision_details.ordinal             1 
_pdbx_audit_revision_details.revision_ordinal    1 
_pdbx_audit_revision_details.data_content_type   'Structure model' 
_pdbx_audit_revision_details.provider            repository 
_pdbx_audit_revision_details.type                'Initial release' 
_pdbx_audit_revision_details.description         ? 
_pdbx_audit_revision_details.details             ? 
# 
_pdbx_database_status.entry_id                        7GAQ 
_pdbx_database_status.status_code                     REL 
_pdbx_database_status.status_code_sf                  REL 
_pdbx_database_status.status_code_mr                  ? 
_pdbx_database_status.status_code_cs                  ? 
_pdbx_database_status.recvd_initial_deposition_date   2023-08-10 
_pdbx_database_status.status_code_nmr_data            ? 
_pdbx_database_status.deposit_site                    RCSB 
_pdbx_database_status.process_site                    RCSB 
_pdbx_database_status.SG_entry                        ? 
_pdbx_database_status.pdb_format_compatible           Y 
_pdbx_database_status.methods_development_category    ? 
# 
_pdbx_contact_author.id                 1 
_pdbx_contact_author.email              knapp@pharmchem.uni-frankfurt.de 
_pdbx_contact_author.name_first         Stefan 
_pdbx_contact_author.name_last          Knapp 
_pdbx_contact_author.role               'principal investigator/group leader' 
_pdbx_contact_author.identifier_ORCID   0000-0001-5995-6494 
_pdbx_contact_author.name_mi            ? 
# 
loop_
_audit_author.name 
_audit_author.pdbx_ordinal 
_audit_author.identifier_ORCID 
'Kumar, A.'                            1 ? 
'Marples, P.G.'                        2 ? 
'Tomlinson, C.W.E.'                    3 ? 
'Fearon, D.'                           4 ? 
'von-Delft, F.'                        5 ? 
'Knapp, S.'                            6 ? 
'Structural Genomics Consortium (SGC)' 7 ? 
# 
_citation.id                        primary 
_citation.title                     'PanDDA analysis group deposition' 
_citation.journal_abbrev            'To Be Published' 
_citation.journal_volume            ? 
_citation.page_first                ? 
_citation.page_last                 ? 
_citation.year                      ? 
_citation.journal_id_ASTM           ? 
_citation.country                   ? 
_citation.journal_id_ISSN           ? 
_citation.journal_id_CSD            0353 
_citation.book_publisher            ? 
_citation.pdbx_database_id_PubMed   ? 
_citation.pdbx_database_id_DOI      ? 
# 
loop_
_citation_author.citation_id 
_citation_author.name 
_citation_author.identifier_ORCID 
_citation_author.ordinal 
primary 'Kumar, A.'                            ? 1 
primary 'Knapp, S.'                            ? 2 
primary 'Structural Genomics Consortium (SGC)' ? 3 
# 
loop_
_entity.id 
_entity.type 
_entity.src_method 
_entity.pdbx_description 
_entity.formula_weight 
_entity.pdbx_number_of_molecules 
_entity.pdbx_ec 
_entity.pdbx_mutation 
_entity.pdbx_fragment 
_entity.details 
1 polymer     man 'Microtubule-associated proteins 1A/1B light chain 3B' 14237.361 1  ? TruncationafterGly120 ? ? 
2 non-polymer syn N-ethyl-1H-1,2,3-triazole-4-carboxamide                140.143   1  ? ?                     ? ? 
3 non-polymer syn 1,2-ETHANEDIOL                                         62.068    9  ? ?                     ? ? 
4 non-polymer syn 'CHLORIDE ION'                                         35.453    1  ? ?                     ? ? 
5 water       nat water                                                  18.015    94 ? ?                     ? ? 
# 
_entity_name_com.entity_id   1 
_entity_name_com.name        
;Autophagy-related protein LC3 B,Autophagy-related ubiquitin-like modifier LC3 B,MAP1 light chain 3-like protein 2,MAP1A/MAP1B light chain 3 B,MAP1A/MAP1B LC3 B,Microtubule-associated protein 1 light chain 3 beta
;
# 
_entity_poly.entity_id                      1 
_entity_poly.type                           'polypeptide(L)' 
_entity_poly.nstd_linkage                   no 
_entity_poly.nstd_monomer                   no 
_entity_poly.pdbx_seq_one_letter_code       
;SMPSEKTFKQRRTFEQRVEDVRLIREQHPTKIPVIIERYKGEKQLPVLDKTKFLVPDHVNMSELIKIIRRRLQLNANQAF
FLLVNGHSMVSVSTPISEVYESEKDEDGFLYMVYASQETFG
;
_entity_poly.pdbx_seq_one_letter_code_can   
;SMPSEKTFKQRRTFEQRVEDVRLIREQHPTKIPVIIERYKGEKQLPVLDKTKFLVPDHVNMSELIKIIRRRLQLNANQAF
FLLVNGHSMVSVSTPISEVYESEKDEDGFLYMVYASQETFG
;
_entity_poly.pdbx_strand_id                 A 
_entity_poly.pdbx_target_identifier         ? 
# 
loop_
_pdbx_entity_nonpoly.entity_id 
_pdbx_entity_nonpoly.name 
_pdbx_entity_nonpoly.comp_id 
2 N-ethyl-1H-1,2,3-triazole-4-carboxamide K0J 
3 1,2-ETHANEDIOL                          EDO 
4 'CHLORIDE ION'                          CL  
5 water                                   HOH 
# 
loop_
_entity_poly_seq.entity_id 
_entity_poly_seq.num 
_entity_poly_seq.mon_id 
_entity_poly_seq.hetero 
1 1   SER n 
1 2   MET n 
1 3   PRO n 
1 4   SER n 
1 5   GLU n 
1 6   LYS n 
1 7   THR n 
1 8   PHE n 
1 9   LYS n 
1 10  GLN n 
1 11  ARG n 
1 12  ARG n 
1 13  THR n 
1 14  PHE n 
1 15  GLU n 
1 16  GLN n 
1 17  ARG n 
1 18  VAL n 
1 19  GLU n 
1 20  ASP n 
1 21  VAL n 
1 22  ARG n 
1 23  LEU n 
1 24  ILE n 
1 25  ARG n 
1 26  GLU n 
1 27  GLN n 
1 28  HIS n 
1 29  PRO n 
1 30  THR n 
1 31  LYS n 
1 32  ILE n 
1 33  PRO n 
1 34  VAL n 
1 35  ILE n 
1 36  ILE n 
1 37  GLU n 
1 38  ARG n 
1 39  TYR n 
1 40  LYS n 
1 41  GLY n 
1 42  GLU n 
1 43  LYS n 
1 44  GLN n 
1 45  LEU n 
1 46  PRO n 
1 47  VAL n 
1 48  LEU n 
1 49  ASP n 
1 50  LYS n 
1 51  THR n 
1 52  LYS n 
1 53  PHE n 
1 54  LEU n 
1 55  VAL n 
1 56  PRO n 
1 57  ASP n 
1 58  HIS n 
1 59  VAL n 
1 60  ASN n 
1 61  MET n 
1 62  SER n 
1 63  GLU n 
1 64  LEU n 
1 65  ILE n 
1 66  LYS n 
1 67  ILE n 
1 68  ILE n 
1 69  ARG n 
1 70  ARG n 
1 71  ARG n 
1 72  LEU n 
1 73  GLN n 
1 74  LEU n 
1 75  ASN n 
1 76  ALA n 
1 77  ASN n 
1 78  GLN n 
1 79  ALA n 
1 80  PHE n 
1 81  PHE n 
1 82  LEU n 
1 83  LEU n 
1 84  VAL n 
1 85  ASN n 
1 86  GLY n 
1 87  HIS n 
1 88  SER n 
1 89  MET n 
1 90  VAL n 
1 91  SER n 
1 92  VAL n 
1 93  SER n 
1 94  THR n 
1 95  PRO n 
1 96  ILE n 
1 97  SER n 
1 98  GLU n 
1 99  VAL n 
1 100 TYR n 
1 101 GLU n 
1 102 SER n 
1 103 GLU n 
1 104 LYS n 
1 105 ASP n 
1 106 GLU n 
1 107 ASP n 
1 108 GLY n 
1 109 PHE n 
1 110 LEU n 
1 111 TYR n 
1 112 MET n 
1 113 VAL n 
1 114 TYR n 
1 115 ALA n 
1 116 SER n 
1 117 GLN n 
1 118 GLU n 
1 119 THR n 
1 120 PHE n 
1 121 GLY n 
# 
_entity_src_gen.entity_id                          1 
_entity_src_gen.pdbx_src_id                        1 
_entity_src_gen.pdbx_alt_source_flag               sample 
_entity_src_gen.pdbx_seq_type                      'Biological sequence' 
_entity_src_gen.pdbx_beg_seq_num                   1 
_entity_src_gen.pdbx_end_seq_num                   121 
_entity_src_gen.gene_src_common_name               human 
_entity_src_gen.gene_src_genus                     ? 
_entity_src_gen.pdbx_gene_src_gene                 'MAP1LC3B, MAP1ALC3' 
_entity_src_gen.gene_src_species                   ? 
_entity_src_gen.gene_src_strain                    ? 
_entity_src_gen.gene_src_tissue                    ? 
_entity_src_gen.gene_src_tissue_fraction           ? 
_entity_src_gen.gene_src_details                   ? 
_entity_src_gen.pdbx_gene_src_fragment             ? 
_entity_src_gen.pdbx_gene_src_scientific_name      'Homo sapiens' 
_entity_src_gen.pdbx_gene_src_ncbi_taxonomy_id     9606 
_entity_src_gen.pdbx_gene_src_variant              ? 
_entity_src_gen.pdbx_gene_src_cell_line            ? 
_entity_src_gen.pdbx_gene_src_atcc                 ? 
_entity_src_gen.pdbx_gene_src_organ                ? 
_entity_src_gen.pdbx_gene_src_organelle            ? 
_entity_src_gen.pdbx_gene_src_cell                 ? 
_entity_src_gen.pdbx_gene_src_cellular_location    ? 
_entity_src_gen.host_org_common_name               ? 
_entity_src_gen.pdbx_host_org_scientific_name      'Escherichia coli' 
_entity_src_gen.pdbx_host_org_ncbi_taxonomy_id     562 
_entity_src_gen.host_org_genus                     ? 
_entity_src_gen.pdbx_host_org_gene                 ? 
_entity_src_gen.pdbx_host_org_organ                ? 
_entity_src_gen.host_org_species                   ? 
_entity_src_gen.pdbx_host_org_tissue               ? 
_entity_src_gen.pdbx_host_org_tissue_fraction      ? 
_entity_src_gen.pdbx_host_org_strain               ? 
_entity_src_gen.pdbx_host_org_variant              ? 
_entity_src_gen.pdbx_host_org_cell_line            ? 
_entity_src_gen.pdbx_host_org_atcc                 ? 
_entity_src_gen.pdbx_host_org_culture_collection   ? 
_entity_src_gen.pdbx_host_org_cell                 ? 
_entity_src_gen.pdbx_host_org_organelle            ? 
_entity_src_gen.pdbx_host_org_cellular_location    ? 
_entity_src_gen.pdbx_host_org_vector_type          ? 
_entity_src_gen.pdbx_host_org_vector               ? 
_entity_src_gen.host_org_details                   ? 
_entity_src_gen.expression_system_id               ? 
_entity_src_gen.plasmid_name                       ? 
_entity_src_gen.plasmid_details                    ? 
_entity_src_gen.pdbx_description                   ? 
# 
loop_
_chem_comp.id 
_chem_comp.type 
_chem_comp.mon_nstd_flag 
_chem_comp.name 
_chem_comp.pdbx_synonyms 
_chem_comp.formula 
_chem_comp.formula_weight 
ALA 'L-peptide linking' y ALANINE                                 ?                 'C3 H7 N O2'     89.093  
ARG 'L-peptide linking' y ARGININE                                ?                 'C6 H15 N4 O2 1' 175.209 
ASN 'L-peptide linking' y ASPARAGINE                              ?                 'C4 H8 N2 O3'    132.118 
ASP 'L-peptide linking' y 'ASPARTIC ACID'                         ?                 'C4 H7 N O4'     133.103 
CL  non-polymer         . 'CHLORIDE ION'                          ?                 'Cl -1'          35.453  
EDO non-polymer         . 1,2-ETHANEDIOL                          'ETHYLENE GLYCOL' 'C2 H6 O2'       62.068  
GLN 'L-peptide linking' y GLUTAMINE                               ?                 'C5 H10 N2 O3'   146.144 
GLU 'L-peptide linking' y 'GLUTAMIC ACID'                         ?                 'C5 H9 N O4'     147.129 
GLY 'peptide linking'   y GLYCINE                                 ?                 'C2 H5 N O2'     75.067  
HIS 'L-peptide linking' y HISTIDINE                               ?                 'C6 H10 N3 O2 1' 156.162 
HOH non-polymer         . WATER                                   ?                 'H2 O'           18.015  
ILE 'L-peptide linking' y ISOLEUCINE                              ?                 'C6 H13 N O2'    131.173 
K0J non-polymer         . N-ethyl-1H-1,2,3-triazole-4-carboxamide ?                 'C5 H8 N4 O'     140.143 
LEU 'L-peptide linking' y LEUCINE                                 ?                 'C6 H13 N O2'    131.173 
LYS 'L-peptide linking' y LYSINE                                  ?                 'C6 H15 N2 O2 1' 147.195 
MET 'L-peptide linking' y METHIONINE                              ?                 'C5 H11 N O2 S'  149.211 
PHE 'L-peptide linking' y PHENYLALANINE                           ?                 'C9 H11 N O2'    165.189 
PRO 'L-peptide linking' y PROLINE                                 ?                 'C5 H9 N O2'     115.130 
SER 'L-peptide linking' y SERINE                                  ?                 'C3 H7 N O3'     105.093 
THR 'L-peptide linking' y THREONINE                               ?                 'C4 H9 N O3'     119.119 
TYR 'L-peptide linking' y TYROSINE                                ?                 'C9 H11 N O3'    181.189 
VAL 'L-peptide linking' y VALINE                                  ?                 'C5 H11 N O2'    117.146 
# 
loop_
_pdbx_poly_seq_scheme.asym_id 
_pdbx_poly_seq_scheme.entity_id 
_pdbx_poly_seq_scheme.seq_id 
_pdbx_poly_seq_scheme.mon_id 
_pdbx_poly_seq_scheme.ndb_seq_num 
_pdbx_poly_seq_scheme.pdb_seq_num 
_pdbx_poly_seq_scheme.auth_seq_num 
_pdbx_poly_seq_scheme.pdb_mon_id 
_pdbx_poly_seq_scheme.auth_mon_id 
_pdbx_poly_seq_scheme.pdb_strand_id 
_pdbx_poly_seq_scheme.pdb_ins_code 
_pdbx_poly_seq_scheme.hetero 
A 1 1   SER 1   0   ?   ?   ?   A . n 
A 1 2   MET 2   1   ?   ?   ?   A . n 
A 1 3   PRO 3   2   ?   ?   ?   A . n 
A 1 4   SER 4   3   ?   ?   ?   A . n 
A 1 5   GLU 5   4   ?   ?   ?   A . n 
A 1 6   LYS 6   5   5   LYS LYS A . n 
A 1 7   THR 7   6   6   THR THR A . n 
A 1 8   PHE 8   7   7   PHE PHE A . n 
A 1 9   LYS 9   8   8   LYS LYS A . n 
A 1 10  GLN 10  9   9   GLN GLN A . n 
A 1 11  ARG 11  10  10  ARG ARG A . n 
A 1 12  ARG 12  11  11  ARG ARG A . n 
A 1 13  THR 13  12  12  THR THR A . n 
A 1 14  PHE 14  13  13  PHE PHE A . n 
A 1 15  GLU 15  14  14  GLU GLU A . n 
A 1 16  GLN 16  15  15  GLN GLN A . n 
A 1 17  ARG 17  16  16  ARG ARG A . n 
A 1 18  VAL 18  17  17  VAL VAL A . n 
A 1 19  GLU 19  18  18  GLU GLU A . n 
A 1 20  ASP 20  19  19  ASP ASP A . n 
A 1 21  VAL 21  20  20  VAL VAL A . n 
A 1 22  ARG 22  21  21  ARG ARG A . n 
A 1 23  LEU 23  22  22  LEU LEU A . n 
A 1 24  ILE 24  23  23  ILE ILE A . n 
A 1 25  ARG 25  24  24  ARG ARG A . n 
A 1 26  GLU 26  25  25  GLU GLU A . n 
A 1 27  GLN 27  26  26  GLN GLN A . n 
A 1 28  HIS 28  27  27  HIS HIS A . n 
A 1 29  PRO 29  28  28  PRO PRO A . n 
A 1 30  THR 30  29  29  THR THR A . n 
A 1 31  LYS 31  30  30  LYS LYS A . n 
A 1 32  ILE 32  31  31  ILE ILE A . n 
A 1 33  PRO 33  32  32  PRO PRO A . n 
A 1 34  VAL 34  33  33  VAL VAL A . n 
A 1 35  ILE 35  34  34  ILE ILE A . n 
A 1 36  ILE 36  35  35  ILE ILE A . n 
A 1 37  GLU 37  36  36  GLU GLU A . n 
A 1 38  ARG 38  37  37  ARG ARG A . n 
A 1 39  TYR 39  38  38  TYR TYR A . n 
A 1 40  LYS 40  39  39  LYS LYS A . n 
A 1 41  GLY 41  40  40  GLY GLY A . n 
A 1 42  GLU 42  41  41  GLU GLU A . n 
A 1 43  LYS 43  42  42  LYS LYS A . n 
A 1 44  GLN 44  43  43  GLN GLN A . n 
A 1 45  LEU 45  44  44  LEU LEU A . n 
A 1 46  PRO 46  45  45  PRO PRO A . n 
A 1 47  VAL 47  46  46  VAL VAL A . n 
A 1 48  LEU 48  47  47  LEU LEU A . n 
A 1 49  ASP 49  48  48  ASP ASP A . n 
A 1 50  LYS 50  49  49  LYS LYS A . n 
A 1 51  THR 51  50  50  THR THR A . n 
A 1 52  LYS 52  51  51  LYS LYS A . n 
A 1 53  PHE 53  52  52  PHE PHE A . n 
A 1 54  LEU 54  53  53  LEU LEU A . n 
A 1 55  VAL 55  54  54  VAL VAL A . n 
A 1 56  PRO 56  55  55  PRO PRO A . n 
A 1 57  ASP 57  56  56  ASP ASP A . n 
A 1 58  HIS 58  57  57  HIS HIS A . n 
A 1 59  VAL 59  58  58  VAL VAL A . n 
A 1 60  ASN 60  59  59  ASN ASN A . n 
A 1 61  MET 61  60  60  MET MET A . n 
A 1 62  SER 62  61  61  SER SER A . n 
A 1 63  GLU 63  62  62  GLU GLU A . n 
A 1 64  LEU 64  63  63  LEU LEU A . n 
A 1 65  ILE 65  64  64  ILE ILE A . n 
A 1 66  LYS 66  65  65  LYS LYS A . n 
A 1 67  ILE 67  66  66  ILE ILE A . n 
A 1 68  ILE 68  67  67  ILE ILE A . n 
A 1 69  ARG 69  68  68  ARG ARG A . n 
A 1 70  ARG 70  69  69  ARG ARG A . n 
A 1 71  ARG 71  70  70  ARG ARG A . n 
A 1 72  LEU 72  71  71  LEU LEU A . n 
A 1 73  GLN 73  72  72  GLN GLN A . n 
A 1 74  LEU 74  73  73  LEU LEU A . n 
A 1 75  ASN 75  74  74  ASN ASN A . n 
A 1 76  ALA 76  75  75  ALA ALA A . n 
A 1 77  ASN 77  76  76  ASN ASN A . n 
A 1 78  GLN 78  77  77  GLN GLN A . n 
A 1 79  ALA 79  78  78  ALA ALA A . n 
A 1 80  PHE 80  79  79  PHE PHE A . n 
A 1 81  PHE 81  80  80  PHE PHE A . n 
A 1 82  LEU 82  81  81  LEU LEU A . n 
A 1 83  LEU 83  82  82  LEU LEU A . n 
A 1 84  VAL 84  83  83  VAL VAL A . n 
A 1 85  ASN 85  84  84  ASN ASN A . n 
A 1 86  GLY 86  85  85  GLY GLY A . n 
A 1 87  HIS 87  86  86  HIS HIS A . n 
A 1 88  SER 88  87  87  SER SER A . n 
A 1 89  MET 89  88  88  MET MET A . n 
A 1 90  VAL 90  89  89  VAL VAL A . n 
A 1 91  SER 91  90  90  SER SER A . n 
A 1 92  VAL 92  91  91  VAL VAL A . n 
A 1 93  SER 93  92  92  SER SER A . n 
A 1 94  THR 94  93  93  THR THR A . n 
A 1 95  PRO 95  94  94  PRO PRO A . n 
A 1 96  ILE 96  95  95  ILE ILE A . n 
A 1 97  SER 97  96  96  SER SER A . n 
A 1 98  GLU 98  97  97  GLU GLU A . n 
A 1 99  VAL 99  98  98  VAL VAL A . n 
A 1 100 TYR 100 99  99  TYR TYR A . n 
A 1 101 GLU 101 100 100 GLU GLU A . n 
A 1 102 SER 102 101 101 SER SER A . n 
A 1 103 GLU 103 102 102 GLU GLU A . n 
A 1 104 LYS 104 103 103 LYS LYS A . n 
A 1 105 ASP 105 104 104 ASP ASP A . n 
A 1 106 GLU 106 105 105 GLU GLU A . n 
A 1 107 ASP 107 106 106 ASP ASP A . n 
A 1 108 GLY 108 107 107 GLY GLY A . n 
A 1 109 PHE 109 108 108 PHE PHE A . n 
A 1 110 LEU 110 109 109 LEU LEU A . n 
A 1 111 TYR 111 110 110 TYR TYR A . n 
A 1 112 MET 112 111 111 MET MET A . n 
A 1 113 VAL 113 112 112 VAL VAL A . n 
A 1 114 TYR 114 113 113 TYR TYR A . n 
A 1 115 ALA 115 114 114 ALA ALA A . n 
A 1 116 SER 116 115 115 SER SER A . n 
A 1 117 GLN 117 116 116 GLN GLN A . n 
A 1 118 GLU 118 117 117 GLU GLU A . n 
A 1 119 THR 119 118 118 THR THR A . n 
A 1 120 PHE 120 119 119 PHE PHE A . n 
A 1 121 GLY 121 120 ?   ?   ?   A . n 
# 
_pdbx_entity_instance_feature.ordinal        1 
_pdbx_entity_instance_feature.comp_id        K0J 
_pdbx_entity_instance_feature.asym_id        ? 
_pdbx_entity_instance_feature.seq_num        ? 
_pdbx_entity_instance_feature.auth_comp_id   K0J 
_pdbx_entity_instance_feature.auth_asym_id   ? 
_pdbx_entity_instance_feature.auth_seq_num   ? 
_pdbx_entity_instance_feature.feature_type   'SUBJECT OF INVESTIGATION' 
_pdbx_entity_instance_feature.details        ? 
# 
loop_
_pdbx_nonpoly_scheme.asym_id 
_pdbx_nonpoly_scheme.entity_id 
_pdbx_nonpoly_scheme.mon_id 
_pdbx_nonpoly_scheme.ndb_seq_num 
_pdbx_nonpoly_scheme.pdb_seq_num 
_pdbx_nonpoly_scheme.auth_seq_num 
_pdbx_nonpoly_scheme.pdb_mon_id 
_pdbx_nonpoly_scheme.auth_mon_id 
_pdbx_nonpoly_scheme.pdb_strand_id 
_pdbx_nonpoly_scheme.pdb_ins_code 
B 2 K0J 1  201 201 K0J LIG A . 
C 3 EDO 1  202 105 EDO EDO A . 
D 3 EDO 1  203 106 EDO EDO A . 
E 3 EDO 1  204 107 EDO EDO A . 
F 3 EDO 1  205 108 EDO EDO A . 
G 3 EDO 1  206 109 EDO EDO A . 
H 3 EDO 1  207 110 EDO EDO A . 
I 3 EDO 1  208 111 EDO EDO A . 
J 3 EDO 1  209 112 EDO EDO A . 
K 3 EDO 1  210 113 EDO EDO A . 
L 4 CL  1  211 114 CL  CL  A . 
M 5 HOH 1  301 56  HOH HOH A . 
M 5 HOH 2  302 22  HOH HOH A . 
M 5 HOH 3  303 40  HOH HOH A . 
M 5 HOH 4  304 43  HOH HOH A . 
M 5 HOH 5  305 86  HOH HOH A . 
M 5 HOH 6  306 51  HOH HOH A . 
M 5 HOH 7  307 62  HOH HOH A . 
M 5 HOH 8  308 10  HOH HOH A . 
M 5 HOH 9  309 20  HOH HOH A . 
M 5 HOH 10 310 55  HOH HOH A . 
M 5 HOH 11 311 73  HOH HOH A . 
M 5 HOH 12 312 82  HOH HOH A . 
M 5 HOH 13 313 91  HOH HOH A . 
M 5 HOH 14 314 38  HOH HOH A . 
M 5 HOH 15 315 42  HOH HOH A . 
M 5 HOH 16 316 27  HOH HOH A . 
M 5 HOH 17 317 84  HOH HOH A . 
M 5 HOH 18 318 74  HOH HOH A . 
M 5 HOH 19 319 9   HOH HOH A . 
M 5 HOH 20 320 41  HOH HOH A . 
M 5 HOH 21 321 63  HOH HOH A . 
M 5 HOH 22 322 49  HOH HOH A . 
M 5 HOH 23 323 21  HOH HOH A . 
M 5 HOH 24 324 34  HOH HOH A . 
M 5 HOH 25 325 19  HOH HOH A . 
M 5 HOH 26 326 33  HOH HOH A . 
M 5 HOH 27 327 66  HOH HOH A . 
M 5 HOH 28 328 59  HOH HOH A . 
M 5 HOH 29 329 8   HOH HOH A . 
M 5 HOH 30 330 4   HOH HOH A . 
M 5 HOH 31 331 16  HOH HOH A . 
M 5 HOH 32 332 25  HOH HOH A . 
M 5 HOH 33 333 72  HOH HOH A . 
M 5 HOH 34 334 17  HOH HOH A . 
M 5 HOH 35 335 35  HOH HOH A . 
M 5 HOH 36 336 89  HOH HOH A . 
M 5 HOH 37 337 77  HOH HOH A . 
M 5 HOH 38 338 3   HOH HOH A . 
M 5 HOH 39 339 75  HOH HOH A . 
M 5 HOH 40 340 12  HOH HOH A . 
M 5 HOH 41 341 7   HOH HOH A . 
M 5 HOH 42 342 44  HOH HOH A . 
M 5 HOH 43 343 15  HOH HOH A . 
M 5 HOH 44 344 64  HOH HOH A . 
M 5 HOH 45 345 1   HOH HOH A . 
M 5 HOH 46 346 23  HOH HOH A . 
M 5 HOH 47 347 52  HOH HOH A . 
M 5 HOH 48 348 5   HOH HOH A . 
M 5 HOH 49 349 13  HOH HOH A . 
M 5 HOH 50 350 32  HOH HOH A . 
M 5 HOH 51 351 2   HOH HOH A . 
M 5 HOH 52 352 6   HOH HOH A . 
M 5 HOH 53 353 45  HOH HOH A . 
M 5 HOH 54 354 61  HOH HOH A . 
M 5 HOH 55 355 18  HOH HOH A . 
M 5 HOH 56 356 36  HOH HOH A . 
M 5 HOH 57 357 83  HOH HOH A . 
M 5 HOH 58 358 11  HOH HOH A . 
M 5 HOH 59 359 81  HOH HOH A . 
M 5 HOH 60 360 69  HOH HOH A . 
M 5 HOH 61 361 31  HOH HOH A . 
M 5 HOH 62 362 71  HOH HOH A . 
M 5 HOH 63 363 92  HOH HOH A . 
M 5 HOH 64 364 14  HOH HOH A . 
M 5 HOH 65 365 57  HOH HOH A . 
M 5 HOH 66 366 67  HOH HOH A . 
M 5 HOH 67 367 47  HOH HOH A . 
M 5 HOH 68 368 60  HOH HOH A . 
M 5 HOH 69 369 48  HOH HOH A . 
M 5 HOH 70 370 79  HOH HOH A . 
M 5 HOH 71 371 93  HOH HOH A . 
M 5 HOH 72 372 76  HOH HOH A . 
M 5 HOH 73 373 80  HOH HOH A . 
M 5 HOH 74 374 37  HOH HOH A . 
M 5 HOH 75 375 24  HOH HOH A . 
M 5 HOH 76 376 30  HOH HOH A . 
M 5 HOH 77 377 46  HOH HOH A . 
M 5 HOH 78 378 53  HOH HOH A . 
M 5 HOH 79 379 90  HOH HOH A . 
M 5 HOH 80 380 78  HOH HOH A . 
M 5 HOH 81 381 68  HOH HOH A . 
M 5 HOH 82 382 39  HOH HOH A . 
M 5 HOH 83 383 28  HOH HOH A . 
M 5 HOH 84 384 26  HOH HOH A . 
M 5 HOH 85 385 88  HOH HOH A . 
M 5 HOH 86 386 29  HOH HOH A . 
M 5 HOH 87 387 65  HOH HOH A . 
M 5 HOH 88 388 70  HOH HOH A . 
M 5 HOH 89 389 85  HOH HOH A . 
M 5 HOH 90 390 50  HOH HOH A . 
M 5 HOH 91 391 58  HOH HOH A . 
M 5 HOH 92 392 54  HOH HOH A . 
M 5 HOH 93 393 87  HOH HOH A . 
M 5 HOH 94 394 94  HOH HOH A . 
# 
loop_
_pdbx_unobs_or_zero_occ_atoms.id 
_pdbx_unobs_or_zero_occ_atoms.PDB_model_num 
_pdbx_unobs_or_zero_occ_atoms.polymer_flag 
_pdbx_unobs_or_zero_occ_atoms.occupancy_flag 
_pdbx_unobs_or_zero_occ_atoms.auth_asym_id 
_pdbx_unobs_or_zero_occ_atoms.auth_comp_id 
_pdbx_unobs_or_zero_occ_atoms.auth_seq_id 
_pdbx_unobs_or_zero_occ_atoms.PDB_ins_code 
_pdbx_unobs_or_zero_occ_atoms.auth_atom_id 
_pdbx_unobs_or_zero_occ_atoms.label_alt_id 
_pdbx_unobs_or_zero_occ_atoms.label_asym_id 
_pdbx_unobs_or_zero_occ_atoms.label_comp_id 
_pdbx_unobs_or_zero_occ_atoms.label_seq_id 
_pdbx_unobs_or_zero_occ_atoms.label_atom_id 
1 1 Y 1 A GLN 116 ? CG  ? A GLN 117 CG  
2 1 Y 1 A GLN 116 ? CD  ? A GLN 117 CD  
3 1 Y 1 A GLN 116 ? OE1 ? A GLN 117 OE1 
4 1 Y 1 A GLN 116 ? NE2 ? A GLN 117 NE2 
5 1 Y 1 A THR 118 ? OG1 ? A THR 119 OG1 
6 1 Y 1 A THR 118 ? CG2 ? A THR 119 CG2 
# 
loop_
_software.pdbx_ordinal 
_software.name 
_software.version 
_software.date 
_software.type 
_software.contact_author 
_software.contact_author_email 
_software.classification 
_software.location 
_software.language 
_software.citation_id 
1 REFMAC      5.8.0267 ?               program 'Garib N. Murshudov' garib@ysbl.york.ac.uk    refinement        
http://www.ccp4.ac.uk/dist/html/refmac5.html        Fortran_77 ? 
2 Aimless     0.7.9    10/06/22        program 'Phil Evans'         ?                        'data scaling'    
http://www.mrc-lmb.cam.ac.uk/harry/pre/aimless.html ?          ? 
3 PDB_EXTRACT 3.23     'SEP. 23, 2016' package PDB                  deposit@deposit.rcsb.org 'data extraction' 
http://sw-tools.pdb.org/apps/PDB_EXTRACT/           C++        ? 
4 XDS         .        ?               program ?                    ?                        'data reduction'  ? ?          ? 
5 REFMAC      .        ?               program ?                    ?                        phasing           ? ?          ? 
# 
_cell.entry_id           7GAQ 
_cell.length_a           61.180 
_cell.length_b           61.180 
_cell.length_c           35.470 
_cell.angle_alpha        90.000 
_cell.angle_beta         90.000 
_cell.angle_gamma        90.000 
_cell.Z_PDB              4 
_cell.pdbx_unique_axis   ? 
# 
_symmetry.entry_id                         7GAQ 
_symmetry.Int_Tables_number                78 
_symmetry.space_group_name_H-M             'P 43' 
_symmetry.pdbx_full_space_group_name_H-M   ? 
_symmetry.cell_setting                     ? 
# 
_exptl.crystals_number   1 
_exptl.entry_id          7GAQ 
_exptl.method            'X-RAY DIFFRACTION' 
# 
_exptl_crystal.id                    1 
_exptl_crystal.pdbx_mosaicity        0.000 
_exptl_crystal.pdbx_mosaicity_esd    ? 
_exptl_crystal.density_Matthews      2.24 
_exptl_crystal.density_diffrn        ? 
_exptl_crystal.density_meas          ? 
_exptl_crystal.density_meas_temp     ? 
_exptl_crystal.density_percent_sol   45.16 
_exptl_crystal.size_max              ? 
_exptl_crystal.size_mid              ? 
_exptl_crystal.size_min              ? 
_exptl_crystal.size_rad              ? 
_exptl_crystal.description           ? 
# 
_exptl_crystal_grow.crystal_id      1 
_exptl_crystal_grow.method          'VAPOR DIFFUSION, SITTING DROP' 
_exptl_crystal_grow.pH              4.7 
_exptl_crystal_grow.temp            293 
_exptl_crystal_grow.pdbx_details    '36% PEG 8000, 0.1M acetate pH 4.7' 
_exptl_crystal_grow.temp_details    ? 
_exptl_crystal_grow.pdbx_pH_range   ? 
# 
_diffrn.id                     1 
_diffrn.ambient_temp           100 
_diffrn.crystal_id             1 
_diffrn.ambient_temp_details   ? 
# 
_diffrn_detector.detector               PIXEL 
_diffrn_detector.type                   'DECTRIS PILATUS 6M' 
_diffrn_detector.pdbx_collection_date   2023-02-10 
_diffrn_detector.diffrn_id              1 
_diffrn_detector.details                ? 
# 
_diffrn_radiation.diffrn_id                        1 
_diffrn_radiation.wavelength_id                    1 
_diffrn_radiation.pdbx_diffrn_protocol             'SINGLE WAVELENGTH' 
_diffrn_radiation.pdbx_monochromatic_or_laue_m_l   ? 
_diffrn_radiation.monochromator                    ? 
_diffrn_radiation.pdbx_scattering_type             x-ray 
# 
_diffrn_radiation_wavelength.id           1 
_diffrn_radiation_wavelength.wavelength   0.92124 
_diffrn_radiation_wavelength.wt           1.0 
# 
_diffrn_source.diffrn_id                   1 
_diffrn_source.source                      SYNCHROTRON 
_diffrn_source.type                        'DIAMOND BEAMLINE I04-1' 
_diffrn_source.pdbx_wavelength_list        0.92124 
_diffrn_source.pdbx_synchrotron_site       Diamond 
_diffrn_source.pdbx_synchrotron_beamline   I04-1 
_diffrn_source.pdbx_wavelength             ? 
# 
_reflns.entry_id                     7GAQ 
_reflns.pdbx_diffrn_id               1 
_reflns.pdbx_ordinal                 1 
_reflns.observed_criterion_sigma_I   ? 
_reflns.observed_criterion_sigma_F   ? 
_reflns.d_resolution_low             30.690 
_reflns.d_resolution_high            2.140 
_reflns.number_obs                   7415 
_reflns.number_all                   ? 
_reflns.percent_possible_obs         100.000 
_reflns.pdbx_Rmerge_I_obs            0.377 
_reflns.pdbx_Rsym_value              ? 
_reflns.pdbx_netI_over_sigmaI        6.500 
_reflns.B_iso_Wilson_estimate        ? 
_reflns.pdbx_redundancy              13.300 
_reflns.pdbx_Rrim_I_all              0.392 
_reflns.pdbx_Rpim_I_all              0.107 
_reflns.pdbx_CC_half                 0.995 
_reflns.pdbx_netI_over_av_sigmaI     ? 
_reflns.pdbx_number_measured_all     98511 
_reflns.pdbx_scaling_rejects         169 
_reflns.pdbx_chi_squared             ? 
_reflns.Rmerge_F_all                 ? 
_reflns.Rmerge_F_obs                 ? 
_reflns.observed_criterion_F_max     ? 
_reflns.observed_criterion_F_min     ? 
_reflns.observed_criterion_I_max     ? 
_reflns.observed_criterion_I_min     ? 
_reflns.pdbx_d_res_high_opt          ? 
_reflns.pdbx_d_res_low_opt           ? 
_reflns.details                      ? 
_reflns.pdbx_CC_star                 ? 
# 
loop_
_reflns_shell.pdbx_diffrn_id 
_reflns_shell.pdbx_ordinal 
_reflns_shell.d_res_high 
_reflns_shell.d_res_low 
_reflns_shell.number_measured_obs 
_reflns_shell.number_measured_all 
_reflns_shell.number_unique_obs 
_reflns_shell.pdbx_rejects 
_reflns_shell.Rmerge_I_obs 
_reflns_shell.meanI_over_sigI_obs 
_reflns_shell.pdbx_Rsym_value 
_reflns_shell.pdbx_chi_squared 
_reflns_shell.pdbx_redundancy 
_reflns_shell.percent_possible_obs 
_reflns_shell.pdbx_netI_over_sigmaI_obs 
_reflns_shell.number_possible 
_reflns_shell.number_unique_all 
_reflns_shell.Rmerge_F_all 
_reflns_shell.Rmerge_F_obs 
_reflns_shell.Rmerge_I_all 
_reflns_shell.meanI_over_sigI_all 
_reflns_shell.percent_possible_all 
_reflns_shell.pdbx_Rrim_I_all 
_reflns_shell.pdbx_Rpim_I_all 
_reflns_shell.pdbx_CC_half 
_reflns_shell.pdbx_CC_star 
1 1 2.140 2.200  ? 7335 532 ? 4.262 ? ? ? 13.800 ? 0.700  ? ? ? ? ? ? 100.000 4.426 1.187 0.217 ? 
1 2 9.570 30.690 ? 956  95  ? 0.098 ? ? ? 10.100 ? 19.600 ? ? ? ? ? ? 98.400  0.103 0.031 0.997 ? 
# 
_refine.entry_id                                 7GAQ 
_refine.pdbx_refine_id                           'X-RAY DIFFRACTION' 
_refine.ls_d_res_high                            2.1400 
_refine.ls_d_res_low                             30.7000 
_refine.pdbx_ls_sigma_F                          0.000 
_refine.pdbx_data_cutoff_high_absF               ? 
_refine.pdbx_data_cutoff_low_absF                ? 
_refine.ls_percent_reflns_obs                    99.9300 
_refine.ls_number_reflns_obs                     7114 
_refine.ls_number_reflns_all                     ? 
_refine.pdbx_ls_cross_valid_method               THROUGHOUT 
_refine.ls_matrix_type                           ? 
_refine.pdbx_R_Free_selection_details            RANDOM 
_refine.details                                  
'HYDROGENS HAVE BEEN ADDED IN THE RIDING POSITIONS U VALUES      : REFINED INDIVIDUALLY' 
_refine.ls_R_factor_all                          ? 
_refine.ls_R_factor_obs                          0.1906 
_refine.ls_R_factor_R_work                       0.1884 
_refine.ls_wR_factor_R_work                      ? 
_refine.ls_R_factor_R_free                       0.2444 
_refine.ls_wR_factor_R_free                      ? 
_refine.ls_percent_reflns_R_free                 3.9000 
_refine.ls_number_reflns_R_free                  289 
_refine.ls_number_reflns_R_work                  ? 
_refine.ls_R_factor_R_free_error                 ? 
_refine.B_iso_mean                               43.9900 
_refine.solvent_model_param_bsol                 ? 
_refine.solvent_model_param_ksol                 ? 
_refine.pdbx_isotropic_thermal_model             ? 
_refine.aniso_B[1][1]                            -0.6300 
_refine.aniso_B[2][2]                            -0.6300 
_refine.aniso_B[3][3]                            1.2500 
_refine.aniso_B[1][2]                            0.0000 
_refine.aniso_B[1][3]                            0.0000 
_refine.aniso_B[2][3]                            0.0000 
_refine.correlation_coeff_Fo_to_Fc               0.9630 
_refine.correlation_coeff_Fo_to_Fc_free          0.9290 
_refine.overall_SU_R_Cruickshank_DPI             ? 
_refine.pdbx_overall_SU_R_free_Cruickshank_DPI   ? 
_refine.pdbx_overall_SU_R_Blow_DPI               ? 
_refine.pdbx_overall_SU_R_free_Blow_DPI          ? 
_refine.overall_SU_R_free                        ? 
_refine.pdbx_overall_ESU_R                       0.3240 
_refine.pdbx_overall_ESU_R_Free                  0.2240 
_refine.overall_SU_ML                            0.2480 
_refine.overall_SU_B                             10.6830 
_refine.solvent_model_details                    MASK 
_refine.pdbx_solvent_vdw_probe_radii             1.2000 
_refine.pdbx_solvent_ion_probe_radii             0.8000 
_refine.pdbx_solvent_shrinkage_radii             0.8000 
_refine.ls_number_parameters                     ? 
_refine.ls_number_restraints                     ? 
_refine.pdbx_starting_model                      8Q53 
_refine.pdbx_method_to_determine_struct          'FOURIER SYNTHESIS' 
_refine.pdbx_stereochemistry_target_values       'MAXIMUM LIKELIHOOD' 
_refine.pdbx_stereochem_target_val_spec_case     ? 
_refine.overall_FOM_work_R_set                   ? 
_refine.B_iso_max                                186.670 
_refine.B_iso_min                                25.890 
_refine.pdbx_overall_phase_error                 ? 
_refine.occupancy_max                            ? 
_refine.occupancy_min                            ? 
_refine.pdbx_diffrn_id                           1 
_refine.pdbx_TLS_residual_ADP_flag               ? 
_refine.pdbx_ls_sigma_I                          ? 
_refine.pdbx_data_cutoff_high_rms_absF           ? 
_refine.ls_R_factor_R_free_error_details         ? 
# 
_refine_hist.cycle_id                         final 
_refine_hist.pdbx_refine_id                   'X-RAY DIFFRACTION' 
_refine_hist.d_res_high                       2.1400 
_refine_hist.d_res_low                        30.7000 
_refine_hist.pdbx_number_atoms_ligand         47 
_refine_hist.number_atoms_solvent             94 
_refine_hist.number_atoms_total               1095 
_refine_hist.pdbx_number_residues_total       113 
_refine_hist.pdbx_B_iso_mean_ligand           76.23 
_refine_hist.pdbx_B_iso_mean_solvent          54.67 
_refine_hist.pdbx_number_atoms_protein        954 
_refine_hist.pdbx_number_atoms_nucleic_acid   0 
# 
loop_
_refine_ls_restr.pdbx_refine_id 
_refine_ls_restr.type 
_refine_ls_restr.number 
_refine_ls_restr.dev_ideal 
_refine_ls_restr.dev_ideal_target 
_refine_ls_restr.weight 
_refine_ls_restr.pdbx_restraint_function 
'X-RAY DIFFRACTION' r_bond_refined_d       1330 0.008  0.014  ? ? 
'X-RAY DIFFRACTION' r_bond_other_d         1202 0.001  0.014  ? ? 
'X-RAY DIFFRACTION' r_angle_refined_deg    1638 1.509  1.670  ? ? 
'X-RAY DIFFRACTION' r_angle_other_deg      2751 1.191  1.584  ? ? 
'X-RAY DIFFRACTION' r_dihedral_angle_1_deg 156  6.408  5.000  ? ? 
'X-RAY DIFFRACTION' r_dihedral_angle_2_deg 72   27.789 19.167 ? ? 
'X-RAY DIFFRACTION' r_dihedral_angle_3_deg 224  15.957 15.000 ? ? 
'X-RAY DIFFRACTION' r_dihedral_angle_4_deg 15   22.192 15.000 ? ? 
'X-RAY DIFFRACTION' r_chiral_restr         152  0.066  0.200  ? ? 
'X-RAY DIFFRACTION' r_gen_planes_refined   1421 0.006  0.020  ? ? 
'X-RAY DIFFRACTION' r_gen_planes_other     309  0.001  0.020  ? ? 
'X-RAY DIFFRACTION' r_mcbond_it            620  2.905  4.188  ? ? 
'X-RAY DIFFRACTION' r_mcbond_other         619  2.890  4.175  ? ? 
'X-RAY DIFFRACTION' r_mcangle_it           740  4.507  6.277  ? ? 
# 
_refine_ls_shell.d_res_high                       2.1400 
_refine_ls_shell.d_res_low                        2.1960 
_refine_ls_shell.pdbx_total_number_of_bins_used   20 
_refine_ls_shell.percent_reflns_obs               100.0000 
_refine_ls_shell.number_reflns_R_work             505 
_refine_ls_shell.R_factor_all                     ? 
_refine_ls_shell.R_factor_R_work                  0.3660 
_refine_ls_shell.R_factor_R_free                  0.3500 
_refine_ls_shell.percent_reflns_R_free            ? 
_refine_ls_shell.number_reflns_R_free             27 
_refine_ls_shell.R_factor_R_free_error            ? 
_refine_ls_shell.number_reflns_all                532 
_refine_ls_shell.number_reflns_obs                ? 
_refine_ls_shell.pdbx_refine_id                   'X-RAY DIFFRACTION' 
_refine_ls_shell.R_factor_obs                     ? 
# 
_struct.entry_id                  7GAQ 
_struct.title                     'PanDDA analysis group deposition -- Crystal Structure of MAP1LC3B in complex with Z755044716' 
_struct.pdbx_model_details        ? 
_struct.pdbx_CASP_flag            ? 
_struct.pdbx_model_type_details   ? 
# 
_struct_keywords.entry_id        7GAQ 
_struct_keywords.text            'SGC - Diamond I04-1 fragment screening, PanDDA, XChemExplorer, STRUCTURAL PROTEIN' 
_struct_keywords.pdbx_keywords   'STRUCTURAL PROTEIN' 
# 
loop_
_struct_asym.id 
_struct_asym.pdbx_blank_PDB_chainid_flag 
_struct_asym.pdbx_modified 
_struct_asym.entity_id 
_struct_asym.details 
A N N 1 ? 
B N N 2 ? 
C N N 3 ? 
D N N 3 ? 
E N N 3 ? 
F N N 3 ? 
G N N 3 ? 
H N N 3 ? 
I N N 3 ? 
J N N 3 ? 
K N N 3 ? 
L N N 4 ? 
M N N 5 ? 
# 
_struct_ref.id                         1 
_struct_ref.db_name                    UNP 
_struct_ref.db_code                    MLP3B_HUMAN 
_struct_ref.pdbx_db_accession          Q9GZQ8 
_struct_ref.pdbx_db_isoform            ? 
_struct_ref.entity_id                  1 
_struct_ref.pdbx_seq_one_letter_code   
;MPSEKTFKQRRTFEQRVEDVRLIREQHPTKIPVIIERYKGEKQLPVLDKTKFLVPDHVNMSELIKIIRRRLQLNANQAFF
LLVNGHSMVSVSTPISEVYESEKDEDGFLYMVYASQETFG
;
_struct_ref.pdbx_align_begin           1 
# 
_struct_ref_seq.align_id                      1 
_struct_ref_seq.ref_id                        1 
_struct_ref_seq.pdbx_PDB_id_code              7GAQ 
_struct_ref_seq.pdbx_strand_id                A 
_struct_ref_seq.seq_align_beg                 2 
_struct_ref_seq.pdbx_seq_align_beg_ins_code   ? 
_struct_ref_seq.seq_align_end                 121 
_struct_ref_seq.pdbx_seq_align_end_ins_code   ? 
_struct_ref_seq.pdbx_db_accession             Q9GZQ8 
_struct_ref_seq.db_align_beg                  1 
_struct_ref_seq.pdbx_db_align_beg_ins_code    ? 
_struct_ref_seq.db_align_end                  120 
_struct_ref_seq.pdbx_db_align_end_ins_code    ? 
_struct_ref_seq.pdbx_auth_seq_align_beg       1 
_struct_ref_seq.pdbx_auth_seq_align_end       120 
# 
_struct_ref_seq_dif.align_id                     1 
_struct_ref_seq_dif.pdbx_pdb_id_code             7GAQ 
_struct_ref_seq_dif.mon_id                       SER 
_struct_ref_seq_dif.pdbx_pdb_strand_id           A 
_struct_ref_seq_dif.seq_num                      1 
_struct_ref_seq_dif.pdbx_pdb_ins_code            ? 
_struct_ref_seq_dif.pdbx_seq_db_name             UNP 
_struct_ref_seq_dif.pdbx_seq_db_accession_code   Q9GZQ8 
_struct_ref_seq_dif.db_mon_id                    ? 
_struct_ref_seq_dif.pdbx_seq_db_seq_num          ? 
_struct_ref_seq_dif.details                      'expression tag' 
_struct_ref_seq_dif.pdbx_auth_seq_num            0 
_struct_ref_seq_dif.pdbx_ordinal                 1 
# 
_pdbx_struct_assembly.id                   1 
_pdbx_struct_assembly.details              author_and_software_defined_assembly 
_pdbx_struct_assembly.method_details       PISA 
_pdbx_struct_assembly.oligomeric_details   monomeric 
_pdbx_struct_assembly.oligomeric_count     1 
# 
_pdbx_struct_assembly_gen.assembly_id       1 
_pdbx_struct_assembly_gen.oper_expression   1 
_pdbx_struct_assembly_gen.asym_id_list      A,B,C,D,E,F,G,H,I,J,K,L,M 
# 
_pdbx_struct_oper_list.id                   1 
_pdbx_struct_oper_list.type                 'identity operation' 
_pdbx_struct_oper_list.name                 1_555 
_pdbx_struct_oper_list.symmetry_operation   x,y,z 
_pdbx_struct_oper_list.matrix[1][1]         1.0000000000 
_pdbx_struct_oper_list.matrix[1][2]         0.0000000000 
_pdbx_struct_oper_list.matrix[1][3]         0.0000000000 
_pdbx_struct_oper_list.vector[1]            0.0000000000 
_pdbx_struct_oper_list.matrix[2][1]         0.0000000000 
_pdbx_struct_oper_list.matrix[2][2]         1.0000000000 
_pdbx_struct_oper_list.matrix[2][3]         0.0000000000 
_pdbx_struct_oper_list.vector[2]            0.0000000000 
_pdbx_struct_oper_list.matrix[3][1]         0.0000000000 
_pdbx_struct_oper_list.matrix[3][2]         0.0000000000 
_pdbx_struct_oper_list.matrix[3][3]         1.0000000000 
_pdbx_struct_oper_list.vector[3]            0.0000000000 
# 
loop_
_struct_conf.conf_type_id 
_struct_conf.id 
_struct_conf.pdbx_PDB_helix_id 
_struct_conf.beg_label_comp_id 
_struct_conf.beg_label_asym_id 
_struct_conf.beg_label_seq_id 
_struct_conf.pdbx_beg_PDB_ins_code 
_struct_conf.end_label_comp_id 
_struct_conf.end_label_asym_id 
_struct_conf.end_label_seq_id 
_struct_conf.pdbx_end_PDB_ins_code 
_struct_conf.beg_auth_comp_id 
_struct_conf.beg_auth_asym_id 
_struct_conf.beg_auth_seq_id 
_struct_conf.end_auth_comp_id 
_struct_conf.end_auth_asym_id 
_struct_conf.end_auth_seq_id 
_struct_conf.pdbx_PDB_helix_class 
_struct_conf.details 
_struct_conf.pdbx_PDB_helix_length 
HELX_P HELX_P1 AA1 THR A 7  ? ARG A 12  ? THR A 6  ARG A 11  1 ? 6  
HELX_P HELX_P2 AA2 THR A 13 ? HIS A 28  ? THR A 12 HIS A 27  1 ? 16 
HELX_P HELX_P3 AA3 ASN A 60 ? LEU A 72  ? ASN A 59 LEU A 71  1 ? 13 
HELX_P HELX_P4 AA4 PRO A 95 ? LYS A 104 ? PRO A 94 LYS A 103 1 ? 10 
# 
_struct_conf_type.id          HELX_P 
_struct_conf_type.criteria    ? 
_struct_conf_type.reference   ? 
# 
_struct_sheet.id               AA1 
_struct_sheet.type             ? 
_struct_sheet.number_strands   5 
_struct_sheet.details          ? 
# 
loop_
_struct_sheet_order.sheet_id 
_struct_sheet_order.range_id_1 
_struct_sheet_order.range_id_2 
_struct_sheet_order.offset 
_struct_sheet_order.sense 
AA1 1 2 ? anti-parallel 
AA1 2 3 ? parallel      
AA1 3 4 ? anti-parallel 
AA1 4 5 ? anti-parallel 
# 
loop_
_struct_sheet_range.sheet_id 
_struct_sheet_range.id 
_struct_sheet_range.beg_label_comp_id 
_struct_sheet_range.beg_label_asym_id 
_struct_sheet_range.beg_label_seq_id 
_struct_sheet_range.pdbx_beg_PDB_ins_code 
_struct_sheet_range.end_label_comp_id 
_struct_sheet_range.end_label_asym_id 
_struct_sheet_range.end_label_seq_id 
_struct_sheet_range.pdbx_end_PDB_ins_code 
_struct_sheet_range.beg_auth_comp_id 
_struct_sheet_range.beg_auth_asym_id 
_struct_sheet_range.beg_auth_seq_id 
_struct_sheet_range.end_auth_comp_id 
_struct_sheet_range.end_auth_asym_id 
_struct_sheet_range.end_auth_seq_id 
AA1 1 LYS A 52  ? PRO A 56  ? LYS A 51  PRO A 55  
AA1 2 LYS A 31  ? ARG A 38  ? LYS A 30  ARG A 37  
AA1 3 LEU A 110 ? ALA A 115 ? LEU A 109 ALA A 114 
AA1 4 PHE A 81  ? VAL A 84  ? PHE A 80  VAL A 83  
AA1 5 HIS A 87  ? SER A 88  ? HIS A 86  SER A 87  
# 
loop_
_pdbx_struct_sheet_hbond.sheet_id 
_pdbx_struct_sheet_hbond.range_id_1 
_pdbx_struct_sheet_hbond.range_id_2 
_pdbx_struct_sheet_hbond.range_1_label_atom_id 
_pdbx_struct_sheet_hbond.range_1_label_comp_id 
_pdbx_struct_sheet_hbond.range_1_label_asym_id 
_pdbx_struct_sheet_hbond.range_1_label_seq_id 
_pdbx_struct_sheet_hbond.range_1_PDB_ins_code 
_pdbx_struct_sheet_hbond.range_1_auth_atom_id 
_pdbx_struct_sheet_hbond.range_1_auth_comp_id 
_pdbx_struct_sheet_hbond.range_1_auth_asym_id 
_pdbx_struct_sheet_hbond.range_1_auth_seq_id 
_pdbx_struct_sheet_hbond.range_2_label_atom_id 
_pdbx_struct_sheet_hbond.range_2_label_comp_id 
_pdbx_struct_sheet_hbond.range_2_label_asym_id 
_pdbx_struct_sheet_hbond.range_2_label_seq_id 
_pdbx_struct_sheet_hbond.range_2_PDB_ins_code 
_pdbx_struct_sheet_hbond.range_2_auth_atom_id 
_pdbx_struct_sheet_hbond.range_2_auth_comp_id 
_pdbx_struct_sheet_hbond.range_2_auth_asym_id 
_pdbx_struct_sheet_hbond.range_2_auth_seq_id 
AA1 1 2 O PHE A 53  ? O PHE A 52  N VAL A 34  ? N VAL A 33  
AA1 2 3 N ILE A 35  ? N ILE A 34  O LEU A 110 ? O LEU A 109 
AA1 3 4 O VAL A 113 ? O VAL A 112 N LEU A 83  ? N LEU A 82  
AA1 4 5 N VAL A 84  ? N VAL A 83  O HIS A 87  ? O HIS A 86  
# 
_pdbx_entry_details.entry_id                   7GAQ 
_pdbx_entry_details.compound_details           ? 
_pdbx_entry_details.source_details             ? 
_pdbx_entry_details.nonpolymer_details         ? 
_pdbx_entry_details.sequence_details           ? 
_pdbx_entry_details.has_ligand_of_interest     Y 
_pdbx_entry_details.has_protein_modification   ? 
# 
loop_
_pdbx_validate_close_contact.id 
_pdbx_validate_close_contact.PDB_model_num 
_pdbx_validate_close_contact.auth_atom_id_1 
_pdbx_validate_close_contact.auth_asym_id_1 
_pdbx_validate_close_contact.auth_comp_id_1 
_pdbx_validate_close_contact.auth_seq_id_1 
_pdbx_validate_close_contact.PDB_ins_code_1 
_pdbx_validate_close_contact.label_alt_id_1 
_pdbx_validate_close_contact.auth_atom_id_2 
_pdbx_validate_close_contact.auth_asym_id_2 
_pdbx_validate_close_contact.auth_comp_id_2 
_pdbx_validate_close_contact.auth_seq_id_2 
_pdbx_validate_close_contact.PDB_ins_code_2 
_pdbx_validate_close_contact.label_alt_id_2 
_pdbx_validate_close_contact.dist 
1 1 O   A HOH 311 ? ? O A HOH 369 ? ? 1.56 
2 1 O   A HOH 337 ? ? O A HOH 369 ? ? 1.93 
3 1 OG1 A THR 6   ? ? O A HOH 301 ? ? 2.01 
4 1 O2  A EDO 203 ? ? O A HOH 302 ? ? 2.03 
5 1 O   A HOH 356 ? ? O A HOH 376 ? ? 2.04 
6 1 O   A HOH 348 ? ? O A HOH 374 ? ? 2.06 
7 1 O   A HOH 314 ? ? O A HOH 391 ? ? 2.07 
8 1 O   A HOH 366 ? ? O A HOH 378 ? ? 2.13 
# 
_phasing.method   MR 
# 
loop_
_pdbx_unobs_or_zero_occ_residues.id 
_pdbx_unobs_or_zero_occ_residues.PDB_model_num 
_pdbx_unobs_or_zero_occ_residues.polymer_flag 
_pdbx_unobs_or_zero_occ_residues.occupancy_flag 
_pdbx_unobs_or_zero_occ_residues.auth_asym_id 
_pdbx_unobs_or_zero_occ_residues.auth_comp_id 
_pdbx_unobs_or_zero_occ_residues.auth_seq_id 
_pdbx_unobs_or_zero_occ_residues.PDB_ins_code 
_pdbx_unobs_or_zero_occ_residues.label_asym_id 
_pdbx_unobs_or_zero_occ_residues.label_comp_id 
_pdbx_unobs_or_zero_occ_residues.label_seq_id 
1 1 Y 1 A SER 0   ? A SER 1   
2 1 Y 1 A MET 1   ? A MET 2   
3 1 Y 1 A PRO 2   ? A PRO 3   
4 1 Y 1 A SER 3   ? A SER 4   
5 1 Y 1 A GLU 4   ? A GLU 5   
6 1 Y 1 A GLY 120 ? A GLY 121 
# 
loop_
_chem_comp_atom.comp_id 
_chem_comp_atom.atom_id 
_chem_comp_atom.type_symbol 
_chem_comp_atom.pdbx_aromatic_flag 
_chem_comp_atom.pdbx_stereo_config 
_chem_comp_atom.pdbx_ordinal 
ALA N    N  N N 1   
ALA CA   C  N S 2   
ALA C    C  N N 3   
ALA O    O  N N 4   
ALA CB   C  N N 5   
ALA OXT  O  N N 6   
ALA H    H  N N 7   
ALA H2   H  N N 8   
ALA HA   H  N N 9   
ALA HB1  H  N N 10  
ALA HB2  H  N N 11  
ALA HB3  H  N N 12  
ALA HXT  H  N N 13  
ARG N    N  N N 14  
ARG CA   C  N S 15  
ARG C    C  N N 16  
ARG O    O  N N 17  
ARG CB   C  N N 18  
ARG CG   C  N N 19  
ARG CD   C  N N 20  
ARG NE   N  N N 21  
ARG CZ   C  N N 22  
ARG NH1  N  N N 23  
ARG NH2  N  N N 24  
ARG OXT  O  N N 25  
ARG H    H  N N 26  
ARG H2   H  N N 27  
ARG HA   H  N N 28  
ARG HB2  H  N N 29  
ARG HB3  H  N N 30  
ARG HG2  H  N N 31  
ARG HG3  H  N N 32  
ARG HD2  H  N N 33  
ARG HD3  H  N N 34  
ARG HE   H  N N 35  
ARG HH11 H  N N 36  
ARG HH12 H  N N 37  
ARG HH21 H  N N 38  
ARG HH22 H  N N 39  
ARG HXT  H  N N 40  
ASN N    N  N N 41  
ASN CA   C  N S 42  
ASN C    C  N N 43  
ASN O    O  N N 44  
ASN CB   C  N N 45  
ASN CG   C  N N 46  
ASN OD1  O  N N 47  
ASN ND2  N  N N 48  
ASN OXT  O  N N 49  
ASN H    H  N N 50  
ASN H2   H  N N 51  
ASN HA   H  N N 52  
ASN HB2  H  N N 53  
ASN HB3  H  N N 54  
ASN HD21 H  N N 55  
ASN HD22 H  N N 56  
ASN HXT  H  N N 57  
ASP N    N  N N 58  
ASP CA   C  N S 59  
ASP C    C  N N 60  
ASP O    O  N N 61  
ASP CB   C  N N 62  
ASP CG   C  N N 63  
ASP OD1  O  N N 64  
ASP OD2  O  N N 65  
ASP OXT  O  N N 66  
ASP H    H  N N 67  
ASP H2   H  N N 68  
ASP HA   H  N N 69  
ASP HB2  H  N N 70  
ASP HB3  H  N N 71  
ASP HD2  H  N N 72  
ASP HXT  H  N N 73  
CL  CL   CL N N 74  
EDO C1   C  N N 75  
EDO O1   O  N N 76  
EDO C2   C  N N 77  
EDO O2   O  N N 78  
EDO H11  H  N N 79  
EDO H12  H  N N 80  
EDO HO1  H  N N 81  
EDO H21  H  N N 82  
EDO H22  H  N N 83  
EDO HO2  H  N N 84  
GLN N    N  N N 85  
GLN CA   C  N S 86  
GLN C    C  N N 87  
GLN O    O  N N 88  
GLN CB   C  N N 89  
GLN CG   C  N N 90  
GLN CD   C  N N 91  
GLN OE1  O  N N 92  
GLN NE2  N  N N 93  
GLN OXT  O  N N 94  
GLN H    H  N N 95  
GLN H2   H  N N 96  
GLN HA   H  N N 97  
GLN HB2  H  N N 98  
GLN HB3  H  N N 99  
GLN HG2  H  N N 100 
GLN HG3  H  N N 101 
GLN HE21 H  N N 102 
GLN HE22 H  N N 103 
GLN HXT  H  N N 104 
GLU N    N  N N 105 
GLU CA   C  N S 106 
GLU C    C  N N 107 
GLU O    O  N N 108 
GLU CB   C  N N 109 
GLU CG   C  N N 110 
GLU CD   C  N N 111 
GLU OE1  O  N N 112 
GLU OE2  O  N N 113 
GLU OXT  O  N N 114 
GLU H    H  N N 115 
GLU H2   H  N N 116 
GLU HA   H  N N 117 
GLU HB2  H  N N 118 
GLU HB3  H  N N 119 
GLU HG2  H  N N 120 
GLU HG3  H  N N 121 
GLU HE2  H  N N 122 
GLU HXT  H  N N 123 
GLY N    N  N N 124 
GLY CA   C  N N 125 
GLY C    C  N N 126 
GLY O    O  N N 127 
GLY OXT  O  N N 128 
GLY H    H  N N 129 
GLY H2   H  N N 130 
GLY HA2  H  N N 131 
GLY HA3  H  N N 132 
GLY HXT  H  N N 133 
HIS N    N  N N 134 
HIS CA   C  N S 135 
HIS C    C  N N 136 
HIS O    O  N N 137 
HIS CB   C  N N 138 
HIS CG   C  Y N 139 
HIS ND1  N  Y N 140 
HIS CD2  C  Y N 141 
HIS CE1  C  Y N 142 
HIS NE2  N  Y N 143 
HIS OXT  O  N N 144 
HIS H    H  N N 145 
HIS H2   H  N N 146 
HIS HA   H  N N 147 
HIS HB2  H  N N 148 
HIS HB3  H  N N 149 
HIS HD1  H  N N 150 
HIS HD2  H  N N 151 
HIS HE1  H  N N 152 
HIS HE2  H  N N 153 
HIS HXT  H  N N 154 
HOH O    O  N N 155 
HOH H1   H  N N 156 
HOH H2   H  N N 157 
ILE N    N  N N 158 
ILE CA   C  N S 159 
ILE C    C  N N 160 
ILE O    O  N N 161 
ILE CB   C  N S 162 
ILE CG1  C  N N 163 
ILE CG2  C  N N 164 
ILE CD1  C  N N 165 
ILE OXT  O  N N 166 
ILE H    H  N N 167 
ILE H2   H  N N 168 
ILE HA   H  N N 169 
ILE HB   H  N N 170 
ILE HG12 H  N N 171 
ILE HG13 H  N N 172 
ILE HG21 H  N N 173 
ILE HG22 H  N N 174 
ILE HG23 H  N N 175 
ILE HD11 H  N N 176 
ILE HD12 H  N N 177 
ILE HD13 H  N N 178 
ILE HXT  H  N N 179 
K0J N1   N  Y N 180 
K0J N3   N  Y N 181 
K0J C4   C  Y N 182 
K0J N    N  N N 183 
K0J C    C  N N 184 
K0J O    O  N N 185 
K0J C1   C  N N 186 
K0J C2   C  N N 187 
K0J C3   C  Y N 188 
K0J N2   N  Y N 189 
K0J H1   H  N N 190 
K0J H2   H  N N 191 
K0J H3   H  N N 192 
K0J H4   H  N N 193 
K0J H5   H  N N 194 
K0J H6   H  N N 195 
K0J H7   H  N N 196 
K0J H8   H  N N 197 
LEU N    N  N N 198 
LEU CA   C  N S 199 
LEU C    C  N N 200 
LEU O    O  N N 201 
LEU CB   C  N N 202 
LEU CG   C  N N 203 
LEU CD1  C  N N 204 
LEU CD2  C  N N 205 
LEU OXT  O  N N 206 
LEU H    H  N N 207 
LEU H2   H  N N 208 
LEU HA   H  N N 209 
LEU HB2  H  N N 210 
LEU HB3  H  N N 211 
LEU HG   H  N N 212 
LEU HD11 H  N N 213 
LEU HD12 H  N N 214 
LEU HD13 H  N N 215 
LEU HD21 H  N N 216 
LEU HD22 H  N N 217 
LEU HD23 H  N N 218 
LEU HXT  H  N N 219 
LYS N    N  N N 220 
LYS CA   C  N S 221 
LYS C    C  N N 222 
LYS O    O  N N 223 
LYS CB   C  N N 224 
LYS CG   C  N N 225 
LYS CD   C  N N 226 
LYS CE   C  N N 227 
LYS NZ   N  N N 228 
LYS OXT  O  N N 229 
LYS H    H  N N 230 
LYS H2   H  N N 231 
LYS HA   H  N N 232 
LYS HB2  H  N N 233 
LYS HB3  H  N N 234 
LYS HG2  H  N N 235 
LYS HG3  H  N N 236 
LYS HD2  H  N N 237 
LYS HD3  H  N N 238 
LYS HE2  H  N N 239 
LYS HE3  H  N N 240 
LYS HZ1  H  N N 241 
LYS HZ2  H  N N 242 
LYS HZ3  H  N N 243 
LYS HXT  H  N N 244 
MET N    N  N N 245 
MET CA   C  N S 246 
MET C    C  N N 247 
MET O    O  N N 248 
MET CB   C  N N 249 
MET CG   C  N N 250 
MET SD   S  N N 251 
MET CE   C  N N 252 
MET OXT  O  N N 253 
MET H    H  N N 254 
MET H2   H  N N 255 
MET HA   H  N N 256 
MET HB2  H  N N 257 
MET HB3  H  N N 258 
MET HG2  H  N N 259 
MET HG3  H  N N 260 
MET HE1  H  N N 261 
MET HE2  H  N N 262 
MET HE3  H  N N 263 
MET HXT  H  N N 264 
PHE N    N  N N 265 
PHE CA   C  N S 266 
PHE C    C  N N 267 
PHE O    O  N N 268 
PHE CB   C  N N 269 
PHE CG   C  Y N 270 
PHE CD1  C  Y N 271 
PHE CD2  C  Y N 272 
PHE CE1  C  Y N 273 
PHE CE2  C  Y N 274 
PHE CZ   C  Y N 275 
PHE OXT  O  N N 276 
PHE H    H  N N 277 
PHE H2   H  N N 278 
PHE HA   H  N N 279 
PHE HB2  H  N N 280 
PHE HB3  H  N N 281 
PHE HD1  H  N N 282 
PHE HD2  H  N N 283 
PHE HE1  H  N N 284 
PHE HE2  H  N N 285 
PHE HZ   H  N N 286 
PHE HXT  H  N N 287 
PRO N    N  N N 288 
PRO CA   C  N S 289 
PRO C    C  N N 290 
PRO O    O  N N 291 
PRO CB   C  N N 292 
PRO CG   C  N N 293 
PRO CD   C  N N 294 
PRO OXT  O  N N 295 
PRO H    H  N N 296 
PRO HA   H  N N 297 
PRO HB2  H  N N 298 
PRO HB3  H  N N 299 
PRO HG2  H  N N 300 
PRO HG3  H  N N 301 
PRO HD2  H  N N 302 
PRO HD3  H  N N 303 
PRO HXT  H  N N 304 
SER N    N  N N 305 
SER CA   C  N S 306 
SER C    C  N N 307 
SER O    O  N N 308 
SER CB   C  N N 309 
SER OG   O  N N 310 
SER OXT  O  N N 311 
SER H    H  N N 312 
SER H2   H  N N 313 
SER HA   H  N N 314 
SER HB2  H  N N 315 
SER HB3  H  N N 316 
SER HG   H  N N 317 
SER HXT  H  N N 318 
THR N    N  N N 319 
THR CA   C  N S 320 
THR C    C  N N 321 
THR O    O  N N 322 
THR CB   C  N R 323 
THR OG1  O  N N 324 
THR CG2  C  N N 325 
THR OXT  O  N N 326 
THR H    H  N N 327 
THR H2   H  N N 328 
THR HA   H  N N 329 
THR HB   H  N N 330 
THR HG1  H  N N 331 
THR HG21 H  N N 332 
THR HG22 H  N N 333 
THR HG23 H  N N 334 
THR HXT  H  N N 335 
TYR N    N  N N 336 
TYR CA   C  N S 337 
TYR C    C  N N 338 
TYR O    O  N N 339 
TYR CB   C  N N 340 
TYR CG   C  Y N 341 
TYR CD1  C  Y N 342 
TYR CD2  C  Y N 343 
TYR CE1  C  Y N 344 
TYR CE2  C  Y N 345 
TYR CZ   C  Y N 346 
TYR OH   O  N N 347 
TYR OXT  O  N N 348 
TYR H    H  N N 349 
TYR H2   H  N N 350 
TYR HA   H  N N 351 
TYR HB2  H  N N 352 
TYR HB3  H  N N 353 
TYR HD1  H  N N 354 
TYR HD2  H  N N 355 
TYR HE1  H  N N 356 
TYR HE2  H  N N 357 
TYR HH   H  N N 358 
TYR HXT  H  N N 359 
VAL N    N  N N 360 
VAL CA   C  N S 361 
VAL C    C  N N 362 
VAL O    O  N N 363 
VAL CB   C  N N 364 
VAL CG1  C  N N 365 
VAL CG2  C  N N 366 
VAL OXT  O  N N 367 
VAL H    H  N N 368 
VAL H2   H  N N 369 
VAL HA   H  N N 370 
VAL HB   H  N N 371 
VAL HG11 H  N N 372 
VAL HG12 H  N N 373 
VAL HG13 H  N N 374 
VAL HG21 H  N N 375 
VAL HG22 H  N N 376 
VAL HG23 H  N N 377 
VAL HXT  H  N N 378 
# 
loop_
_chem_comp_bond.comp_id 
_chem_comp_bond.atom_id_1 
_chem_comp_bond.atom_id_2 
_chem_comp_bond.value_order 
_chem_comp_bond.pdbx_aromatic_flag 
_chem_comp_bond.pdbx_stereo_config 
_chem_comp_bond.pdbx_ordinal 
ALA N   CA   sing N N 1   
ALA N   H    sing N N 2   
ALA N   H2   sing N N 3   
ALA CA  C    sing N N 4   
ALA CA  CB   sing N N 5   
ALA CA  HA   sing N N 6   
ALA C   O    doub N N 7   
ALA C   OXT  sing N N 8   
ALA CB  HB1  sing N N 9   
ALA CB  HB2  sing N N 10  
ALA CB  HB3  sing N N 11  
ALA OXT HXT  sing N N 12  
ARG N   CA   sing N N 13  
ARG N   H    sing N N 14  
ARG N   H2   sing N N 15  
ARG CA  C    sing N N 16  
ARG CA  CB   sing N N 17  
ARG CA  HA   sing N N 18  
ARG C   O    doub N N 19  
ARG C   OXT  sing N N 20  
ARG CB  CG   sing N N 21  
ARG CB  HB2  sing N N 22  
ARG CB  HB3  sing N N 23  
ARG CG  CD   sing N N 24  
ARG CG  HG2  sing N N 25  
ARG CG  HG3  sing N N 26  
ARG CD  NE   sing N N 27  
ARG CD  HD2  sing N N 28  
ARG CD  HD3  sing N N 29  
ARG NE  CZ   sing N N 30  
ARG NE  HE   sing N N 31  
ARG CZ  NH1  sing N N 32  
ARG CZ  NH2  doub N N 33  
ARG NH1 HH11 sing N N 34  
ARG NH1 HH12 sing N N 35  
ARG NH2 HH21 sing N N 36  
ARG NH2 HH22 sing N N 37  
ARG OXT HXT  sing N N 38  
ASN N   CA   sing N N 39  
ASN N   H    sing N N 40  
ASN N   H2   sing N N 41  
ASN CA  C    sing N N 42  
ASN CA  CB   sing N N 43  
ASN CA  HA   sing N N 44  
ASN C   O    doub N N 45  
ASN C   OXT  sing N N 46  
ASN CB  CG   sing N N 47  
ASN CB  HB2  sing N N 48  
ASN CB  HB3  sing N N 49  
ASN CG  OD1  doub N N 50  
ASN CG  ND2  sing N N 51  
ASN ND2 HD21 sing N N 52  
ASN ND2 HD22 sing N N 53  
ASN OXT HXT  sing N N 54  
ASP N   CA   sing N N 55  
ASP N   H    sing N N 56  
ASP N   H2   sing N N 57  
ASP CA  C    sing N N 58  
ASP CA  CB   sing N N 59  
ASP CA  HA   sing N N 60  
ASP C   O    doub N N 61  
ASP C   OXT  sing N N 62  
ASP CB  CG   sing N N 63  
ASP CB  HB2  sing N N 64  
ASP CB  HB3  sing N N 65  
ASP CG  OD1  doub N N 66  
ASP CG  OD2  sing N N 67  
ASP OD2 HD2  sing N N 68  
ASP OXT HXT  sing N N 69  
EDO C1  O1   sing N N 70  
EDO C1  C2   sing N N 71  
EDO C1  H11  sing N N 72  
EDO C1  H12  sing N N 73  
EDO O1  HO1  sing N N 74  
EDO C2  O2   sing N N 75  
EDO C2  H21  sing N N 76  
EDO C2  H22  sing N N 77  
EDO O2  HO2  sing N N 78  
GLN N   CA   sing N N 79  
GLN N   H    sing N N 80  
GLN N   H2   sing N N 81  
GLN CA  C    sing N N 82  
GLN CA  CB   sing N N 83  
GLN CA  HA   sing N N 84  
GLN C   O    doub N N 85  
GLN C   OXT  sing N N 86  
GLN CB  CG   sing N N 87  
GLN CB  HB2  sing N N 88  
GLN CB  HB3  sing N N 89  
GLN CG  CD   sing N N 90  
GLN CG  HG2  sing N N 91  
GLN CG  HG3  sing N N 92  
GLN CD  OE1  doub N N 93  
GLN CD  NE2  sing N N 94  
GLN NE2 HE21 sing N N 95  
GLN NE2 HE22 sing N N 96  
GLN OXT HXT  sing N N 97  
GLU N   CA   sing N N 98  
GLU N   H    sing N N 99  
GLU N   H2   sing N N 100 
GLU CA  C    sing N N 101 
GLU CA  CB   sing N N 102 
GLU CA  HA   sing N N 103 
GLU C   O    doub N N 104 
GLU C   OXT  sing N N 105 
GLU CB  CG   sing N N 106 
GLU CB  HB2  sing N N 107 
GLU CB  HB3  sing N N 108 
GLU CG  CD   sing N N 109 
GLU CG  HG2  sing N N 110 
GLU CG  HG3  sing N N 111 
GLU CD  OE1  doub N N 112 
GLU CD  OE2  sing N N 113 
GLU OE2 HE2  sing N N 114 
GLU OXT HXT  sing N N 115 
GLY N   CA   sing N N 116 
GLY N   H    sing N N 117 
GLY N   H2   sing N N 118 
GLY CA  C    sing N N 119 
GLY CA  HA2  sing N N 120 
GLY CA  HA3  sing N N 121 
GLY C   O    doub N N 122 
GLY C   OXT  sing N N 123 
GLY OXT HXT  sing N N 124 
HIS N   CA   sing N N 125 
HIS N   H    sing N N 126 
HIS N   H2   sing N N 127 
HIS CA  C    sing N N 128 
HIS CA  CB   sing N N 129 
HIS CA  HA   sing N N 130 
HIS C   O    doub N N 131 
HIS C   OXT  sing N N 132 
HIS CB  CG   sing N N 133 
HIS CB  HB2  sing N N 134 
HIS CB  HB3  sing N N 135 
HIS CG  ND1  sing Y N 136 
HIS CG  CD2  doub Y N 137 
HIS ND1 CE1  doub Y N 138 
HIS ND1 HD1  sing N N 139 
HIS CD2 NE2  sing Y N 140 
HIS CD2 HD2  sing N N 141 
HIS CE1 NE2  sing Y N 142 
HIS CE1 HE1  sing N N 143 
HIS NE2 HE2  sing N N 144 
HIS OXT HXT  sing N N 145 
HOH O   H1   sing N N 146 
HOH O   H2   sing N N 147 
ILE N   CA   sing N N 148 
ILE N   H    sing N N 149 
ILE N   H2   sing N N 150 
ILE CA  C    sing N N 151 
ILE CA  CB   sing N N 152 
ILE CA  HA   sing N N 153 
ILE C   O    doub N N 154 
ILE C   OXT  sing N N 155 
ILE CB  CG1  sing N N 156 
ILE CB  CG2  sing N N 157 
ILE CB  HB   sing N N 158 
ILE CG1 CD1  sing N N 159 
ILE CG1 HG12 sing N N 160 
ILE CG1 HG13 sing N N 161 
ILE CG2 HG21 sing N N 162 
ILE CG2 HG22 sing N N 163 
ILE CG2 HG23 sing N N 164 
ILE CD1 HD11 sing N N 165 
ILE CD1 HD12 sing N N 166 
ILE CD1 HD13 sing N N 167 
ILE OXT HXT  sing N N 168 
K0J O   C2   doub N N 169 
K0J C4  C3   doub Y N 170 
K0J C4  N1   sing Y N 171 
K0J C2  C3   sing N N 172 
K0J C2  N    sing N N 173 
K0J C3  N3   sing Y N 174 
K0J N1  N2   sing Y N 175 
K0J C1  C    sing N N 176 
K0J C1  N    sing N N 177 
K0J N3  N2   doub Y N 178 
K0J N1  H1   sing N N 179 
K0J C4  H2   sing N N 180 
K0J N   H3   sing N N 181 
K0J C   H4   sing N N 182 
K0J C   H5   sing N N 183 
K0J C   H6   sing N N 184 
K0J C1  H7   sing N N 185 
K0J C1  H8   sing N N 186 
LEU N   CA   sing N N 187 
LEU N   H    sing N N 188 
LEU N   H2   sing N N 189 
LEU CA  C    sing N N 190 
LEU CA  CB   sing N N 191 
LEU CA  HA   sing N N 192 
LEU C   O    doub N N 193 
LEU C   OXT  sing N N 194 
LEU CB  CG   sing N N 195 
LEU CB  HB2  sing N N 196 
LEU CB  HB3  sing N N 197 
LEU CG  CD1  sing N N 198 
LEU CG  CD2  sing N N 199 
LEU CG  HG   sing N N 200 
LEU CD1 HD11 sing N N 201 
LEU CD1 HD12 sing N N 202 
LEU CD1 HD13 sing N N 203 
LEU CD2 HD21 sing N N 204 
LEU CD2 HD22 sing N N 205 
LEU CD2 HD23 sing N N 206 
LEU OXT HXT  sing N N 207 
LYS N   CA   sing N N 208 
LYS N   H    sing N N 209 
LYS N   H2   sing N N 210 
LYS CA  C    sing N N 211 
LYS CA  CB   sing N N 212 
LYS CA  HA   sing N N 213 
LYS C   O    doub N N 214 
LYS C   OXT  sing N N 215 
LYS CB  CG   sing N N 216 
LYS CB  HB2  sing N N 217 
LYS CB  HB3  sing N N 218 
LYS CG  CD   sing N N 219 
LYS CG  HG2  sing N N 220 
LYS CG  HG3  sing N N 221 
LYS CD  CE   sing N N 222 
LYS CD  HD2  sing N N 223 
LYS CD  HD3  sing N N 224 
LYS CE  NZ   sing N N 225 
LYS CE  HE2  sing N N 226 
LYS CE  HE3  sing N N 227 
LYS NZ  HZ1  sing N N 228 
LYS NZ  HZ2  sing N N 229 
LYS NZ  HZ3  sing N N 230 
LYS OXT HXT  sing N N 231 
MET N   CA   sing N N 232 
MET N   H    sing N N 233 
MET N   H2   sing N N 234 
MET CA  C    sing N N 235 
MET CA  CB   sing N N 236 
MET CA  HA   sing N N 237 
MET C   O    doub N N 238 
MET C   OXT  sing N N 239 
MET CB  CG   sing N N 240 
MET CB  HB2  sing N N 241 
MET CB  HB3  sing N N 242 
MET CG  SD   sing N N 243 
MET CG  HG2  sing N N 244 
MET CG  HG3  sing N N 245 
MET SD  CE   sing N N 246 
MET CE  HE1  sing N N 247 
MET CE  HE2  sing N N 248 
MET CE  HE3  sing N N 249 
MET OXT HXT  sing N N 250 
PHE N   CA   sing N N 251 
PHE N   H    sing N N 252 
PHE N   H2   sing N N 253 
PHE CA  C    sing N N 254 
PHE CA  CB   sing N N 255 
PHE CA  HA   sing N N 256 
PHE C   O    doub N N 257 
PHE C   OXT  sing N N 258 
PHE CB  CG   sing N N 259 
PHE CB  HB2  sing N N 260 
PHE CB  HB3  sing N N 261 
PHE CG  CD1  doub Y N 262 
PHE CG  CD2  sing Y N 263 
PHE CD1 CE1  sing Y N 264 
PHE CD1 HD1  sing N N 265 
PHE CD2 CE2  doub Y N 266 
PHE CD2 HD2  sing N N 267 
PHE CE1 CZ   doub Y N 268 
PHE CE1 HE1  sing N N 269 
PHE CE2 CZ   sing Y N 270 
PHE CE2 HE2  sing N N 271 
PHE CZ  HZ   sing N N 272 
PHE OXT HXT  sing N N 273 
PRO N   CA   sing N N 274 
PRO N   CD   sing N N 275 
PRO N   H    sing N N 276 
PRO CA  C    sing N N 277 
PRO CA  CB   sing N N 278 
PRO CA  HA   sing N N 279 
PRO C   O    doub N N 280 
PRO C   OXT  sing N N 281 
PRO CB  CG   sing N N 282 
PRO CB  HB2  sing N N 283 
PRO CB  HB3  sing N N 284 
PRO CG  CD   sing N N 285 
PRO CG  HG2  sing N N 286 
PRO CG  HG3  sing N N 287 
PRO CD  HD2  sing N N 288 
PRO CD  HD3  sing N N 289 
PRO OXT HXT  sing N N 290 
SER N   CA   sing N N 291 
SER N   H    sing N N 292 
SER N   H2   sing N N 293 
SER CA  C    sing N N 294 
SER CA  CB   sing N N 295 
SER CA  HA   sing N N 296 
SER C   O    doub N N 297 
SER C   OXT  sing N N 298 
SER CB  OG   sing N N 299 
SER CB  HB2  sing N N 300 
SER CB  HB3  sing N N 301 
SER OG  HG   sing N N 302 
SER OXT HXT  sing N N 303 
THR N   CA   sing N N 304 
THR N   H    sing N N 305 
THR N   H2   sing N N 306 
THR CA  C    sing N N 307 
THR CA  CB   sing N N 308 
THR CA  HA   sing N N 309 
THR C   O    doub N N 310 
THR C   OXT  sing N N 311 
THR CB  OG1  sing N N 312 
THR CB  CG2  sing N N 313 
THR CB  HB   sing N N 314 
THR OG1 HG1  sing N N 315 
THR CG2 HG21 sing N N 316 
THR CG2 HG22 sing N N 317 
THR CG2 HG23 sing N N 318 
THR OXT HXT  sing N N 319 
TYR N   CA   sing N N 320 
TYR N   H    sing N N 321 
TYR N   H2   sing N N 322 
TYR CA  C    sing N N 323 
TYR CA  CB   sing N N 324 
TYR CA  HA   sing N N 325 
TYR C   O    doub N N 326 
TYR C   OXT  sing N N 327 
TYR CB  CG   sing N N 328 
TYR CB  HB2  sing N N 329 
TYR CB  HB3  sing N N 330 
TYR CG  CD1  doub Y N 331 
TYR CG  CD2  sing Y N 332 
TYR CD1 CE1  sing Y N 333 
TYR CD1 HD1  sing N N 334 
TYR CD2 CE2  doub Y N 335 
TYR CD2 HD2  sing N N 336 
TYR CE1 CZ   doub Y N 337 
TYR CE1 HE1  sing N N 338 
TYR CE2 CZ   sing Y N 339 
TYR CE2 HE2  sing N N 340 
TYR CZ  OH   sing N N 341 
TYR OH  HH   sing N N 342 
TYR OXT HXT  sing N N 343 
VAL N   CA   sing N N 344 
VAL N   H    sing N N 345 
VAL N   H2   sing N N 346 
VAL CA  C    sing N N 347 
VAL CA  CB   sing N N 348 
VAL CA  HA   sing N N 349 
VAL C   O    doub N N 350 
VAL C   OXT  sing N N 351 
VAL CB  CG1  sing N N 352 
VAL CB  CG2  sing N N 353 
VAL CB  HB   sing N N 354 
VAL CG1 HG11 sing N N 355 
VAL CG1 HG12 sing N N 356 
VAL CG1 HG13 sing N N 357 
VAL CG2 HG21 sing N N 358 
VAL CG2 HG22 sing N N 359 
VAL CG2 HG23 sing N N 360 
VAL OXT HXT  sing N N 361 
# 
_pdbx_audit_support.ordinal                1 
_pdbx_audit_support.funding_organization   'European Union (EU)' 
_pdbx_audit_support.grant_number           875510 
_pdbx_audit_support.country                'European Union' 
# 
_pdbx_deposit_group.group_id            G_1002273 
_pdbx_deposit_group.group_description   
;MAP1LC3B screened against the DSi-poised Fragment Library by X-ray Crystallography at the XChem facility of Diamond Light Source beamline I04-1
;
_pdbx_deposit_group.group_title         'PanDDA analysis group deposition' 
_pdbx_deposit_group.group_type          'changed state' 
# 
_atom_sites.entry_id                    7GAQ 
_atom_sites.fract_transf_matrix[1][1]   -0.01354885 
_atom_sites.fract_transf_matrix[1][2]   -0.00121295 
_atom_sites.fract_transf_matrix[1][3]   0.00906181 
_atom_sites.fract_transf_matrix[2][1]   0.00241073 
_atom_sites.fract_transf_matrix[2][2]   0.01515321 
_atom_sites.fract_transf_matrix[2][3]   0.00563273 
_atom_sites.fract_transf_matrix[3][1]   -0.01521175 
_atom_sites.fract_transf_matrix[3][2]   0.01035899 
_atom_sites.fract_transf_matrix[3][3]   -0.02135742 
_atom_sites.fract_transf_vector[1]      0.185645 
_atom_sites.fract_transf_vector[2]      -0.382294 
_atom_sites.fract_transf_vector[3]      0.022379 
# 
loop_
_atom_type.symbol 
C  
CL 
N  
O  
S  
# 
loop_
_atom_site.group_PDB 
_atom_site.id 
_atom_site.type_symbol 
_atom_site.label_atom_id 
_atom_site.label_alt_id 
_atom_site.label_comp_id 
_atom_site.label_asym_id 
_atom_site.label_entity_id 
_atom_site.label_seq_id 
_atom_site.pdbx_PDB_ins_code 
_atom_site.Cartn_x 
_atom_site.Cartn_y 
_atom_site.Cartn_z 
_atom_site.occupancy 
_atom_site.B_iso_or_equiv 
_atom_site.pdbx_formal_charge 
_atom_site.auth_seq_id 
_atom_site.auth_comp_id 
_atom_site.auth_asym_id 
_atom_site.auth_atom_id 
_atom_site.pdbx_PDB_model_num 
ATOM   1    N  N   . LYS A 1 6   ? 15.863  3.656   5.769   1.00 69.20  ? 5   LYS A N   1 
ATOM   2    C  CA  . LYS A 1 6   ? 14.772  4.647   5.496   1.00 67.79  ? 5   LYS A CA  1 
ATOM   3    C  C   . LYS A 1 6   ? 13.504  3.905   5.037   1.00 60.47  ? 5   LYS A C   1 
ATOM   4    O  O   . LYS A 1 6   ? 12.542  3.906   5.808   1.00 52.33  ? 5   LYS A O   1 
ATOM   5    C  CB  . LYS A 1 6   ? 15.221  5.698   4.470   1.00 73.36  ? 5   LYS A CB  1 
ATOM   6    C  CG  . LYS A 1 6   ? 15.600  7.042   5.068   1.00 76.57  ? 5   LYS A CG  1 
ATOM   7    C  CD  . LYS A 1 6   ? 14.540  7.590   6.003   1.00 76.29  ? 5   LYS A CD  1 
ATOM   8    C  CE  . LYS A 1 6   ? 14.681  9.078   6.228   1.00 78.74  ? 5   LYS A CE  1 
ATOM   9    N  NZ  . LYS A 1 6   ? 16.051  9.425   6.672   1.00 76.17  ? 5   LYS A NZ  1 
ATOM   10   N  N   . THR A 1 7   ? 13.497  3.296   3.840   1.00 50.63  ? 6   THR A N   1 
ATOM   11   C  CA  . THR A 1 7   ? 12.325  2.554   3.295   1.00 49.92  ? 6   THR A CA  1 
ATOM   12   C  C   . THR A 1 7   ? 12.126  1.258   4.079   1.00 50.12  ? 6   THR A C   1 
ATOM   13   O  O   . THR A 1 7   ? 13.042  0.853   4.851   1.00 50.30  ? 6   THR A O   1 
ATOM   14   C  CB  . THR A 1 7   ? 12.412  2.225   1.797   1.00 51.03  ? 6   THR A CB  1 
ATOM   15   O  OG1 . THR A 1 7   ? 13.455  1.279   1.568   1.00 49.25  ? 6   THR A OG1 1 
ATOM   16   C  CG2 . THR A 1 7   ? 12.624  3.450   0.930   1.00 59.57  ? 6   THR A CG2 1 
ATOM   17   N  N   . PHE A 1 8   ? 10.973  0.626   3.864   1.00 46.32  ? 7   PHE A N   1 
ATOM   18   C  CA  . PHE A 1 8   ? 10.576  -0.636  4.525   1.00 41.43  ? 7   PHE A CA  1 
ATOM   19   C  C   . PHE A 1 8   ? 11.559  -1.750  4.140   1.00 40.00  ? 7   PHE A C   1 
ATOM   20   O  O   . PHE A 1 8   ? 12.069  -2.481  5.028   1.00 42.12  ? 7   PHE A O   1 
ATOM   21   C  CB  . PHE A 1 8   ? 9.130   -0.988  4.177   1.00 40.26  ? 7   PHE A CB  1 
ATOM   22   C  CG  . PHE A 1 8   ? 8.668   -2.223  4.897   1.00 39.43  ? 7   PHE A CG  1 
ATOM   23   C  CD1 . PHE A 1 8   ? 8.461   -2.193  6.268   1.00 39.87  ? 7   PHE A CD1 1 
ATOM   24   C  CD2 . PHE A 1 8   ? 8.545   -3.432  4.229   1.00 41.96  ? 7   PHE A CD2 1 
ATOM   25   C  CE1 . PHE A 1 8   ? 8.050   -3.329  6.944   1.00 39.72  ? 7   PHE A CE1 1 
ATOM   26   C  CE2 . PHE A 1 8   ? 8.139   -4.573  4.909   1.00 43.77  ? 7   PHE A CE2 1 
ATOM   27   C  CZ  . PHE A 1 8   ? 7.903   -4.518  6.264   1.00 42.36  ? 7   PHE A CZ  1 
ATOM   28   N  N   . LYS A 1 9   ? 11.838  -1.881  2.848   1.00 40.33  ? 8   LYS A N   1 
ATOM   29   C  CA  . LYS A 1 9   ? 12.760  -2.918  2.322   1.00 42.78  ? 8   LYS A CA  1 
ATOM   30   C  C   . LYS A 1 9   ? 14.179  -2.742  2.896   1.00 42.95  ? 8   LYS A C   1 
ATOM   31   O  O   . LYS A 1 9   ? 14.835  -3.772  3.130   1.00 40.39  ? 8   LYS A O   1 
ATOM   32   C  CB  . LYS A 1 9   ? 12.764  -2.868  0.797   1.00 41.49  ? 8   LYS A CB  1 
ATOM   33   C  CG  . LYS A 1 9   ? 11.506  -3.419  0.168   1.00 45.89  ? 8   LYS A CG  1 
ATOM   34   C  CD  . LYS A 1 9   ? 11.765  -4.043  -1.168  1.00 51.50  ? 8   LYS A CD  1 
ATOM   35   C  CE  . LYS A 1 9   ? 10.557  -4.761  -1.718  1.00 54.81  ? 8   LYS A CE  1 
ATOM   36   N  NZ  . LYS A 1 9   ? 10.622  -4.897  -3.193  1.00 64.85  ? 8   LYS A NZ  1 
ATOM   37   N  N   . GLN A 1 10  ? 14.622  -1.500  3.105   1.00 42.21  ? 9   GLN A N   1 
ATOM   38   C  CA  . GLN A 1 10  ? 15.934  -1.148  3.720   1.00 48.39  ? 9   GLN A CA  1 
ATOM   39   C  C   . GLN A 1 10  ? 15.982  -1.408  5.234   1.00 46.77  ? 9   GLN A C   1 
ATOM   40   O  O   . GLN A 1 10  ? 17.053  -1.672  5.728   1.00 51.16  ? 9   GLN A O   1 
ATOM   41   C  CB  . GLN A 1 10  ? 16.259  0.330   3.496   1.00 49.24  ? 9   GLN A CB  1 
ATOM   42   C  CG  . GLN A 1 10  ? 16.600  0.661   2.052   1.00 50.18  ? 9   GLN A CG  1 
ATOM   43   C  CD  . GLN A 1 10  ? 16.572  2.141   1.761   1.00 51.95  ? 9   GLN A CD  1 
ATOM   44   O  OE1 . GLN A 1 10  ? 16.185  2.980   2.577   1.00 61.12  ? 9   GLN A OE1 1 
ATOM   45   N  NE2 . GLN A 1 10  ? 17.017  2.485   0.573   1.00 58.29  ? 9   GLN A NE2 1 
ATOM   46   N  N   A ARG A 1 11  ? 14.839  -1.288  5.923   0.34 47.72  ? 10  ARG A N   1 
ATOM   47   N  N   B ARG A 1 11  ? 14.843  -1.324  5.926   0.17 46.97  ? 10  ARG A N   1 
ATOM   48   C  CA  A ARG A 1 11  ? 14.693  -1.465  7.396   0.34 46.28  ? 10  ARG A CA  1 
ATOM   49   C  CA  B ARG A 1 11  ? 14.751  -1.478  7.402   0.17 45.70  ? 10  ARG A CA  1 
ATOM   50   C  C   A ARG A 1 11  ? 14.706  -2.954  7.753   0.34 47.84  ? 10  ARG A C   1 
ATOM   51   C  C   B ARG A 1 11  ? 14.682  -2.961  7.782   0.17 46.74  ? 10  ARG A C   1 
ATOM   52   O  O   A ARG A 1 11  ? 15.325  -3.293  8.775   0.34 47.67  ? 10  ARG A O   1 
ATOM   53   O  O   B ARG A 1 11  ? 15.233  -3.307  8.843   0.17 46.70  ? 10  ARG A O   1 
ATOM   54   C  CB  A ARG A 1 11  ? 13.377  -0.877  7.914   0.34 46.74  ? 10  ARG A CB  1 
ATOM   55   C  CB  B ARG A 1 11  ? 13.530  -0.736  7.951   0.17 45.34  ? 10  ARG A CB  1 
ATOM   56   C  CG  A ARG A 1 11  ? 13.378  0.629   8.135   0.34 48.82  ? 10  ARG A CG  1 
ATOM   57   C  CG  B ARG A 1 11  ? 13.737  0.762   8.109   0.17 45.77  ? 10  ARG A CG  1 
ATOM   58   C  CD  A ARG A 1 11  ? 12.139  1.106   8.884   0.34 47.91  ? 10  ARG A CD  1 
ATOM   59   C  CD  B ARG A 1 11  ? 12.475  1.448   8.595   0.17 45.07  ? 10  ARG A CD  1 
ATOM   60   N  NE  A ARG A 1 11  ? 11.044  1.539   8.017   0.34 48.76  ? 10  ARG A NE  1 
ATOM   61   N  NE  B ARG A 1 11  ? 11.628  1.880   7.492   0.17 44.99  ? 10  ARG A NE  1 
ATOM   62   C  CZ  A ARG A 1 11  ? 9.783   1.131   8.122   0.34 48.69  ? 10  ARG A CZ  1 
ATOM   63   C  CZ  B ARG A 1 11  ? 10.392  2.339   7.628   0.17 42.87  ? 10  ARG A CZ  1 
ATOM   64   N  NH1 A ARG A 1 11  ? 9.432   0.272   9.065   0.34 48.09  ? 10  ARG A NH1 1 
ATOM   65   N  NH1 B ARG A 1 11  ? 9.840   2.419   8.825   0.17 42.89  ? 10  ARG A NH1 1 
ATOM   66   N  NH2 A ARG A 1 11  ? 8.871   1.589   7.283   0.34 48.65  ? 10  ARG A NH2 1 
ATOM   67   N  NH2 B ARG A 1 11  ? 9.710   2.710   6.564   0.17 44.46  ? 10  ARG A NH2 1 
ATOM   68   N  N   . ARG A 1 12  ? 14.013  -3.793  6.973   1.00 45.30  ? 11  ARG A N   1 
ATOM   69   C  CA  . ARG A 1 12  ? 13.859  -5.252  7.271   1.00 47.38  ? 11  ARG A CA  1 
ATOM   70   C  C   . ARG A 1 12  ? 14.600  -6.078  6.215   1.00 41.47  ? 11  ARG A C   1 
ATOM   71   O  O   . ARG A 1 12  ? 14.537  -5.699  5.058   1.00 39.79  ? 11  ARG A O   1 
ATOM   72   C  CB  . ARG A 1 12  ? 12.366  -5.608  7.343   1.00 51.20  ? 11  ARG A CB  1 
ATOM   73   C  CG  . ARG A 1 12  ? 11.557  -4.807  8.361   1.00 53.11  ? 11  ARG A CG  1 
ATOM   74   C  CD  . ARG A 1 12  ? 11.794  -5.234  9.799   1.00 56.64  ? 11  ARG A CD  1 
ATOM   75   N  NE  . ARG A 1 12  ? 11.128  -6.495  10.120  1.00 67.02  ? 11  ARG A NE  1 
ATOM   76   C  CZ  . ARG A 1 12  ? 11.222  -7.164  11.279  1.00 66.92  ? 11  ARG A CZ  1 
ATOM   77   N  NH1 . ARG A 1 12  ? 11.962  -6.714  12.279  1.00 68.06  ? 11  ARG A NH1 1 
ATOM   78   N  NH2 . ARG A 1 12  ? 10.547  -8.289  11.442  1.00 74.61  ? 11  ARG A NH2 1 
ATOM   79   N  N   . THR A 1 13  ? 15.240  -7.190  6.595   1.00 40.42  ? 12  THR A N   1 
ATOM   80   C  CA  . THR A 1 13  ? 15.858  -8.160  5.640   1.00 40.22  ? 12  THR A CA  1 
ATOM   81   C  C   . THR A 1 13  ? 14.763  -8.899  4.843   1.00 39.44  ? 12  THR A C   1 
ATOM   82   O  O   . THR A 1 13  ? 13.621  -9.001  5.311   1.00 38.91  ? 12  THR A O   1 
ATOM   83   C  CB  . THR A 1 13  ? 16.789  -9.181  6.319   1.00 40.29  ? 12  THR A CB  1 
ATOM   84   O  OG1 . THR A 1 13  ? 16.042  -10.208 6.969   1.00 42.88  ? 12  THR A OG1 1 
ATOM   85   C  CG2 . THR A 1 13  ? 17.719  -8.579  7.345   1.00 42.62  ? 12  THR A CG2 1 
ATOM   86   N  N   . PHE A 1 14  ? 15.102  -9.442  3.680   1.00 39.69  ? 13  PHE A N   1 
ATOM   87   C  CA  . PHE A 1 14  ? 14.186  -10.297 2.882   1.00 43.00  ? 13  PHE A CA  1 
ATOM   88   C  C   . PHE A 1 14  ? 13.574  -11.393 3.770   1.00 44.65  ? 13  PHE A C   1 
ATOM   89   O  O   . PHE A 1 14  ? 12.343  -11.622 3.696   1.00 40.88  ? 13  PHE A O   1 
ATOM   90   C  CB  . PHE A 1 14  ? 14.915  -10.929 1.695   1.00 42.94  ? 13  PHE A CB  1 
ATOM   91   C  CG  . PHE A 1 14  ? 13.995  -11.713 0.797   1.00 38.51  ? 13  PHE A CG  1 
ATOM   92   C  CD1 . PHE A 1 14  ? 13.180  -11.055 -0.106  1.00 37.44  ? 13  PHE A CD1 1 
ATOM   93   C  CD2 . PHE A 1 14  ? 13.906  -13.091 0.900   1.00 36.89  ? 13  PHE A CD2 1 
ATOM   94   C  CE1 . PHE A 1 14  ? 12.303  -11.758 -0.920  1.00 38.16  ? 13  PHE A CE1 1 
ATOM   95   C  CE2 . PHE A 1 14  ? 13.020  -13.799 0.096   1.00 37.62  ? 13  PHE A CE2 1 
ATOM   96   C  CZ  . PHE A 1 14  ? 12.219  -13.131 -0.811  1.00 38.76  ? 13  PHE A CZ  1 
ATOM   97   N  N   . GLU A 1 15  ? 14.417  -12.055 4.564   1.00 42.28  ? 14  GLU A N   1 
ATOM   98   C  CA  . GLU A 1 15  ? 14.042  -13.155 5.491   1.00 42.25  ? 14  GLU A CA  1 
ATOM   99   C  C   . GLU A 1 15  ? 12.952  -12.682 6.478   1.00 41.34  ? 14  GLU A C   1 
ATOM   100  O  O   . GLU A 1 15  ? 11.956  -13.397 6.643   1.00 34.81  ? 14  GLU A O   1 
ATOM   101  C  CB  . GLU A 1 15  ? 15.312  -13.613 6.202   1.00 49.13  ? 14  GLU A CB  1 
ATOM   102  C  CG  . GLU A 1 15  ? 15.164  -14.922 6.962   1.00 62.28  ? 14  GLU A CG  1 
ATOM   103  C  CD  . GLU A 1 15  ? 16.445  -15.414 7.630   1.00 71.82  ? 14  GLU A CD  1 
ATOM   104  O  OE1 . GLU A 1 15  ? 17.521  -14.768 7.453   1.00 67.16  ? 14  GLU A OE1 1 
ATOM   105  O  OE2 . GLU A 1 15  ? 16.364  -16.440 8.334   1.00 80.33  ? 14  GLU A OE2 1 
ATOM   106  N  N   . GLN A 1 16  ? 13.142  -11.508 7.101   1.00 38.98  ? 15  GLN A N   1 
ATOM   107  C  CA  . GLN A 1 16  ? 12.222  -10.872 8.080   1.00 36.85  ? 15  GLN A CA  1 
ATOM   108  C  C   . GLN A 1 16  ? 10.864  -10.548 7.433   1.00 37.06  ? 15  GLN A C   1 
ATOM   109  O  O   . GLN A 1 16  ? 9.790   -10.815 8.047   1.00 33.26  ? 15  GLN A O   1 
ATOM   110  C  CB  . GLN A 1 16  ? 12.877  -9.597  8.636   1.00 41.29  ? 15  GLN A CB  1 
ATOM   111  C  CG  . GLN A 1 16  ? 13.789  -9.861  9.830   1.00 39.21  ? 15  GLN A CG  1 
ATOM   112  C  CD  . GLN A 1 16  ? 14.694  -8.719  10.230  1.00 41.26  ? 15  GLN A CD  1 
ATOM   113  O  OE1 . GLN A 1 16  ? 14.841  -7.714  9.534   1.00 38.88  ? 15  GLN A OE1 1 
ATOM   114  N  NE2 . GLN A 1 16  ? 15.343  -8.896  11.373  1.00 40.43  ? 15  GLN A NE2 1 
ATOM   115  N  N   A ARG A 1 17  ? 10.899  -9.979  6.225   0.15 36.21  ? 16  ARG A N   1 
ATOM   116  N  N   B ARG A 1 17  ? 10.895  -9.985  6.226   0.35 36.27  ? 16  ARG A N   1 
ATOM   117  C  CA  A ARG A 1 17  ? 9.689   -9.582  5.454   0.15 36.60  ? 16  ARG A CA  1 
ATOM   118  C  CA  B ARG A 1 17  ? 9.674   -9.593  5.477   0.35 37.15  ? 16  ARG A CA  1 
ATOM   119  C  C   A ARG A 1 17  ? 8.896   -10.841 5.084   0.15 37.52  ? 16  ARG A C   1 
ATOM   120  C  C   B ARG A 1 17  ? 8.891   -10.861 5.127   0.35 38.54  ? 16  ARG A C   1 
ATOM   121  O  O   A ARG A 1 17  ? 7.647   -10.794 5.170   0.15 37.70  ? 16  ARG A O   1 
ATOM   122  O  O   B ARG A 1 17  ? 7.647   -10.851 5.295   0.35 38.13  ? 16  ARG A O   1 
ATOM   123  C  CB  A ARG A 1 17  ? 10.083  -8.755  4.227   0.15 35.85  ? 16  ARG A CB  1 
ATOM   124  C  CB  B ARG A 1 17  ? 10.047  -8.733  4.267   0.35 36.28  ? 16  ARG A CB  1 
ATOM   125  C  CG  A ARG A 1 17  ? 10.820  -7.467  4.570   0.15 35.89  ? 16  ARG A CG  1 
ATOM   126  C  CG  B ARG A 1 17  ? 10.539  -7.346  4.659   0.35 37.34  ? 16  ARG A CG  1 
ATOM   127  C  CD  A ARG A 1 17  ? 10.945  -6.489  3.417   0.15 36.47  ? 16  ARG A CD  1 
ATOM   128  C  CD  B ARG A 1 17  ? 10.952  -6.449  3.507   0.35 39.42  ? 16  ARG A CD  1 
ATOM   129  N  NE  A ARG A 1 17  ? 11.417  -7.102  2.182   0.15 37.50  ? 16  ARG A NE  1 
ATOM   130  N  NE  B ARG A 1 17  ? 12.371  -6.555  3.194   0.35 42.86  ? 16  ARG A NE  1 
ATOM   131  C  CZ  A ARG A 1 17  ? 12.645  -6.969  1.686   0.15 37.49  ? 16  ARG A CZ  1 
ATOM   132  C  CZ  B ARG A 1 17  ? 12.865  -7.012  2.044   0.35 43.87  ? 16  ARG A CZ  1 
ATOM   133  N  NH1 A ARG A 1 17  ? 13.547  -6.240  2.321   0.15 37.35  ? 16  ARG A NH1 1 
ATOM   134  N  NH1 B ARG A 1 17  ? 12.056  -7.403  1.074   0.35 44.95  ? 16  ARG A NH1 1 
ATOM   135  N  NH2 A ARG A 1 17  ? 12.965  -7.568  0.553   0.15 37.15  ? 16  ARG A NH2 1 
ATOM   136  N  NH2 B ARG A 1 17  ? 14.172  -7.072  1.867   0.35 43.46  ? 16  ARG A NH2 1 
ATOM   137  N  N   . VAL A 1 18  ? 9.589   -11.923 4.710   1.00 37.85  ? 17  VAL A N   1 
ATOM   138  C  CA  . VAL A 1 18  ? 8.936   -13.205 4.324   1.00 35.58  ? 17  VAL A CA  1 
ATOM   139  C  C   . VAL A 1 18  ? 8.234   -13.794 5.561   1.00 38.82  ? 17  VAL A C   1 
ATOM   140  O  O   . VAL A 1 18  ? 7.022   -14.142 5.464   1.00 34.91  ? 17  VAL A O   1 
ATOM   141  C  CB  . VAL A 1 18  ? 9.956   -14.177 3.719   1.00 37.15  ? 17  VAL A CB  1 
ATOM   142  C  CG1 . VAL A 1 18  ? 9.473   -15.617 3.757   1.00 40.11  ? 17  VAL A CG1 1 
ATOM   143  C  CG2 . VAL A 1 18  ? 10.327  -13.789 2.300   1.00 40.91  ? 17  VAL A CG2 1 
ATOM   144  N  N   . GLU A 1 19  ? 8.950   -13.877 6.690   1.00 41.47  ? 18  GLU A N   1 
ATOM   145  C  CA  . GLU A 1 19  ? 8.422   -14.460 7.949   1.00 45.72  ? 18  GLU A CA  1 
ATOM   146  C  C   . GLU A 1 19  ? 7.241   -13.625 8.436   1.00 39.82  ? 18  GLU A C   1 
ATOM   147  O  O   . GLU A 1 19  ? 6.254   -14.212 8.881   1.00 46.20  ? 18  GLU A O   1 
ATOM   148  C  CB  . GLU A 1 19  ? 9.478   -14.538 9.051   1.00 54.07  ? 18  GLU A CB  1 
ATOM   149  C  CG  . GLU A 1 19  ? 10.261  -15.834 9.038   1.00 63.56  ? 18  GLU A CG  1 
ATOM   150  C  CD  . GLU A 1 19  ? 9.491   -17.106 8.710   1.00 68.62  ? 18  GLU A CD  1 
ATOM   151  O  OE1 . GLU A 1 19  ? 8.608   -17.498 9.523   1.00 70.92  ? 18  GLU A OE1 1 
ATOM   152  O  OE2 . GLU A 1 19  ? 9.786   -17.706 7.637   1.00 69.37  ? 18  GLU A OE2 1 
ATOM   153  N  N   . ASP A 1 20  ? 7.320   -12.300 8.369   1.00 41.07  ? 19  ASP A N   1 
ATOM   154  C  CA  . ASP A 1 20  ? 6.200   -11.460 8.871   1.00 41.24  ? 19  ASP A CA  1 
ATOM   155  C  C   . ASP A 1 20  ? 4.951   -11.729 8.024   1.00 39.75  ? 19  ASP A C   1 
ATOM   156  O  O   . ASP A 1 20  ? 3.865   -11.873 8.599   1.00 36.07  ? 19  ASP A O   1 
ATOM   157  C  CB  . ASP A 1 20  ? 6.545   -9.980  8.966   1.00 41.39  ? 19  ASP A CB  1 
ATOM   158  C  CG  . ASP A 1 20  ? 5.510   -9.214  9.792   1.00 54.44  ? 19  ASP A CG  1 
ATOM   159  O  OD1 . ASP A 1 20  ? 5.401   -7.984  9.584   1.00 57.79  ? 19  ASP A OD1 1 
ATOM   160  O  OD2 . ASP A 1 20  ? 4.803   -9.845  10.653  1.00 55.50  ? 19  ASP A OD2 1 
ATOM   161  N  N   . VAL A 1 21  ? 5.099   -11.884 6.715   1.00 37.40  ? 20  VAL A N   1 
ATOM   162  C  CA  . VAL A 1 21  ? 3.936   -12.180 5.841   1.00 37.53  ? 20  VAL A CA  1 
ATOM   163  C  C   . VAL A 1 21  ? 3.339   -13.538 6.236   1.00 38.56  ? 20  VAL A C   1 
ATOM   164  O  O   . VAL A 1 21  ? 2.096   -13.672 6.164   1.00 37.93  ? 20  VAL A O   1 
ATOM   165  C  CB  . VAL A 1 21  ? 4.317   -12.072 4.355   1.00 35.31  ? 20  VAL A CB  1 
ATOM   166  C  CG1 . VAL A 1 21  ? 3.312   -12.759 3.443   1.00 33.34  ? 20  VAL A CG1 1 
ATOM   167  C  CG2 . VAL A 1 21  ? 4.508   -10.622 3.965   1.00 34.69  ? 20  VAL A CG2 1 
ATOM   168  N  N   . ARG A 1 22  ? 4.172   -14.487 6.667   1.00 38.32  ? 21  ARG A N   1 
ATOM   169  C  CA  . ARG A 1 22  ? 3.724   -15.856 7.018   1.00 36.14  ? 21  ARG A CA  1 
ATOM   170  C  C   . ARG A 1 22  ? 2.959   -15.825 8.347   1.00 36.81  ? 21  ARG A C   1 
ATOM   171  O  O   . ARG A 1 22  ? 1.985   -16.568 8.459   1.00 31.90  ? 21  ARG A O   1 
ATOM   172  C  CB  . ARG A 1 22  ? 4.919   -16.812 7.030   1.00 39.32  ? 21  ARG A CB  1 
ATOM   173  C  CG  . ARG A 1 22  ? 5.484   -17.112 5.648   1.00 39.19  ? 21  ARG A CG  1 
ATOM   174  C  CD  . ARG A 1 22  ? 6.695   -17.998 5.801   1.00 40.15  ? 21  ARG A CD  1 
ATOM   175  N  NE  . ARG A 1 22  ? 7.312   -18.378 4.537   1.00 51.88  ? 21  ARG A NE  1 
ATOM   176  C  CZ  . ARG A 1 22  ? 8.409   -19.129 4.423   1.00 49.00  ? 21  ARG A CZ  1 
ATOM   177  N  NH1 . ARG A 1 22  ? 9.024   -19.596 5.499   1.00 44.28  ? 21  ARG A NH1 1 
ATOM   178  N  NH2 . ARG A 1 22  ? 8.892   -19.400 3.224   1.00 55.15  ? 21  ARG A NH2 1 
ATOM   179  N  N   . LEU A 1 23  ? 3.375   -14.993 9.307   1.00 37.44  ? 22  LEU A N   1 
ATOM   180  C  CA  . LEU A 1 23  ? 2.664   -14.744 10.600  1.00 37.31  ? 22  LEU A CA  1 
ATOM   181  C  C   . LEU A 1 23  ? 1.275   -14.106 10.369  1.00 36.66  ? 22  LEU A C   1 
ATOM   182  O  O   . LEU A 1 23  ? 0.313   -14.481 11.083  1.00 36.19  ? 22  LEU A O   1 
ATOM   183  C  CB  . LEU A 1 23  ? 3.552   -13.817 11.447  1.00 35.55  ? 22  LEU A CB  1 
ATOM   184  C  CG  . LEU A 1 23  ? 3.046   -13.486 12.851  1.00 40.67  ? 22  LEU A CG  1 
ATOM   185  C  CD1 . LEU A 1 23  ? 2.995   -14.733 13.702  1.00 37.25  ? 22  LEU A CD1 1 
ATOM   186  C  CD2 . LEU A 1 23  ? 3.911   -12.419 13.502  1.00 41.77  ? 22  LEU A CD2 1 
ATOM   187  N  N   . ILE A 1 24  ? 1.159   -13.133 9.462   1.00 33.68  ? 23  ILE A N   1 
ATOM   188  C  CA  . ILE A 1 24  ? -0.145  -12.494 9.074   1.00 32.96  ? 23  ILE A CA  1 
ATOM   189  C  C   . ILE A 1 24  ? -1.058  -13.556 8.435   1.00 32.16  ? 23  ILE A C   1 
ATOM   190  O  O   . ILE A 1 24  ? -2.246  -13.601 8.727   1.00 33.00  ? 23  ILE A O   1 
ATOM   191  C  CB  . ILE A 1 24  ? 0.133   -11.305 8.157   1.00 35.59  ? 23  ILE A CB  1 
ATOM   192  C  CG1 . ILE A 1 24  ? 1.030   -10.293 8.882   1.00 38.57  ? 23  ILE A CG1 1 
ATOM   193  C  CG2 . ILE A 1 24  ? -1.169  -10.699 7.633   1.00 38.56  ? 23  ILE A CG2 1 
ATOM   194  C  CD1 . ILE A 1 24  ? 1.581   -9.206  8.001   1.00 39.42  ? 23  ILE A CD1 1 
ATOM   195  N  N   . ARG A 1 25  ? -0.501  -14.462 7.649   1.00 32.16  ? 24  ARG A N   1 
ATOM   196  C  CA  . ARG A 1 25  ? -1.274  -15.580 7.058   1.00 34.77  ? 24  ARG A CA  1 
ATOM   197  C  C   . ARG A 1 25  ? -1.883  -16.420 8.173   1.00 37.15  ? 24  ARG A C   1 
ATOM   198  O  O   . ARG A 1 25  ? -3.023  -16.847 8.010   1.00 36.56  ? 24  ARG A O   1 
ATOM   199  C  CB  . ARG A 1 25  ? -0.393  -16.456 6.165   1.00 34.14  ? 24  ARG A CB  1 
ATOM   200  C  CG  . ARG A 1 25  ? -0.240  -15.914 4.755   1.00 37.75  ? 24  ARG A CG  1 
ATOM   201  C  CD  . ARG A 1 25  ? 0.563   -16.830 3.845   1.00 41.43  ? 24  ARG A CD  1 
ATOM   202  N  NE  . ARG A 1 25  ? 0.901   -16.083 2.642   1.00 45.97  ? 24  ARG A NE  1 
ATOM   203  C  CZ  . ARG A 1 25  ? 2.043   -16.165 1.961   1.00 45.87  ? 24  ARG A CZ  1 
ATOM   204  N  NH1 . ARG A 1 25  ? 3.016   -16.983 2.330   1.00 46.91  ? 24  ARG A NH1 1 
ATOM   205  N  NH2 . ARG A 1 25  ? 2.206   -15.398 0.902   1.00 50.32  ? 24  ARG A NH2 1 
ATOM   206  N  N   . GLU A 1 26  ? -1.120  -16.659 9.239   1.00 37.18  ? 25  GLU A N   1 
ATOM   207  C  CA  . GLU A 1 26  ? -1.496  -17.557 10.350  1.00 39.06  ? 25  GLU A CA  1 
ATOM   208  C  C   . GLU A 1 26  ? -2.497  -16.832 11.257  1.00 38.35  ? 25  GLU A C   1 
ATOM   209  O  O   . GLU A 1 26  ? -3.510  -17.438 11.561  1.00 43.67  ? 25  GLU A O   1 
ATOM   210  C  CB  . GLU A 1 26  ? -0.233  -18.008 11.091  1.00 44.56  ? 25  GLU A CB  1 
ATOM   211  C  CG  . GLU A 1 26  ? -0.451  -19.224 11.971  1.00 50.49  ? 25  GLU A CG  1 
ATOM   212  C  CD  . GLU A 1 26  ? -0.739  -20.518 11.220  1.00 57.26  ? 25  GLU A CD  1 
ATOM   213  O  OE1 . GLU A 1 26  ? -0.293  -20.656 10.072  1.00 64.29  ? 25  GLU A OE1 1 
ATOM   214  O  OE2 . GLU A 1 26  ? -1.416  -21.385 11.782  1.00 70.32  ? 25  GLU A OE2 1 
ATOM   215  N  N   . GLN A 1 27  ? -2.251  -15.570 11.617  1.00 35.84  ? 26  GLN A N   1 
ATOM   216  C  CA  . GLN A 1 27  ? -3.042  -14.842 12.635  1.00 35.29  ? 26  GLN A CA  1 
ATOM   217  C  C   . GLN A 1 27  ? -4.175  -14.022 12.016  1.00 38.41  ? 26  GLN A C   1 
ATOM   218  O  O   . GLN A 1 27  ? -5.100  -13.724 12.731  1.00 36.18  ? 26  GLN A O   1 
ATOM   219  C  CB  . GLN A 1 27  ? -2.122  -13.928 13.425  1.00 39.76  ? 26  GLN A CB  1 
ATOM   220  C  CG  . GLN A 1 27  ? -1.131  -14.718 14.258  1.00 42.70  ? 26  GLN A CG  1 
ATOM   221  C  CD  . GLN A 1 27  ? -0.250  -13.798 15.051  1.00 49.58  ? 26  GLN A CD  1 
ATOM   222  O  OE1 . GLN A 1 27  ? -0.251  -12.587 14.827  1.00 52.86  ? 26  GLN A OE1 1 
ATOM   223  N  NE2 . GLN A 1 27  ? 0.487   -14.373 15.999  1.00 55.22  ? 26  GLN A NE2 1 
ATOM   224  N  N   . HIS A 1 28  ? -4.074  -13.608 10.761  1.00 37.36  ? 27  HIS A N   1 
ATOM   225  C  CA  . HIS A 1 28  ? -5.061  -12.708 10.124  1.00 35.02  ? 27  HIS A CA  1 
ATOM   226  C  C   . HIS A 1 28  ? -5.255  -13.191 8.702   1.00 30.45  ? 27  HIS A C   1 
ATOM   227  O  O   . HIS A 1 28  ? -4.880  -12.515 7.772   1.00 28.46  ? 27  HIS A O   1 
ATOM   228  C  CB  . HIS A 1 28  ? -4.595  -11.251 10.146  1.00 37.66  ? 27  HIS A CB  1 
ATOM   229  C  CG  . HIS A 1 28  ? -4.188  -10.762 11.494  1.00 41.16  ? 27  HIS A CG  1 
ATOM   230  N  ND1 . HIS A 1 28  ? -5.110  -10.369 12.440  1.00 37.38  ? 27  HIS A ND1 1 
ATOM   231  C  CD2 . HIS A 1 28  ? -2.963  -10.588 12.044  1.00 38.04  ? 27  HIS A CD2 1 
ATOM   232  C  CE1 . HIS A 1 28  ? -4.472  -9.965  13.513  1.00 36.09  ? 27  HIS A CE1 1 
ATOM   233  N  NE2 . HIS A 1 28  ? -3.156  -10.099 13.301  1.00 40.98  ? 27  HIS A NE2 1 
ATOM   234  N  N   . PRO A 1 29  ? -5.807  -14.406 8.534   1.00 34.67  ? 28  PRO A N   1 
ATOM   235  C  CA  . PRO A 1 29  ? -5.843  -15.075 7.234   1.00 33.99  ? 28  PRO A CA  1 
ATOM   236  C  C   . PRO A 1 29  ? -6.731  -14.409 6.166   1.00 32.81  ? 28  PRO A C   1 
ATOM   237  O  O   . PRO A 1 29  ? -6.471  -14.650 5.006   1.00 33.70  ? 28  PRO A O   1 
ATOM   238  C  CB  . PRO A 1 29  ? -6.340  -16.487 7.592   1.00 35.55  ? 28  PRO A CB  1 
ATOM   239  C  CG  . PRO A 1 29  ? -7.134  -16.299 8.890   1.00 36.94  ? 28  PRO A CG  1 
ATOM   240  C  CD  . PRO A 1 29  ? -6.411  -15.199 9.623   1.00 36.28  ? 28  PRO A CD  1 
ATOM   241  N  N   . THR A 1 30  ? -7.693  -13.567 6.552   1.00 32.14  ? 29  THR A N   1 
ATOM   242  C  CA  . THR A 1 30  ? -8.589  -12.829 5.608   1.00 32.22  ? 29  THR A CA  1 
ATOM   243  C  C   . THR A 1 30  ? -7.994  -11.465 5.206   1.00 33.02  ? 29  THR A C   1 
ATOM   244  O  O   . THR A 1 30  ? -8.690  -10.707 4.444   1.00 35.57  ? 29  THR A O   1 
ATOM   245  C  CB  . THR A 1 30  ? -10.018 -12.627 6.152   1.00 28.62  ? 29  THR A CB  1 
ATOM   246  O  OG1 . THR A 1 30  ? -9.964  -11.640 7.167   1.00 30.45  ? 29  THR A OG1 1 
ATOM   247  C  CG2 . THR A 1 30  ? -10.689 -13.862 6.697   1.00 29.38  ? 29  THR A CG2 1 
ATOM   248  N  N   . LYS A 1 31  ? -6.761  -11.155 5.625   1.00 33.76  ? 30  LYS A N   1 
ATOM   249  C  CA  . LYS A 1 31  ? -6.160  -9.804  5.439   1.00 31.61  ? 30  LYS A CA  1 
ATOM   250  C  C   . LYS A 1 31  ? -5.059  -9.822  4.372   1.00 33.43  ? 30  LYS A C   1 
ATOM   251  O  O   . LYS A 1 31  ? -4.302  -10.810 4.246   1.00 31.54  ? 30  LYS A O   1 
ATOM   252  C  CB  . LYS A 1 31  ? -5.591  -9.282  6.756   1.00 34.54  ? 30  LYS A CB  1 
ATOM   253  C  CG  . LYS A 1 31  ? -6.620  -9.006  7.846   1.00 35.99  ? 30  LYS A CG  1 
ATOM   254  C  CD  . LYS A 1 31  ? -7.783  -8.169  7.367   1.00 38.22  ? 30  LYS A CD  1 
ATOM   255  C  CE  . LYS A 1 31  ? -8.986  -8.263  8.286   1.00 40.09  ? 30  LYS A CE  1 
ATOM   256  N  NZ  . LYS A 1 31  ? -8.605  -8.109  9.703   1.00 38.46  ? 30  LYS A NZ  1 
ATOM   257  N  N   . ILE A 1 32  ? -4.950  -8.725  3.630   1.00 32.38  ? 31  ILE A N   1 
ATOM   258  C  CA  . ILE A 1 32  ? -3.853  -8.520  2.646   1.00 31.33  ? 31  ILE A CA  1 
ATOM   259  C  C   . ILE A 1 32  ? -2.800  -7.689  3.370   1.00 32.88  ? 31  ILE A C   1 
ATOM   260  O  O   . ILE A 1 32  ? -3.115  -6.666  3.960   1.00 35.93  ? 31  ILE A O   1 
ATOM   261  C  CB  . ILE A 1 32  ? -4.407  -7.878  1.349   1.00 28.24  ? 31  ILE A CB  1 
ATOM   262  C  CG1 . ILE A 1 32  ? -5.467  -8.768  0.699   1.00 27.06  ? 31  ILE A CG1 1 
ATOM   263  C  CG2 . ILE A 1 32  ? -3.301  -7.537  0.374   1.00 27.44  ? 31  ILE A CG2 1 
ATOM   264  C  CD1 . ILE A 1 32  ? -5.004  -10.208 0.383   1.00 28.45  ? 31  ILE A CD1 1 
ATOM   265  N  N   . PRO A 1 33  ? -1.535  -8.143  3.415   1.00 31.84  ? 32  PRO A N   1 
ATOM   266  C  CA  . PRO A 1 33  ? -0.453  -7.352  3.995   1.00 32.38  ? 32  PRO A CA  1 
ATOM   267  C  C   . PRO A 1 33  ? 0.023   -6.274  3.018   1.00 31.28  ? 32  PRO A C   1 
ATOM   268  O  O   . PRO A 1 33  ? 0.568   -6.611  1.967   1.00 29.49  ? 32  PRO A O   1 
ATOM   269  C  CB  . PRO A 1 33  ? 0.636   -8.394  4.249   1.00 31.85  ? 32  PRO A CB  1 
ATOM   270  C  CG  . PRO A 1 33  ? 0.416   -9.427  3.157   1.00 32.37  ? 32  PRO A CG  1 
ATOM   271  C  CD  . PRO A 1 33  ? -1.082  -9.463  2.953   1.00 32.55  ? 32  PRO A CD  1 
ATOM   272  N  N   . VAL A 1 34  ? -0.186  -5.009  3.383   1.00 29.26  ? 33  VAL A N   1 
ATOM   273  C  CA  . VAL A 1 34  ? 0.082   -3.879  2.464   1.00 31.69  ? 33  VAL A CA  1 
ATOM   274  C  C   . VAL A 1 34  ? 1.130   -2.970  3.107   1.00 31.48  ? 33  VAL A C   1 
ATOM   275  O  O   . VAL A 1 34  ? 1.038   -2.705  4.300   1.00 32.93  ? 33  VAL A O   1 
ATOM   276  C  CB  . VAL A 1 34  ? -1.211  -3.152  2.051   1.00 29.98  ? 33  VAL A CB  1 
ATOM   277  C  CG1 . VAL A 1 34  ? -0.872  -2.040  1.090   1.00 33.14  ? 33  VAL A CG1 1 
ATOM   278  C  CG2 . VAL A 1 34  ? -2.241  -4.105  1.443   1.00 28.63  ? 33  VAL A CG2 1 
ATOM   279  N  N   . ILE A 1 35  ? 2.151   -2.637  2.329   1.00 33.21  ? 34  ILE A N   1 
ATOM   280  C  CA  . ILE A 1 35  ? 3.150   -1.587  2.629   1.00 32.57  ? 34  ILE A CA  1 
ATOM   281  C  C   . ILE A 1 35  ? 2.747   -0.330  1.881   1.00 32.40  ? 34  ILE A C   1 
ATOM   282  O  O   . ILE A 1 35  ? 2.635   -0.407  0.659   1.00 32.83  ? 34  ILE A O   1 
ATOM   283  C  CB  . ILE A 1 35  ? 4.529   -2.066  2.181   1.00 36.84  ? 34  ILE A CB  1 
ATOM   284  C  CG1 . ILE A 1 35  ? 4.915   -3.366  2.896   1.00 35.62  ? 34  ILE A CG1 1 
ATOM   285  C  CG2 . ILE A 1 35  ? 5.558   -0.964  2.384   1.00 38.26  ? 34  ILE A CG2 1 
ATOM   286  C  CD1 . ILE A 1 35  ? 4.726   -3.324  4.394   1.00 35.27  ? 34  ILE A CD1 1 
ATOM   287  N  N   . ILE A 1 36  ? 2.505   0.758   2.604   1.00 30.78  ? 35  ILE A N   1 
ATOM   288  C  CA  . ILE A 1 36  ? 2.111   2.060   1.994   1.00 35.96  ? 35  ILE A CA  1 
ATOM   289  C  C   . ILE A 1 36  ? 3.122   3.118   2.436   1.00 36.94  ? 35  ILE A C   1 
ATOM   290  O  O   . ILE A 1 36  ? 3.319   3.316   3.641   1.00 37.57  ? 35  ILE A O   1 
ATOM   291  C  CB  . ILE A 1 36  ? 0.674   2.448   2.364   1.00 37.53  ? 35  ILE A CB  1 
ATOM   292  C  CG1 . ILE A 1 36  ? -0.258  1.232   2.249   1.00 37.53  ? 35  ILE A CG1 1 
ATOM   293  C  CG2 . ILE A 1 36  ? 0.246   3.634   1.507   1.00 36.83  ? 35  ILE A CG2 1 
ATOM   294  C  CD1 . ILE A 1 36  ? -1.719  1.509   2.517   1.00 38.56  ? 35  ILE A CD1 1 
ATOM   295  N  N   . GLU A 1 37  ? 3.761   3.734   1.452   1.00 41.71  ? 36  GLU A N   1 
ATOM   296  C  CA  . GLU A 1 37  ? 4.923   4.636   1.626   1.00 42.81  ? 36  GLU A CA  1 
ATOM   297  C  C   . GLU A 1 37  ? 4.672   5.896   0.798   1.00 39.95  ? 36  GLU A C   1 
ATOM   298  O  O   . GLU A 1 37  ? 4.138   5.801   -0.289  1.00 38.66  ? 36  GLU A O   1 
ATOM   299  C  CB  . GLU A 1 37  ? 6.205   3.882   1.250   1.00 41.49  ? 36  GLU A CB  1 
ATOM   300  C  CG  . GLU A 1 37  ? 6.593   2.858   2.303   1.00 43.16  ? 36  GLU A CG  1 
ATOM   301  C  CD  . GLU A 1 37  ? 7.883   2.106   2.041   1.00 47.42  ? 36  GLU A CD  1 
ATOM   302  O  OE1 . GLU A 1 37  ? 7.967   1.376   1.028   1.00 46.31  ? 36  GLU A OE1 1 
ATOM   303  O  OE2 . GLU A 1 37  ? 8.801   2.234   2.870   1.00 56.99  ? 36  GLU A OE2 1 
ATOM   304  N  N   . ARG A 1 38  ? 5.010   7.047   1.350   1.00 43.41  ? 37  ARG A N   1 
ATOM   305  C  CA  . ARG A 1 38  ? 5.031   8.318   0.609   1.00 40.97  ? 37  ARG A CA  1 
ATOM   306  C  C   . ARG A 1 38  ? 6.217   8.310   -0.360  1.00 44.34  ? 37  ARG A C   1 
ATOM   307  O  O   . ARG A 1 38  ? 7.324   7.859   0.022   1.00 42.41  ? 37  ARG A O   1 
ATOM   308  C  CB  . ARG A 1 38  ? 5.113   9.508   1.568   1.00 41.42  ? 37  ARG A CB  1 
ATOM   309  C  CG  . ARG A 1 38  ? 5.024   10.828  0.815   1.00 47.80  ? 37  ARG A CG  1 
ATOM   310  C  CD  . ARG A 1 38  ? 4.869   12.021  1.713   1.00 52.51  ? 37  ARG A CD  1 
ATOM   311  N  NE  . ARG A 1 38  ? 6.062   12.261  2.487   1.00 54.18  ? 37  ARG A NE  1 
ATOM   312  C  CZ  . ARG A 1 38  ? 6.405   13.443  2.963   1.00 64.23  ? 37  ARG A CZ  1 
ATOM   313  N  NH1 . ARG A 1 38  ? 5.642   14.503  2.729   1.00 65.47  ? 37  ARG A NH1 1 
ATOM   314  N  NH2 . ARG A 1 38  ? 7.519   13.559  3.663   1.00 68.00  ? 37  ARG A NH2 1 
ATOM   315  N  N   . TYR A 1 39  ? 5.979   8.811   -1.571  1.00 49.91  ? 38  TYR A N   1 
ATOM   316  C  CA  . TYR A 1 39  ? 7.001   9.067   -2.611  1.00 54.77  ? 38  TYR A CA  1 
ATOM   317  C  C   . TYR A 1 39  ? 8.152   9.856   -1.981  1.00 57.78  ? 38  TYR A C   1 
ATOM   318  O  O   . TYR A 1 39  ? 7.883   10.747  -1.149  1.00 52.02  ? 38  TYR A O   1 
ATOM   319  C  CB  . TYR A 1 39  ? 6.342   9.808   -3.770  1.00 63.95  ? 38  TYR A CB  1 
ATOM   320  C  CG  . TYR A 1 39  ? 7.289   10.238  -4.856  1.00 71.87  ? 38  TYR A CG  1 
ATOM   321  C  CD1 . TYR A 1 39  ? 8.117   9.321   -5.486  1.00 73.54  ? 38  TYR A CD1 1 
ATOM   322  C  CD2 . TYR A 1 39  ? 7.336   11.563  -5.266  1.00 75.56  ? 38  TYR A CD2 1 
ATOM   323  C  CE1 . TYR A 1 39  ? 8.976   9.717   -6.497  1.00 78.10  ? 38  TYR A CE1 1 
ATOM   324  C  CE2 . TYR A 1 39  ? 8.185   11.973  -6.278  1.00 78.54  ? 38  TYR A CE2 1 
ATOM   325  C  CZ  . TYR A 1 39  ? 9.011   11.048  -6.888  1.00 82.91  ? 38  TYR A CZ  1 
ATOM   326  O  OH  . TYR A 1 39  ? 9.842   11.462  -7.887  1.00 103.76 ? 38  TYR A OH  1 
ATOM   327  N  N   . LYS A 1 40  ? 9.404   9.541   -2.326  1.00 66.83  ? 39  LYS A N   1 
ATOM   328  C  CA  . LYS A 1 40  ? 10.577  10.168  -1.657  1.00 66.49  ? 39  LYS A CA  1 
ATOM   329  C  C   . LYS A 1 40  ? 10.651  11.632  -2.102  1.00 61.10  ? 39  LYS A C   1 
ATOM   330  O  O   . LYS A 1 40  ? 11.038  12.450  -1.276  1.00 49.92  ? 39  LYS A O   1 
ATOM   331  C  CB  . LYS A 1 40  ? 11.861  9.371   -1.891  1.00 76.95  ? 39  LYS A CB  1 
ATOM   332  C  CG  . LYS A 1 40  ? 12.340  9.278   -3.335  1.00 91.96  ? 39  LYS A CG  1 
ATOM   333  C  CD  . LYS A 1 40  ? 13.128  8.007   -3.626  1.00 106.13 ? 39  LYS A CD  1 
ATOM   334  C  CE  . LYS A 1 40  ? 14.008  7.547   -2.475  1.00 116.99 ? 39  LYS A CE  1 
ATOM   335  N  NZ  . LYS A 1 40  ? 14.973  8.593   -2.056  1.00 121.87 ? 39  LYS A NZ  1 
ATOM   336  N  N   . GLY A 1 41  ? 10.167  11.963  -3.305  1.00 56.80  ? 40  GLY A N   1 
ATOM   337  C  CA  . GLY A 1 41  ? 10.064  13.362  -3.776  1.00 56.67  ? 40  GLY A CA  1 
ATOM   338  C  C   . GLY A 1 41  ? 8.986   14.205  -3.079  1.00 61.46  ? 40  GLY A C   1 
ATOM   339  O  O   . GLY A 1 41  ? 9.147   15.449  -3.016  1.00 60.37  ? 40  GLY A O   1 
ATOM   340  N  N   . GLU A 1 42  ? 7.917   13.593  -2.563  1.00 63.30  ? 41  GLU A N   1 
ATOM   341  C  CA  . GLU A 1 42  ? 6.645   14.284  -2.207  1.00 60.24  ? 41  GLU A CA  1 
ATOM   342  C  C   . GLU A 1 42  ? 6.861   15.470  -1.249  1.00 68.09  ? 41  GLU A C   1 
ATOM   343  O  O   . GLU A 1 42  ? 7.624   15.335  -0.273  1.00 60.70  ? 41  GLU A O   1 
ATOM   344  C  CB  . GLU A 1 42  ? 5.658   13.289  -1.599  1.00 62.71  ? 41  GLU A CB  1 
ATOM   345  C  CG  . GLU A 1 42  ? 4.324   13.908  -1.216  1.00 54.14  ? 41  GLU A CG  1 
ATOM   346  C  CD  . GLU A 1 42  ? 3.538   14.533  -2.348  1.00 47.37  ? 41  GLU A CD  1 
ATOM   347  O  OE1 . GLU A 1 42  ? 3.587   14.009  -3.487  1.00 47.47  ? 41  GLU A OE1 1 
ATOM   348  O  OE2 . GLU A 1 42  ? 2.837   15.527  -2.079  1.00 50.96  ? 41  GLU A OE2 1 
ATOM   349  N  N   . LYS A 1 43  ? 6.152   16.575  -1.521  1.00 71.12  ? 42  LYS A N   1 
ATOM   350  C  CA  . LYS A 1 43  ? 6.241   17.873  -0.811  1.00 78.35  ? 42  LYS A CA  1 
ATOM   351  C  C   . LYS A 1 43  ? 4.910   18.189  -0.127  1.00 77.29  ? 42  LYS A C   1 
ATOM   352  O  O   . LYS A 1 43  ? 4.952   18.633  1.019   1.00 86.44  ? 42  LYS A O   1 
ATOM   353  C  CB  . LYS A 1 43  ? 6.595   18.990  -1.799  1.00 87.46  ? 42  LYS A CB  1 
ATOM   354  C  CG  . LYS A 1 43  ? 7.944   18.844  -2.498  1.00 98.02  ? 42  LYS A CG  1 
ATOM   355  C  CD  . LYS A 1 43  ? 9.109   18.565  -1.553  1.00 99.54  ? 42  LYS A CD  1 
ATOM   356  C  CE  . LYS A 1 43  ? 10.461  18.749  -2.210  1.00 99.33  ? 42  LYS A CE  1 
ATOM   357  N  NZ  . LYS A 1 43  ? 11.518  19.039  -1.211  1.00 107.62 ? 42  LYS A NZ  1 
ATOM   358  N  N   . GLN A 1 44  ? 3.777   17.965  -0.799  1.00 73.69  ? 43  GLN A N   1 
ATOM   359  C  CA  . GLN A 1 44  ? 2.442   18.466  -0.361  1.00 68.71  ? 43  GLN A CA  1 
ATOM   360  C  C   . GLN A 1 44  ? 1.853   17.553  0.733   1.00 63.10  ? 43  GLN A C   1 
ATOM   361  O  O   . GLN A 1 44  ? 1.521   18.065  1.815   1.00 65.02  ? 43  GLN A O   1 
ATOM   362  C  CB  . GLN A 1 44  ? 1.482   18.595  -1.553  1.00 79.36  ? 43  GLN A CB  1 
ATOM   363  C  CG  . GLN A 1 44  ? 2.068   19.284  -2.786  1.00 92.63  ? 43  GLN A CG  1 
ATOM   364  C  CD  . GLN A 1 44  ? 2.784   20.580  -2.485  1.00 106.93 ? 43  GLN A CD  1 
ATOM   365  O  OE1 . GLN A 1 44  ? 2.317   21.412  -1.708  1.00 114.71 ? 43  GLN A OE1 1 
ATOM   366  N  NE2 . GLN A 1 44  ? 3.939   20.766  -3.107  1.00 117.11 ? 43  GLN A NE2 1 
ATOM   367  N  N   . LEU A 1 45  ? 1.702   16.252  0.476   1.00 53.18  ? 44  LEU A N   1 
ATOM   368  C  CA  . LEU A 1 45  ? 0.930   15.331  1.351   1.00 47.98  ? 44  LEU A CA  1 
ATOM   369  C  C   . LEU A 1 45  ? 1.779   14.993  2.570   1.00 42.49  ? 44  LEU A C   1 
ATOM   370  O  O   . LEU A 1 45  ? 2.993   14.926  2.462   1.00 39.09  ? 44  LEU A O   1 
ATOM   371  C  CB  . LEU A 1 45  ? 0.580   14.057  0.573   1.00 50.80  ? 44  LEU A CB  1 
ATOM   372  C  CG  . LEU A 1 45  ? -0.265  14.245  -0.686  1.00 48.34  ? 44  LEU A CG  1 
ATOM   373  C  CD1 . LEU A 1 45  ? -0.452  12.928  -1.394  1.00 46.91  ? 44  LEU A CD1 1 
ATOM   374  C  CD2 . LEU A 1 45  ? -1.615  14.874  -0.376  1.00 44.47  ? 44  LEU A CD2 1 
ATOM   375  N  N   . PRO A 1 46  ? 1.169   14.720  3.745   1.00 42.30  ? 45  PRO A N   1 
ATOM   376  C  CA  . PRO A 1 46  ? 1.910   14.244  4.912   1.00 43.77  ? 45  PRO A CA  1 
ATOM   377  C  C   . PRO A 1 46  ? 2.338   12.780  4.811   1.00 44.61  ? 45  PRO A C   1 
ATOM   378  O  O   . PRO A 1 46  ? 1.899   12.099  3.912   1.00 43.47  ? 45  PRO A O   1 
ATOM   379  C  CB  . PRO A 1 46  ? 0.933   14.347  6.090   1.00 45.06  ? 45  PRO A CB  1 
ATOM   380  C  CG  . PRO A 1 46  ? -0.443  14.542  5.480   1.00 45.67  ? 45  PRO A CG  1 
ATOM   381  C  CD  . PRO A 1 46  ? -0.260  14.887  4.014   1.00 44.75  ? 45  PRO A CD  1 
ATOM   382  N  N   . VAL A 1 47  ? 3.165   12.349  5.760   1.00 45.62  ? 46  VAL A N   1 
ATOM   383  C  CA  . VAL A 1 47  ? 3.483   10.917  5.989   1.00 47.41  ? 46  VAL A CA  1 
ATOM   384  C  C   . VAL A 1 47  ? 2.367   10.311  6.845   1.00 49.67  ? 46  VAL A C   1 
ATOM   385  O  O   . VAL A 1 47  ? 1.762   11.057  7.654   1.00 43.07  ? 46  VAL A O   1 
ATOM   386  C  CB  . VAL A 1 47  ? 4.855   10.721  6.658   1.00 50.59  ? 46  VAL A CB  1 
ATOM   387  C  CG1 . VAL A 1 47  ? 5.953   11.427  5.879   1.00 53.80  ? 46  VAL A CG1 1 
ATOM   388  C  CG2 . VAL A 1 47  ? 4.854   11.139  8.127   1.00 53.06  ? 46  VAL A CG2 1 
ATOM   389  N  N   . LEU A 1 48  ? 2.173   8.993   6.699   1.00 49.46  ? 47  LEU A N   1 
ATOM   390  C  CA  . LEU A 1 48  ? 1.228   8.174   7.497   1.00 46.21  ? 47  LEU A CA  1 
ATOM   391  C  C   . LEU A 1 48  ? 1.823   7.953   8.883   1.00 44.12  ? 47  LEU A C   1 
ATOM   392  O  O   . LEU A 1 48  ? 3.049   8.031   9.054   1.00 47.96  ? 47  LEU A O   1 
ATOM   393  C  CB  . LEU A 1 48  ? 0.981   6.824   6.811   1.00 47.99  ? 47  LEU A CB  1 
ATOM   394  C  CG  . LEU A 1 48  ? 0.208   6.884   5.494   1.00 44.81  ? 47  LEU A CG  1 
ATOM   395  C  CD1 . LEU A 1 48  ? 0.418   5.619   4.687   1.00 46.78  ? 47  LEU A CD1 1 
ATOM   396  C  CD2 . LEU A 1 48  ? -1.268  7.115   5.743   1.00 44.24  ? 47  LEU A CD2 1 
ATOM   397  N  N   . ASP A 1 49  ? 0.954   7.582   9.805   1.00 41.22  ? 48  ASP A N   1 
ATOM   398  C  CA  . ASP A 1 49  ? 1.296   7.239   11.198  1.00 40.76  ? 48  ASP A CA  1 
ATOM   399  C  C   . ASP A 1 49  ? 1.987   5.865   11.244  1.00 43.24  ? 48  ASP A C   1 
ATOM   400  O  O   . ASP A 1 49  ? 2.533   5.505   12.321  1.00 42.05  ? 48  ASP A O   1 
ATOM   401  C  CB  . ASP A 1 49  ? -0.001  7.312   12.003  1.00 42.54  ? 48  ASP A CB  1 
ATOM   402  C  CG  . ASP A 1 49  ? -1.038  6.308   11.518  1.00 48.35  ? 48  ASP A CG  1 
ATOM   403  O  OD1 . ASP A 1 49  ? -1.197  5.269   12.196  1.00 51.89  ? 48  ASP A OD1 1 
ATOM   404  O  OD2 . ASP A 1 49  ? -1.658  6.547   10.455  1.00 44.77  ? 48  ASP A OD2 1 
ATOM   405  N  N   . LYS A 1 50  ? 1.939   5.086   10.152  1.00 42.47  ? 49  LYS A N   1 
ATOM   406  C  CA  . LYS A 1 50  ? 2.497   3.702   10.107  1.00 39.85  ? 49  LYS A CA  1 
ATOM   407  C  C   . LYS A 1 50  ? 2.690   3.304   8.642   1.00 40.12  ? 49  LYS A C   1 
ATOM   408  O  O   . LYS A 1 50  ? 2.180   4.029   7.747   1.00 44.46  ? 49  LYS A O   1 
ATOM   409  C  CB  . LYS A 1 50  ? 1.608   2.730   10.896  1.00 40.28  ? 49  LYS A CB  1 
ATOM   410  C  CG  . LYS A 1 50  ? 0.582   1.930   10.099  1.00 45.83  ? 49  LYS A CG  1 
ATOM   411  C  CD  . LYS A 1 50  ? -0.270  0.957   10.931  1.00 49.87  ? 49  LYS A CD  1 
ATOM   412  C  CE  . LYS A 1 50  ? -1.625  0.704   10.287  1.00 47.19  ? 49  LYS A CE  1 
ATOM   413  N  NZ  . LYS A 1 50  ? -2.243  -0.565  10.710  1.00 45.09  ? 49  LYS A NZ  1 
ATOM   414  N  N   A THR A 1 51  ? 3.391   2.194   8.379   0.06 40.33  ? 50  THR A N   1 
ATOM   415  N  N   B THR A 1 51  ? 3.394   2.183   8.428   0.45 41.20  ? 50  THR A N   1 
ATOM   416  C  CA  A THR A 1 51  ? 3.727   1.731   7.002   0.06 39.97  ? 50  THR A CA  1 
ATOM   417  C  CA  B THR A 1 51  ? 3.835   1.660   7.105   0.45 42.24  ? 50  THR A CA  1 
ATOM   418  C  C   A THR A 1 51  ? 3.028   0.402   6.674   0.06 39.73  ? 50  THR A C   1 
ATOM   419  C  C   B THR A 1 51  ? 3.019   0.427   6.705   0.45 39.93  ? 50  THR A C   1 
ATOM   420  O  O   A THR A 1 51  ? 2.671   0.227   5.493   0.06 39.35  ? 50  THR A O   1 
ATOM   421  O  O   B THR A 1 51  ? 2.618   0.331   5.529   0.45 37.60  ? 50  THR A O   1 
ATOM   422  C  CB  A THR A 1 51  ? 5.246   1.658   6.797   0.06 39.65  ? 50  THR A CB  1 
ATOM   423  C  CB  B THR A 1 51  ? 5.318   1.271   7.133   0.45 42.29  ? 50  THR A CB  1 
ATOM   424  O  OG1 A THR A 1 51  ? 5.490   1.346   5.425   0.06 39.28  ? 50  THR A OG1 1 
ATOM   425  O  OG1 B THR A 1 51  ? 6.071   2.377   7.629   0.45 47.19  ? 50  THR A OG1 1 
ATOM   426  C  CG2 A THR A 1 51  ? 5.920   0.636   7.685   0.06 39.64  ? 50  THR A CG2 1 
ATOM   427  C  CG2 B THR A 1 51  ? 5.846   0.877   5.772   0.45 42.03  ? 50  THR A CG2 1 
ATOM   428  N  N   . LYS A 1 52  ? 2.841   -0.492  7.652   1.00 39.72  ? 51  LYS A N   1 
ATOM   429  C  CA  . LYS A 1 52  ? 2.252   -1.830  7.417   1.00 39.83  ? 51  LYS A CA  1 
ATOM   430  C  C   . LYS A 1 52  ? 0.761   -1.873  7.772   1.00 37.97  ? 51  LYS A C   1 
ATOM   431  O  O   . LYS A 1 52  ? 0.396   -1.480  8.891   1.00 37.78  ? 51  LYS A O   1 
ATOM   432  C  CB  . LYS A 1 52  ? 3.003   -2.829  8.279   1.00 38.88  ? 51  LYS A CB  1 
ATOM   433  C  CG  . LYS A 1 52  ? 2.815   -4.258  7.840   1.00 44.49  ? 51  LYS A CG  1 
ATOM   434  C  CD  . LYS A 1 52  ? 3.664   -5.174  8.648   1.00 45.41  ? 51  LYS A CD  1 
ATOM   435  C  CE  . LYS A 1 52  ? 3.350   -5.088  10.121  1.00 44.96  ? 51  LYS A CE  1 
ATOM   436  N  NZ  . LYS A 1 52  ? 3.784   -6.322  10.801  1.00 49.02  ? 51  LYS A NZ  1 
ATOM   437  N  N   . PHE A 1 53  ? -0.069  -2.340  6.841   1.00 38.94  ? 52  PHE A N   1 
ATOM   438  C  CA  . PHE A 1 53  ? -1.550  -2.305  6.946   1.00 36.53  ? 52  PHE A CA  1 
ATOM   439  C  C   . PHE A 1 53  ? -2.104  -3.681  6.627   1.00 38.70  ? 52  PHE A C   1 
ATOM   440  O  O   . PHE A 1 53  ? -1.624  -4.291  5.665   1.00 36.66  ? 52  PHE A O   1 
ATOM   441  C  CB  . PHE A 1 53  ? -2.122  -1.273  5.981   1.00 39.20  ? 52  PHE A CB  1 
ATOM   442  C  CG  . PHE A 1 53  ? -1.708  0.134   6.309   1.00 41.19  ? 52  PHE A CG  1 
ATOM   443  C  CD1 . PHE A 1 53  ? -0.458  0.604   5.938   1.00 42.88  ? 52  PHE A CD1 1 
ATOM   444  C  CD2 . PHE A 1 53  ? -2.548  0.969   7.024   1.00 44.22  ? 52  PHE A CD2 1 
ATOM   445  C  CE1 . PHE A 1 53  ? -0.065  1.903   6.234   1.00 43.74  ? 52  PHE A CE1 1 
ATOM   446  C  CE2 . PHE A 1 53  ? -2.152  2.268   7.320   1.00 47.32  ? 52  PHE A CE2 1 
ATOM   447  C  CZ  . PHE A 1 53  ? -0.913  2.735   6.925   1.00 43.84  ? 52  PHE A CZ  1 
ATOM   448  N  N   . LEU A 1 54  ? -3.081  -4.131  7.415   1.00 38.70  ? 53  LEU A N   1 
ATOM   449  C  CA  . LEU A 1 54  ? -3.867  -5.337  7.128   1.00 33.45  ? 53  LEU A CA  1 
ATOM   450  C  C   . LEU A 1 54  ? -5.204  -4.919  6.511   1.00 35.10  ? 53  LEU A C   1 
ATOM   451  O  O   . LEU A 1 54  ? -6.094  -4.483  7.238   1.00 35.35  ? 53  LEU A O   1 
ATOM   452  C  CB  . LEU A 1 54  ? -4.009  -6.116  8.439   1.00 35.31  ? 53  LEU A CB  1 
ATOM   453  C  CG  . LEU A 1 54  ? -2.687  -6.451  9.130   1.00 36.01  ? 53  LEU A CG  1 
ATOM   454  C  CD1 . LEU A 1 54  ? -2.906  -7.475  10.220  1.00 38.21  ? 53  LEU A CD1 1 
ATOM   455  C  CD2 . LEU A 1 54  ? -1.653  -6.970  8.154   1.00 37.00  ? 53  LEU A CD2 1 
ATOM   456  N  N   . VAL A 1 55  ? -5.366  -5.117  5.204   1.00 33.44  ? 54  VAL A N   1 
ATOM   457  C  CA  . VAL A 1 55  ? -6.570  -4.673  4.441   1.00 31.06  ? 54  VAL A CA  1 
ATOM   458  C  C   . VAL A 1 55  ? -7.504  -5.867  4.223   1.00 31.72  ? 54  VAL A C   1 
ATOM   459  O  O   . VAL A 1 55  ? -7.092  -6.879  3.661   1.00 31.94  ? 54  VAL A O   1 
ATOM   460  C  CB  . VAL A 1 55  ? -6.141  -3.997  3.120   1.00 30.98  ? 54  VAL A CB  1 
ATOM   461  C  CG1 . VAL A 1 55  ? -7.314  -3.416  2.358   1.00 30.02  ? 54  VAL A CG1 1 
ATOM   462  C  CG2 . VAL A 1 55  ? -5.112  -2.911  3.372   1.00 31.04  ? 54  VAL A CG2 1 
ATOM   463  N  N   . PRO A 1 56  ? -8.791  -5.800  4.662   1.00 32.00  ? 55  PRO A N   1 
ATOM   464  C  CA  . PRO A 1 56  ? -9.778  -6.824  4.338   1.00 30.29  ? 55  PRO A CA  1 
ATOM   465  C  C   . PRO A 1 56  ? -9.705  -7.117  2.840   1.00 29.93  ? 55  PRO A C   1 
ATOM   466  O  O   . PRO A 1 56  ? -9.712  -6.168  2.069   1.00 25.89  ? 55  PRO A O   1 
ATOM   467  C  CB  . PRO A 1 56  ? -11.140 -6.206  4.698   1.00 28.78  ? 55  PRO A CB  1 
ATOM   468  C  CG  . PRO A 1 56  ? -10.805 -5.139  5.726   1.00 31.89  ? 55  PRO A CG  1 
ATOM   469  C  CD  . PRO A 1 56  ? -9.377  -4.710  5.461   1.00 31.95  ? 55  PRO A CD  1 
ATOM   470  N  N   . ASP A 1 57  ? -9.667  -8.408  2.489   1.00 31.93  ? 56  ASP A N   1 
ATOM   471  C  CA  . ASP A 1 57  ? -9.334  -8.907  1.138   1.00 32.38  ? 56  ASP A CA  1 
ATOM   472  C  C   . ASP A 1 57  ? -10.482 -8.662  0.146   1.00 33.82  ? 56  ASP A C   1 
ATOM   473  O  O   . ASP A 1 57  ? -10.238 -8.875  -1.069  1.00 34.05  ? 56  ASP A O   1 
ATOM   474  C  CB  . ASP A 1 57  ? -8.845  -10.352 1.195   1.00 34.15  ? 56  ASP A CB  1 
ATOM   475  C  CG  . ASP A 1 57  ? -9.907  -11.439 1.274   1.00 35.24  ? 56  ASP A CG  1 
ATOM   476  O  OD1 . ASP A 1 57  ? -11.000 -11.150 1.766   1.00 41.73  ? 56  ASP A OD1 1 
ATOM   477  O  OD2 . ASP A 1 57  ? -9.598  -12.577 0.846   1.00 34.53  ? 56  ASP A OD2 1 
ATOM   478  N  N   . HIS A 1 58  ? -11.630 -8.176  0.617   1.00 34.06  ? 57  HIS A N   1 
ATOM   479  C  CA  . HIS A 1 58  ? -12.851 -7.958  -0.192  1.00 36.13  ? 57  HIS A CA  1 
ATOM   480  C  C   . HIS A 1 58  ? -12.952 -6.496  -0.655  1.00 36.10  ? 57  HIS A C   1 
ATOM   481  O  O   . HIS A 1 58  ? -13.649 -6.282  -1.669  1.00 33.43  ? 57  HIS A O   1 
ATOM   482  C  CB  . HIS A 1 58  ? -14.105 -8.393  0.578   1.00 37.32  ? 57  HIS A CB  1 
ATOM   483  C  CG  . HIS A 1 58  ? -14.330 -7.540  1.766   1.00 38.83  ? 57  HIS A CG  1 
ATOM   484  N  ND1 . HIS A 1 58  ? -14.854 -6.273  1.653   1.00 43.29  ? 57  HIS A ND1 1 
ATOM   485  C  CD2 . HIS A 1 58  ? -14.044 -7.734  3.069   1.00 40.50  ? 57  HIS A CD2 1 
ATOM   486  C  CE1 . HIS A 1 58  ? -14.924 -5.727  2.855   1.00 44.73  ? 57  HIS A CE1 1 
ATOM   487  N  NE2 . HIS A 1 58  ? -14.442 -6.610  3.739   1.00 45.20  ? 57  HIS A NE2 1 
ATOM   488  N  N   . VAL A 1 59  ? -12.277 -5.529  -0.023  1.00 31.90  ? 58  VAL A N   1 
ATOM   489  C  CA  . VAL A 1 59  ? -12.387 -4.103  -0.482  1.00 37.15  ? 58  VAL A CA  1 
ATOM   490  C  C   . VAL A 1 59  ? -11.688 -3.944  -1.862  1.00 35.53  ? 58  VAL A C   1 
ATOM   491  O  O   . VAL A 1 59  ? -10.641 -4.521  -2.060  1.00 36.50  ? 58  VAL A O   1 
ATOM   492  C  CB  . VAL A 1 59  ? -11.852 -3.089  0.562   1.00 34.68  ? 58  VAL A CB  1 
ATOM   493  C  CG1 . VAL A 1 59  ? -12.262 -3.457  1.975   1.00 33.59  ? 58  VAL A CG1 1 
ATOM   494  C  CG2 . VAL A 1 59  ? -10.346 -2.937  0.474   1.00 34.02  ? 58  VAL A CG2 1 
ATOM   495  N  N   . ASN A 1 60  ? -12.238 -3.161  -2.796  1.00 36.75  ? 59  ASN A N   1 
ATOM   496  C  CA  . ASN A 1 60  ? -11.559 -2.842  -4.086  1.00 35.86  ? 59  ASN A CA  1 
ATOM   497  C  C   . ASN A 1 60  ? -10.618 -1.639  -3.918  1.00 33.88  ? 59  ASN A C   1 
ATOM   498  O  O   . ASN A 1 60  ? -10.617 -0.997  -2.836  1.00 27.06  ? 59  ASN A O   1 
ATOM   499  C  CB  . ASN A 1 60  ? -12.559 -2.653  -5.228  1.00 36.26  ? 59  ASN A CB  1 
ATOM   500  C  CG  . ASN A 1 60  ? -13.450 -1.446  -5.053  1.00 40.85  ? 59  ASN A CG  1 
ATOM   501  O  OD1 . ASN A 1 60  ? -13.084 -0.474  -4.397  1.00 48.18  ? 59  ASN A OD1 1 
ATOM   502  N  ND2 . ASN A 1 60  ? -14.624 -1.492  -5.655  1.00 42.46  ? 59  ASN A ND2 1 
ATOM   503  N  N   . MET A 1 61  ? -9.829  -1.346  -4.955  1.00 33.97  ? 60  MET A N   1 
ATOM   504  C  CA  . MET A 1 61  ? -8.775  -0.304  -4.910  1.00 36.70  ? 60  MET A CA  1 
ATOM   505  C  C   . MET A 1 61  ? -9.393  1.090   -4.707  1.00 34.86  ? 60  MET A C   1 
ATOM   506  O  O   . MET A 1 61  ? -8.764  1.966   -4.057  1.00 35.10  ? 60  MET A O   1 
ATOM   507  C  CB  . MET A 1 61  ? -7.906  -0.327  -6.176  1.00 36.28  ? 60  MET A CB  1 
ATOM   508  C  CG  . MET A 1 61  ? -7.040  -1.552  -6.287  1.00 38.26  ? 60  MET A CG  1 
ATOM   509  S  SD  . MET A 1 61  ? -6.081  -1.923  -4.784  1.00 45.64  ? 60  MET A SD  1 
ATOM   510  C  CE  . MET A 1 61  ? -5.145  -0.412  -4.577  1.00 40.97  ? 60  MET A CE  1 
ATOM   511  N  N   A SER A 1 62  ? -10.589 1.304   -5.250  0.47 34.03  ? 61  SER A N   1 
ATOM   512  N  N   B SER A 1 62  ? -10.597 1.308   -5.249  0.04 34.49  ? 61  SER A N   1 
ATOM   513  C  CA  A SER A 1 62  ? -11.331 2.582   -5.107  0.47 35.60  ? 61  SER A CA  1 
ATOM   514  C  CA  B SER A 1 62  ? -11.363 2.576   -5.113  0.04 34.15  ? 61  SER A CA  1 
ATOM   515  C  C   A SER A 1 62  ? -11.594 2.853   -3.616  0.47 34.82  ? 61  SER A C   1 
ATOM   516  C  C   B SER A 1 62  ? -11.637 2.857   -3.629  0.04 33.94  ? 61  SER A C   1 
ATOM   517  O  O   A SER A 1 62  ? -11.457 4.009   -3.192  0.47 34.81  ? 61  SER A O   1 
ATOM   518  O  O   B SER A 1 62  ? -11.544 4.033   -3.227  0.04 34.06  ? 61  SER A O   1 
ATOM   519  C  CB  A SER A 1 62  ? -12.598 2.547   -5.912  0.47 35.93  ? 61  SER A CB  1 
ATOM   520  C  CB  B SER A 1 62  ? -12.639 2.538   -5.917  0.04 33.95  ? 61  SER A CB  1 
ATOM   521  O  OG  A SER A 1 62  ? -13.406 3.669   -5.614  0.47 39.99  ? 61  SER A OG  1 
ATOM   522  O  OG  B SER A 1 62  ? -13.641 1.784   -5.250  0.04 33.78  ? 61  SER A OG  1 
ATOM   523  N  N   . GLU A 1 63  ? -11.949 1.816   -2.847  1.00 33.34  ? 62  GLU A N   1 
ATOM   524  C  CA  . GLU A 1 63  ? -12.234 1.961   -1.397  1.00 33.50  ? 62  GLU A CA  1 
ATOM   525  C  C   . GLU A 1 63  ? -10.905 2.088   -0.630  1.00 34.84  ? 62  GLU A C   1 
ATOM   526  O  O   . GLU A 1 63  ? -10.870 2.849   0.328   1.00 34.00  ? 62  GLU A O   1 
ATOM   527  C  CB  . GLU A 1 63  ? -13.158 0.840   -0.917  1.00 33.48  ? 62  GLU A CB  1 
ATOM   528  C  CG  . GLU A 1 63  ? -13.438 0.852   0.573   1.00 33.35  ? 62  GLU A CG  1 
ATOM   529  C  CD  . GLU A 1 63  ? -14.042 2.139   1.135   1.00 35.83  ? 62  GLU A CD  1 
ATOM   530  O  OE1 . GLU A 1 63  ? -14.658 2.908   0.355   1.00 38.31  ? 62  GLU A OE1 1 
ATOM   531  O  OE2 . GLU A 1 63  ? -13.895 2.387   2.349   1.00 31.08  ? 62  GLU A OE2 1 
ATOM   532  N  N   . LEU A 1 64  ? -9.825  1.424   -1.045  1.00 34.56  ? 63  LEU A N   1 
ATOM   533  C  CA  . LEU A 1 64  ? -8.507  1.600   -0.378  1.00 35.27  ? 63  LEU A CA  1 
ATOM   534  C  C   . LEU A 1 64  ? -8.033  3.041   -0.559  1.00 38.48  ? 63  LEU A C   1 
ATOM   535  O  O   . LEU A 1 64  ? -7.404  3.590   0.373   1.00 39.63  ? 63  LEU A O   1 
ATOM   536  C  CB  . LEU A 1 64  ? -7.453  0.619   -0.897  1.00 32.61  ? 63  LEU A CB  1 
ATOM   537  C  CG  . LEU A 1 64  ? -6.126  0.634   -0.137  1.00 31.28  ? 63  LEU A CG  1 
ATOM   538  C  CD1 . LEU A 1 64  ? -6.319  0.460   1.351   1.00 31.84  ? 63  LEU A CD1 1 
ATOM   539  C  CD2 . LEU A 1 64  ? -5.179  -0.430  -0.669  1.00 31.82  ? 63  LEU A CD2 1 
ATOM   540  N  N   . ILE A 1 65  ? -8.319  3.658   -1.692  1.00 38.26  ? 64  ILE A N   1 
ATOM   541  C  CA  . ILE A 1 65  ? -7.886  5.067   -1.916  1.00 36.88  ? 64  ILE A CA  1 
ATOM   542  C  C   . ILE A 1 65  ? -8.642  5.941   -0.918  1.00 35.41  ? 64  ILE A C   1 
ATOM   543  O  O   . ILE A 1 65  ? -8.007  6.828   -0.291  1.00 29.57  ? 64  ILE A O   1 
ATOM   544  C  CB  . ILE A 1 65  ? -8.095  5.490   -3.393  1.00 43.84  ? 64  ILE A CB  1 
ATOM   545  C  CG1 . ILE A 1 65  ? -7.076  4.805   -4.318  1.00 41.64  ? 64  ILE A CG1 1 
ATOM   546  C  CG2 . ILE A 1 65  ? -8.076  7.018   -3.544  1.00 44.90  ? 64  ILE A CG2 1 
ATOM   547  C  CD1 . ILE A 1 65  ? -7.503  4.742   -5.784  1.00 43.04  ? 64  ILE A CD1 1 
ATOM   548  N  N   . LYS A 1 66  ? -9.952  5.696   -0.769  1.00 35.44  ? 65  LYS A N   1 
ATOM   549  C  CA  . LYS A 1 66  ? -10.824 6.441   0.176   1.00 34.54  ? 65  LYS A CA  1 
ATOM   550  C  C   . LYS A 1 66  ? -10.337 6.274   1.614   1.00 34.45  ? 65  LYS A C   1 
ATOM   551  O  O   . LYS A 1 66  ? -10.250 7.276   2.342   1.00 33.55  ? 65  LYS A O   1 
ATOM   552  C  CB  . LYS A 1 66  ? -12.259 5.958   0.032   1.00 36.28  ? 65  LYS A CB  1 
ATOM   553  C  CG  . LYS A 1 66  ? -12.934 6.570   -1.172  1.00 35.58  ? 65  LYS A CG  1 
ATOM   554  C  CD  . LYS A 1 66  ? -14.318 6.079   -1.431  1.00 39.97  ? 65  LYS A CD  1 
ATOM   555  C  CE  . LYS A 1 66  ? -14.796 6.562   -2.789  1.00 44.74  ? 65  LYS A CE  1 
ATOM   556  N  NZ  . LYS A 1 66  ? -15.111 5.423   -3.674  1.00 49.03  ? 65  LYS A NZ  1 
ATOM   557  N  N   . ILE A 1 67  ? -10.072 5.042   2.008   1.00 33.21  ? 66  ILE A N   1 
ATOM   558  C  CA  . ILE A 1 67  ? -9.468  4.703   3.317   1.00 32.27  ? 66  ILE A CA  1 
ATOM   559  C  C   . ILE A 1 67  ? -8.197  5.530   3.599   1.00 31.96  ? 66  ILE A C   1 
ATOM   560  O  O   . ILE A 1 67  ? -8.081  6.092   4.712   1.00 34.53  ? 66  ILE A O   1 
ATOM   561  C  CB  . ILE A 1 67  ? -9.171  3.198   3.417   1.00 30.24  ? 66  ILE A CB  1 
ATOM   562  C  CG1 . ILE A 1 67  ? -10.431 2.341   3.526   1.00 31.30  ? 66  ILE A CG1 1 
ATOM   563  C  CG2 . ILE A 1 67  ? -8.247  2.965   4.598   1.00 34.66  ? 66  ILE A CG2 1 
ATOM   564  C  CD1 . ILE A 1 67  ? -10.208 0.858   3.207   1.00 29.56  ? 66  ILE A CD1 1 
ATOM   565  N  N   A ILE A 1 68  ? -7.262  5.598   2.646   0.17 33.07  ? 67  ILE A N   1 
ATOM   566  N  N   B ILE A 1 68  ? -7.263  5.575   2.639   0.34 33.13  ? 67  ILE A N   1 
ATOM   567  C  CA  A ILE A 1 68  ? -5.927  6.234   2.867   0.17 33.36  ? 67  ILE A CA  1 
ATOM   568  C  CA  B ILE A 1 68  ? -5.925  6.226   2.800   0.34 33.41  ? 67  ILE A CA  1 
ATOM   569  C  C   A ILE A 1 68  ? -6.070  7.765   2.840   0.17 34.06  ? 67  ILE A C   1 
ATOM   570  C  C   B ILE A 1 68  ? -6.109  7.750   2.867   0.34 34.32  ? 67  ILE A C   1 
ATOM   571  O  O   A ILE A 1 68  ? -5.376  8.427   3.644   0.17 33.44  ? 67  ILE A O   1 
ATOM   572  O  O   B ILE A 1 68  ? -5.477  8.387   3.747   0.34 32.41  ? 67  ILE A O   1 
ATOM   573  C  CB  A ILE A 1 68  ? -4.883  5.703   1.865   0.17 34.42  ? 67  ILE A CB  1 
ATOM   574  C  CB  B ILE A 1 68  ? -4.956  5.815   1.674   0.34 35.78  ? 67  ILE A CB  1 
ATOM   575  C  CG1 A ILE A 1 68  ? -4.556  4.231   2.135   0.17 34.83  ? 67  ILE A CG1 1 
ATOM   576  C  CG1 B ILE A 1 68  ? -4.680  4.308   1.667   0.34 36.78  ? 67  ILE A CG1 1 
ATOM   577  C  CG2 A ILE A 1 68  ? -3.629  6.565   1.878   0.17 34.55  ? 67  ILE A CG2 1 
ATOM   578  C  CG2 B ILE A 1 68  ? -3.661  6.608   1.773   0.34 36.13  ? 67  ILE A CG2 1 
ATOM   579  C  CD1 A ILE A 1 68  ? -4.336  3.903   3.598   0.17 34.06  ? 67  ILE A CD1 1 
ATOM   580  C  CD1 B ILE A 1 68  ? -4.117  3.790   0.360   0.34 35.54  ? 67  ILE A CD1 1 
ATOM   581  N  N   . ARG A 1 69  ? -6.952  8.306   1.986   1.00 34.68  ? 68  ARG A N   1 
ATOM   582  C  CA  . ARG A 1 69  ? -7.308  9.755   1.991   1.00 33.54  ? 68  ARG A CA  1 
ATOM   583  C  C   . ARG A 1 69  ? -7.900  10.115  3.358   1.00 35.06  ? 68  ARG A C   1 
ATOM   584  O  O   . ARG A 1 69  ? -7.562  11.194  3.841   1.00 35.18  ? 68  ARG A O   1 
ATOM   585  C  CB  . ARG A 1 69  ? -8.296  10.165  0.888   1.00 33.26  ? 68  ARG A CB  1 
ATOM   586  C  CG  . ARG A 1 69  ? -7.744  10.172  -0.536  1.00 35.79  ? 68  ARG A CG  1 
ATOM   587  C  CD  . ARG A 1 69  ? -8.806  10.531  -1.587  1.00 37.30  ? 68  ARG A CD  1 
ATOM   588  N  NE  . ARG A 1 69  ? -9.146  11.943  -1.394  1.00 39.32  ? 68  ARG A NE  1 
ATOM   589  C  CZ  . ARG A 1 69  ? -8.469  12.999  -1.882  1.00 40.69  ? 68  ARG A CZ  1 
ATOM   590  N  NH1 . ARG A 1 69  ? -7.452  12.845  -2.725  1.00 39.31  ? 68  ARG A NH1 1 
ATOM   591  N  NH2 . ARG A 1 69  ? -8.833  14.225  -1.526  1.00 41.67  ? 68  ARG A NH2 1 
ATOM   592  N  N   . ARG A 1 70  ? -8.716  9.243   3.979   1.00 35.29  ? 69  ARG A N   1 
ATOM   593  C  CA  . ARG A 1 70  ? -9.302  9.521   5.323   1.00 32.78  ? 69  ARG A CA  1 
ATOM   594  C  C   . ARG A 1 70  ? -8.218  9.430   6.403   1.00 32.78  ? 69  ARG A C   1 
ATOM   595  O  O   . ARG A 1 70  ? -8.228  10.214  7.353   1.00 33.62  ? 69  ARG A O   1 
ATOM   596  C  CB  . ARG A 1 70  ? -10.428 8.550   5.674   1.00 35.15  ? 69  ARG A CB  1 
ATOM   597  C  CG  . ARG A 1 70  ? -11.737 8.794   4.929   1.00 35.69  ? 69  ARG A CG  1 
ATOM   598  C  CD  . ARG A 1 70  ? -12.937 8.094   5.575   1.00 36.28  ? 69  ARG A CD  1 
ATOM   599  N  NE  . ARG A 1 70  ? -13.065 6.645   5.354   1.00 34.71  ? 69  ARG A NE  1 
ATOM   600  C  CZ  . ARG A 1 70  ? -13.615 6.060   4.287   1.00 34.60  ? 69  ARG A CZ  1 
ATOM   601  N  NH1 . ARG A 1 70  ? -14.124 6.790   3.295   1.00 33.38  ? 69  ARG A NH1 1 
ATOM   602  N  NH2 . ARG A 1 70  ? -13.675 4.732   4.225   1.00 33.35  ? 69  ARG A NH2 1 
ATOM   603  N  N   . ARG A 1 71  ? -7.293  8.496   6.251   1.00 37.07  ? 70  ARG A N   1 
ATOM   604  C  CA  . ARG A 1 71  ? -6.187  8.277   7.216   1.00 37.47  ? 70  ARG A CA  1 
ATOM   605  C  C   . ARG A 1 71  ? -5.203  9.463   7.196   1.00 41.75  ? 70  ARG A C   1 
ATOM   606  O  O   . ARG A 1 71  ? -4.671  9.813   8.295   1.00 39.10  ? 70  ARG A O   1 
ATOM   607  C  CB  . ARG A 1 71  ? -5.501  6.953   6.899   1.00 34.12  ? 70  ARG A CB  1 
ATOM   608  C  CG  . ARG A 1 71  ? -4.483  6.579   7.955   1.00 37.15  ? 70  ARG A CG  1 
ATOM   609  C  CD  . ARG A 1 71  ? -4.755  5.224   8.525   1.00 40.25  ? 70  ARG A CD  1 
ATOM   610  N  NE  . ARG A 1 71  ? -3.930  4.900   9.680   1.00 41.88  ? 70  ARG A NE  1 
ATOM   611  C  CZ  . ARG A 1 71  ? -4.129  3.838   10.439  1.00 39.53  ? 70  ARG A CZ  1 
ATOM   612  N  NH1 . ARG A 1 71  ? -5.122  3.010   10.154  1.00 41.94  ? 70  ARG A NH1 1 
ATOM   613  N  NH2 . ARG A 1 71  ? -3.330  3.599   11.466  1.00 42.22  ? 70  ARG A NH2 1 
ATOM   614  N  N   . LEU A 1 72  ? -4.963  10.050  6.015   1.00 39.05  ? 71  LEU A N   1 
ATOM   615  C  CA  . LEU A 1 72  ? -4.115  11.266  5.853   1.00 43.94  ? 71  LEU A CA  1 
ATOM   616  C  C   . LEU A 1 72  ? -4.909  12.536  6.204   1.00 46.18  ? 71  LEU A C   1 
ATOM   617  O  O   . LEU A 1 72  ? -4.282  13.603  6.212   1.00 44.59  ? 71  LEU A O   1 
ATOM   618  C  CB  . LEU A 1 72  ? -3.613  11.359  4.412   1.00 44.28  ? 71  LEU A CB  1 
ATOM   619  C  CG  . LEU A 1 72  ? -2.622  10.287  3.971   1.00 45.78  ? 71  LEU A CG  1 
ATOM   620  C  CD1 . LEU A 1 72  ? -2.511  10.249  2.454   1.00 45.16  ? 71  LEU A CD1 1 
ATOM   621  C  CD2 . LEU A 1 72  ? -1.269  10.510  4.609   1.00 50.73  ? 71  LEU A CD2 1 
ATOM   622  N  N   . GLN A 1 73  ? -6.222  12.430  6.474   1.00 50.80  ? 72  GLN A N   1 
ATOM   623  C  CA  . GLN A 1 73  ? -7.097  13.569  6.855   1.00 50.04  ? 72  GLN A CA  1 
ATOM   624  C  C   . GLN A 1 73  ? -7.097  14.604  5.716   1.00 47.65  ? 72  GLN A C   1 
ATOM   625  O  O   . GLN A 1 73  ? -7.104  15.817  5.998   1.00 45.91  ? 72  GLN A O   1 
ATOM   626  C  CB  . GLN A 1 73  ? -6.624  14.164  8.191   1.00 54.04  ? 72  GLN A CB  1 
ATOM   627  C  CG  . GLN A 1 73  ? -7.088  13.425  9.446   1.00 58.92  ? 72  GLN A CG  1 
ATOM   628  C  CD  . GLN A 1 73  ? -8.550  13.667  9.765   1.00 73.13  ? 72  GLN A CD  1 
ATOM   629  O  OE1 . GLN A 1 73  ? -8.913  14.250  10.790  1.00 62.20  ? 72  GLN A OE1 1 
ATOM   630  N  NE2 . GLN A 1 73  ? -9.428  13.186  8.894   1.00 87.41  ? 72  GLN A NE2 1 
ATOM   631  N  N   . LEU A 1 74  ? -7.079  14.155  4.461   1.00 44.89  ? 73  LEU A N   1 
ATOM   632  C  CA  . LEU A 1 74  ? -7.077  15.068  3.283   1.00 48.90  ? 73  LEU A CA  1 
ATOM   633  C  C   . LEU A 1 74  ? -8.407  15.836  3.192   1.00 49.02  ? 73  LEU A C   1 
ATOM   634  O  O   . LEU A 1 74  ? -9.368  15.498  3.908   1.00 47.04  ? 73  LEU A O   1 
ATOM   635  C  CB  . LEU A 1 74  ? -6.830  14.282  1.985   1.00 47.95  ? 73  LEU A CB  1 
ATOM   636  C  CG  . LEU A 1 74  ? -5.466  13.588  1.835   1.00 46.82  ? 73  LEU A CG  1 
ATOM   637  C  CD1 . LEU A 1 74  ? -5.228  13.200  0.388   1.00 46.10  ? 73  LEU A CD1 1 
ATOM   638  C  CD2 . LEU A 1 74  ? -4.314  14.449  2.313   1.00 43.91  ? 73  LEU A CD2 1 
ATOM   639  N  N   . ASN A 1 75  ? -8.448  16.847  2.320   1.00 55.49  ? 74  ASN A N   1 
ATOM   640  C  CA  . ASN A 1 75  ? -9.675  17.612  1.979   1.00 59.73  ? 74  ASN A CA  1 
ATOM   641  C  C   . ASN A 1 75  ? -9.993  17.412  0.492   1.00 54.38  ? 74  ASN A C   1 
ATOM   642  O  O   . ASN A 1 75  ? -9.141  16.910  -0.242  1.00 49.97  ? 74  ASN A O   1 
ATOM   643  C  CB  . ASN A 1 75  ? -9.572  19.077  2.410   1.00 63.83  ? 74  ASN A CB  1 
ATOM   644  C  CG  . ASN A 1 75  ? -8.465  19.827  1.708   1.00 66.60  ? 74  ASN A CG  1 
ATOM   645  O  OD1 . ASN A 1 75  ? -8.437  19.907  0.477   1.00 68.83  ? 74  ASN A OD1 1 
ATOM   646  N  ND2 . ASN A 1 75  ? -7.563  20.402  2.488   1.00 64.85  ? 74  ASN A ND2 1 
ATOM   647  N  N   . ALA A 1 76  ? -11.211 17.775  0.100   1.00 60.59  ? 75  ALA A N   1 
ATOM   648  C  CA  . ALA A 1 76  ? -11.879 17.354  -1.147  1.00 64.88  ? 75  ALA A CA  1 
ATOM   649  C  C   . ALA A 1 76  ? -10.981 17.626  -2.353  1.00 68.42  ? 75  ALA A C   1 
ATOM   650  O  O   . ALA A 1 76  ? -11.080 16.861  -3.317  1.00 69.21  ? 75  ALA A O   1 
ATOM   651  C  CB  . ALA A 1 76  ? -13.210 18.051  -1.291  1.00 65.39  ? 75  ALA A CB  1 
ATOM   652  N  N   . ASN A 1 77  ? -10.149 18.665  -2.317  1.00 72.08  ? 76  ASN A N   1 
ATOM   653  C  CA  . ASN A 1 77  ? -9.454  19.125  -3.547  1.00 82.89  ? 76  ASN A CA  1 
ATOM   654  C  C   . ASN A 1 77  ? -7.926  18.947  -3.449  1.00 77.98  ? 76  ASN A C   1 
ATOM   655  O  O   . ASN A 1 77  ? -7.253  19.531  -4.315  1.00 81.90  ? 76  ASN A O   1 
ATOM   656  C  CB  . ASN A 1 77  ? -9.875  20.554  -3.890  1.00 93.09  ? 76  ASN A CB  1 
ATOM   657  C  CG  . ASN A 1 77  ? -9.485  21.545  -2.818  1.00 96.08  ? 76  ASN A CG  1 
ATOM   658  O  OD1 . ASN A 1 77  ? -8.820  21.186  -1.845  1.00 95.36  ? 76  ASN A OD1 1 
ATOM   659  N  ND2 . ASN A 1 77  ? -9.889  22.791  -2.998  1.00 101.86 ? 76  ASN A ND2 1 
ATOM   660  N  N   . GLN A 1 78  ? -7.395  18.162  -2.492  1.00 62.88  ? 77  GLN A N   1 
ATOM   661  C  CA  . GLN A 1 78  ? -5.993  17.642  -2.547  1.00 57.20  ? 77  GLN A CA  1 
ATOM   662  C  C   . GLN A 1 78  ? -5.961  16.469  -3.536  1.00 54.39  ? 77  GLN A C   1 
ATOM   663  O  O   . GLN A 1 78  ? -6.808  15.557  -3.432  1.00 44.81  ? 77  GLN A O   1 
ATOM   664  C  CB  . GLN A 1 78  ? -5.447  17.194  -1.185  1.00 55.84  ? 77  GLN A CB  1 
ATOM   665  C  CG  . GLN A 1 78  ? -4.985  18.344  -0.290  1.00 60.62  ? 77  GLN A CG  1 
ATOM   666  C  CD  . GLN A 1 78  ? -5.167  18.068  1.190   1.00 58.87  ? 77  GLN A CD  1 
ATOM   667  O  OE1 . GLN A 1 78  ? -6.278  17.960  1.701   1.00 70.31  ? 77  GLN A OE1 1 
ATOM   668  N  NE2 . GLN A 1 78  ? -4.070  17.956  1.915   1.00 56.81  ? 77  GLN A NE2 1 
ATOM   669  N  N   . ALA A 1 79  ? -5.023  16.512  -4.481  1.00 55.46  ? 78  ALA A N   1 
ATOM   670  C  CA  . ALA A 1 79  ? -4.733  15.414  -5.423  1.00 54.54  ? 78  ALA A CA  1 
ATOM   671  C  C   . ALA A 1 79  ? -4.025  14.316  -4.635  1.00 50.32  ? 78  ALA A C   1 
ATOM   672  O  O   . ALA A 1 79  ? -3.311  14.634  -3.653  1.00 46.97  ? 78  ALA A O   1 
ATOM   673  C  CB  . ALA A 1 79  ? -3.892  15.881  -6.589  1.00 56.21  ? 78  ALA A CB  1 
ATOM   674  N  N   . PHE A 1 80  ? -4.278  13.077  -5.047  1.00 46.60  ? 79  PHE A N   1 
ATOM   675  C  CA  . PHE A 1 80  ? -3.739  11.847  -4.431  1.00 41.64  ? 79  PHE A CA  1 
ATOM   676  C  C   . PHE A 1 80  ? -3.687  10.806  -5.549  1.00 43.75  ? 79  PHE A C   1 
ATOM   677  O  O   . PHE A 1 80  ? -4.713  10.666  -6.276  1.00 41.76  ? 79  PHE A O   1 
ATOM   678  C  CB  . PHE A 1 80  ? -4.565  11.469  -3.199  1.00 40.71  ? 79  PHE A CB  1 
ATOM   679  C  CG  . PHE A 1 80  ? -4.153  10.172  -2.555  1.00 39.04  ? 79  PHE A CG  1 
ATOM   680  C  CD1 . PHE A 1 80  ? -3.189  10.144  -1.570  1.00 38.45  ? 79  PHE A CD1 1 
ATOM   681  C  CD2 . PHE A 1 80  ? -4.702  8.977   -2.973  1.00 38.60  ? 79  PHE A CD2 1 
ATOM   682  C  CE1 . PHE A 1 80  ? -2.794  8.946   -0.995  1.00 40.85  ? 79  PHE A CE1 1 
ATOM   683  C  CE2 . PHE A 1 80  ? -4.314  7.781   -2.390  1.00 43.15  ? 79  PHE A CE2 1 
ATOM   684  C  CZ  . PHE A 1 80  ? -3.351  7.763   -1.406  1.00 39.11  ? 79  PHE A CZ  1 
ATOM   685  N  N   . PHE A 1 81  ? -2.489  10.225  -5.738  1.00 40.89  ? 80  PHE A N   1 
ATOM   686  C  CA  . PHE A 1 81  ? -2.146  9.208   -6.761  1.00 44.26  ? 80  PHE A CA  1 
ATOM   687  C  C   . PHE A 1 81  ? -1.494  8.036   -6.031  1.00 39.69  ? 80  PHE A C   1 
ATOM   688  O  O   . PHE A 1 81  ? -0.650  8.275   -5.145  1.00 39.06  ? 80  PHE A O   1 
ATOM   689  C  CB  . PHE A 1 81  ? -1.278  9.841   -7.858  1.00 46.16  ? 80  PHE A CB  1 
ATOM   690  C  CG  . PHE A 1 81  ? -2.007  10.922  -8.615  1.00 46.33  ? 80  PHE A CG  1 
ATOM   691  C  CD1 . PHE A 1 81  ? -1.841  12.260  -8.289  1.00 51.93  ? 80  PHE A CD1 1 
ATOM   692  C  CD2 . PHE A 1 81  ? -2.935  10.592  -9.597  1.00 48.06  ? 80  PHE A CD2 1 
ATOM   693  C  CE1 . PHE A 1 81  ? -2.563  13.244  -8.954  1.00 52.81  ? 80  PHE A CE1 1 
ATOM   694  C  CE2 . PHE A 1 81  ? -3.651  11.575  -10.262 1.00 45.92  ? 80  PHE A CE2 1 
ATOM   695  C  CZ  . PHE A 1 81  ? -3.454  12.899  -9.948  1.00 48.44  ? 80  PHE A CZ  1 
ATOM   696  N  N   . LEU A 1 82  ? -1.965  6.823   -6.327  1.00 42.65  ? 81  LEU A N   1 
ATOM   697  C  CA  . LEU A 1 82  ? -1.528  5.564   -5.667  1.00 45.10  ? 81  LEU A CA  1 
ATOM   698  C  C   . LEU A 1 82  ? -0.936  4.629   -6.717  1.00 45.24  ? 81  LEU A C   1 
ATOM   699  O  O   . LEU A 1 82  ? -1.685  4.114   -7.571  1.00 50.88  ? 81  LEU A O   1 
ATOM   700  C  CB  . LEU A 1 82  ? -2.710  4.884   -4.962  1.00 44.72  ? 81  LEU A CB  1 
ATOM   701  C  CG  . LEU A 1 82  ? -2.314  3.743   -4.024  1.00 45.19  ? 81  LEU A CG  1 
ATOM   702  C  CD1 . LEU A 1 82  ? -1.473  4.269   -2.856  1.00 41.28  ? 81  LEU A CD1 1 
ATOM   703  C  CD2 . LEU A 1 82  ? -3.552  3.003   -3.523  1.00 44.09  ? 81  LEU A CD2 1 
ATOM   704  N  N   . LEU A 1 83  ? 0.369   4.427   -6.635  1.00 43.82  ? 82  LEU A N   1 
ATOM   705  C  CA  . LEU A 1 83  ? 1.079   3.385   -7.398  1.00 43.66  ? 82  LEU A CA  1 
ATOM   706  C  C   . LEU A 1 83  ? 0.998   2.050   -6.663  1.00 41.00  ? 82  LEU A C   1 
ATOM   707  O  O   . LEU A 1 83  ? 1.066   2.036   -5.427  1.00 43.09  ? 82  LEU A O   1 
ATOM   708  C  CB  . LEU A 1 83  ? 2.530   3.821   -7.515  1.00 44.24  ? 82  LEU A CB  1 
ATOM   709  C  CG  . LEU A 1 83  ? 2.757   5.059   -8.365  1.00 48.06  ? 82  LEU A CG  1 
ATOM   710  C  CD1 . LEU A 1 83  ? 4.245   5.331   -8.449  1.00 48.37  ? 82  LEU A CD1 1 
ATOM   711  C  CD2 . LEU A 1 83  ? 2.159   4.883   -9.754  1.00 43.80  ? 82  LEU A CD2 1 
ATOM   712  N  N   . VAL A 1 84  ? 0.927   0.967   -7.421  1.00 37.63  ? 83  VAL A N   1 
ATOM   713  C  CA  . VAL A 1 84  ? 0.923   -0.411  -6.870  1.00 41.25  ? 83  VAL A CA  1 
ATOM   714  C  C   . VAL A 1 84  ? 2.036   -1.151  -7.595  1.00 35.90  ? 83  VAL A C   1 
ATOM   715  O  O   . VAL A 1 84  ? 1.967   -1.198  -8.802  1.00 31.54  ? 83  VAL A O   1 
ATOM   716  C  CB  . VAL A 1 84  ? -0.422  -1.149  -7.059  1.00 37.36  ? 83  VAL A CB  1 
ATOM   717  C  CG1 . VAL A 1 84  ? -0.291  -2.582  -6.578  1.00 39.27  ? 83  VAL A CG1 1 
ATOM   718  C  CG2 . VAL A 1 84  ? -1.593  -0.463  -6.365  1.00 37.69  ? 83  VAL A CG2 1 
ATOM   719  N  N   . ASN A 1 85  ? 2.959   -1.761  -6.855  1.00 40.90  ? 84  ASN A N   1 
ATOM   720  C  CA  . ASN A 1 85  ? 4.086   -2.556  -7.404  1.00 38.49  ? 84  ASN A CA  1 
ATOM   721  C  C   . ASN A 1 85  ? 4.807   -1.673  -8.428  1.00 37.76  ? 84  ASN A C   1 
ATOM   722  O  O   . ASN A 1 85  ? 5.182   -2.181  -9.479  1.00 42.25  ? 84  ASN A O   1 
ATOM   723  C  CB  . ASN A 1 85  ? 3.542   -3.896  -7.918  1.00 40.03  ? 84  ASN A CB  1 
ATOM   724  C  CG  . ASN A 1 85  ? 4.598   -4.854  -8.428  1.00 46.03  ? 84  ASN A CG  1 
ATOM   725  O  OD1 . ASN A 1 85  ? 5.624   -5.073  -7.781  1.00 42.35  ? 84  ASN A OD1 1 
ATOM   726  N  ND2 . ASN A 1 85  ? 4.338   -5.450  -9.582  1.00 44.59  ? 84  ASN A ND2 1 
ATOM   727  N  N   . GLY A 1 86  ? 4.952   -0.378  -8.134  1.00 37.90  ? 85  GLY A N   1 
ATOM   728  C  CA  . GLY A 1 86  ? 5.734   0.571   -8.952  1.00 39.73  ? 85  GLY A CA  1 
ATOM   729  C  C   . GLY A 1 86  ? 4.947   1.261   -10.062 1.00 41.71  ? 85  GLY A C   1 
ATOM   730  O  O   . GLY A 1 86  ? 5.491   2.162   -10.681 1.00 48.27  ? 85  GLY A O   1 
ATOM   731  N  N   . HIS A 1 87  ? 3.733   0.847   -10.389 1.00 42.11  ? 86  HIS A N   1 
ATOM   732  C  CA  . HIS A 1 87  ? 3.044   1.369   -11.593 1.00 40.15  ? 86  HIS A CA  1 
ATOM   733  C  C   . HIS A 1 87  ? 1.631   1.800   -11.229 1.00 40.49  ? 86  HIS A C   1 
ATOM   734  O  O   . HIS A 1 87  ? 1.140   1.424   -10.150 1.00 41.31  ? 86  HIS A O   1 
ATOM   735  C  CB  . HIS A 1 87  ? 3.010   0.305   -12.705 1.00 45.93  ? 86  HIS A CB  1 
ATOM   736  C  CG  . HIS A 1 87  ? 2.445   -1.008  -12.271 1.00 44.70  ? 86  HIS A CG  1 
ATOM   737  N  ND1 . HIS A 1 87  ? 1.078   -1.257  -12.238 1.00 45.82  ? 86  HIS A ND1 1 
ATOM   738  C  CD2 . HIS A 1 87  ? 3.048   -2.130  -11.826 1.00 44.76  ? 86  HIS A CD2 1 
ATOM   739  C  CE1 . HIS A 1 87  ? 0.869   -2.482  -11.798 1.00 50.23  ? 86  HIS A CE1 1 
ATOM   740  N  NE2 . HIS A 1 87  ? 2.067   -3.048  -11.552 1.00 47.74  ? 86  HIS A NE2 1 
ATOM   741  N  N   A SER A 1 88  ? 0.999   2.571   -12.119 0.06 40.51  ? 87  SER A N   1 
ATOM   742  N  N   B SER A 1 88  ? 1.004   2.573   -12.124 0.44 40.06  ? 87  SER A N   1 
ATOM   743  C  CA  A SER A 1 88  ? -0.407  3.031   -12.001 0.06 40.79  ? 87  SER A CA  1 
ATOM   744  C  CA  B SER A 1 88  ? -0.423  2.981   -12.095 0.44 41.94  ? 87  SER A CA  1 
ATOM   745  C  C   A SER A 1 88  ? -1.339  1.818   -12.082 0.06 41.71  ? 87  SER A C   1 
ATOM   746  C  C   B SER A 1 88  ? -1.307  1.745   -12.014 0.44 40.44  ? 87  SER A C   1 
ATOM   747  O  O   A SER A 1 88  ? -0.999  0.859   -12.802 0.06 41.76  ? 87  SER A O   1 
ATOM   748  O  O   B SER A 1 88  ? -0.931  0.721   -12.609 0.44 41.14  ? 87  SER A O   1 
ATOM   749  C  CB  A SER A 1 88  ? -0.736  4.055   -13.059 0.06 40.49  ? 87  SER A CB  1 
ATOM   750  C  CB  B SER A 1 88  ? -0.803  3.766   -13.328 0.44 45.05  ? 87  SER A CB  1 
ATOM   751  O  OG  A SER A 1 88  ? -1.028  3.430   -14.301 0.06 39.18  ? 87  SER A OG  1 
ATOM   752  O  OG  B SER A 1 88  ? -0.185  5.035   -13.327 0.44 52.27  ? 87  SER A OG  1 
ATOM   753  N  N   . MET A 1 89  ? -2.460  1.865   -11.360 1.00 43.03  ? 88  MET A N   1 
ATOM   754  C  CA  . MET A 1 89  ? -3.501  0.810   -11.393 1.00 46.86  ? 88  MET A CA  1 
ATOM   755  C  C   . MET A 1 89  ? -4.273  0.953   -12.717 1.00 48.18  ? 88  MET A C   1 
ATOM   756  O  O   . MET A 1 89  ? -4.638  2.071   -13.077 1.00 48.25  ? 88  MET A O   1 
ATOM   757  C  CB  . MET A 1 89  ? -4.445  0.985   -10.205 1.00 55.16  ? 88  MET A CB  1 
ATOM   758  C  CG  . MET A 1 89  ? -3.749  0.845   -8.854  1.00 66.35  ? 88  MET A CG  1 
ATOM   759  S  SD  . MET A 1 89  ? -4.580  1.847   -7.592  1.00 80.18  ? 88  MET A SD  1 
ATOM   760  C  CE  . MET A 1 89  ? -6.276  1.665   -8.134  1.00 78.12  ? 88  MET A CE  1 
ATOM   761  N  N   . VAL A 1 90  ? -4.482  -0.142  -13.439 1.00 48.48  ? 89  VAL A N   1 
ATOM   762  C  CA  . VAL A 1 90  ? -5.293  -0.168  -14.686 1.00 50.29  ? 89  VAL A CA  1 
ATOM   763  C  C   . VAL A 1 90  ? -6.738  0.145   -14.305 1.00 52.18  ? 89  VAL A C   1 
ATOM   764  O  O   . VAL A 1 90  ? -7.427  0.760   -15.129 1.00 46.31  ? 89  VAL A O   1 
ATOM   765  C  CB  . VAL A 1 90  ? -5.215  -1.535  -15.395 1.00 57.73  ? 89  VAL A CB  1 
ATOM   766  C  CG1 . VAL A 1 90  ? -5.951  -1.500  -16.727 1.00 58.32  ? 89  VAL A CG1 1 
ATOM   767  C  CG2 . VAL A 1 90  ? -3.784  -2.018  -15.587 1.00 59.58  ? 89  VAL A CG2 1 
ATOM   768  N  N   . SER A 1 91  ? -7.162  -0.302  -13.108 1.00 55.62  ? 90  SER A N   1 
ATOM   769  C  CA  . SER A 1 91  ? -8.544  -0.162  -12.578 1.00 56.72  ? 90  SER A CA  1 
ATOM   770  C  C   . SER A 1 91  ? -8.607  -0.251  -11.048 1.00 48.77  ? 90  SER A C   1 
ATOM   771  O  O   . SER A 1 91  ? -8.015  -1.163  -10.438 1.00 58.02  ? 90  SER A O   1 
ATOM   772  C  CB  . SER A 1 91  ? -9.475  -1.179  -13.175 1.00 61.27  ? 90  SER A CB  1 
ATOM   773  O  OG  . SER A 1 91  ? -10.816 -0.820  -12.882 1.00 60.44  ? 90  SER A OG  1 
ATOM   774  N  N   . VAL A 1 92  ? -9.454  0.601   -10.495 1.00 46.48  ? 91  VAL A N   1 
ATOM   775  C  CA  . VAL A 1 92  ? -9.678  0.817   -9.044  1.00 47.87  ? 91  VAL A CA  1 
ATOM   776  C  C   . VAL A 1 92  ? -10.838 -0.084  -8.588  1.00 46.76  ? 91  VAL A C   1 
ATOM   777  O  O   . VAL A 1 92  ? -11.094 -0.174  -7.368  1.00 48.56  ? 91  VAL A O   1 
ATOM   778  C  CB  . VAL A 1 92  ? -9.964  2.313   -8.800  1.00 49.61  ? 91  VAL A CB  1 
ATOM   779  C  CG1 . VAL A 1 92  ? -8.817  3.204   -9.268  1.00 47.38  ? 91  VAL A CG1 1 
ATOM   780  C  CG2 . VAL A 1 92  ? -11.264 2.747   -9.473  1.00 52.71  ? 91  VAL A CG2 1 
ATOM   781  N  N   . SER A 1 93  ? -11.522 -0.719  -9.537  1.00 38.46  ? 92  SER A N   1 
ATOM   782  C  CA  . SER A 1 93  ? -12.697 -1.570  -9.270  1.00 44.67  ? 92  SER A CA  1 
ATOM   783  C  C   . SER A 1 93  ? -12.246 -2.980  -8.883  1.00 43.54  ? 92  SER A C   1 
ATOM   784  O  O   . SER A 1 93  ? -13.076 -3.759  -8.413  1.00 39.36  ? 92  SER A O   1 
ATOM   785  C  CB  . SER A 1 93  ? -13.560 -1.605  -10.474 1.00 51.57  ? 92  SER A CB  1 
ATOM   786  O  OG  . SER A 1 93  ? -12.883 -2.309  -11.508 1.00 56.31  ? 92  SER A OG  1 
ATOM   787  N  N   . THR A 1 94  ? -10.988 -3.333  -9.112  1.00 42.53  ? 93  THR A N   1 
ATOM   788  C  CA  . THR A 1 94  ? -10.508 -4.713  -8.836  1.00 46.27  ? 93  THR A CA  1 
ATOM   789  C  C   . THR A 1 94  ? -10.439 -4.939  -7.326  1.00 43.30  ? 93  THR A C   1 
ATOM   790  O  O   . THR A 1 94  ? -9.885  -4.115  -6.599  1.00 40.87  ? 93  THR A O   1 
ATOM   791  C  CB  . THR A 1 94  ? -9.130  -4.990  -9.454  1.00 51.53  ? 93  THR A CB  1 
ATOM   792  O  OG1 . THR A 1 94  ? -8.999  -4.306  -10.704 1.00 56.80  ? 93  THR A OG1 1 
ATOM   793  C  CG2 . THR A 1 94  ? -8.887  -6.476  -9.598  1.00 48.47  ? 93  THR A CG2 1 
ATOM   794  N  N   . PRO A 1 95  ? -10.978 -6.073  -6.830  1.00 39.63  ? 94  PRO A N   1 
ATOM   795  C  CA  . PRO A 1 95  ? -10.799 -6.509  -5.448  1.00 40.60  ? 94  PRO A CA  1 
ATOM   796  C  C   . PRO A 1 95  ? -9.335  -6.741  -5.065  1.00 39.25  ? 94  PRO A C   1 
ATOM   797  O  O   . PRO A 1 95  ? -8.652  -7.376  -5.857  1.00 37.61  ? 94  PRO A O   1 
ATOM   798  C  CB  . PRO A 1 95  ? -11.491 -7.883  -5.366  1.00 39.78  ? 94  PRO A CB  1 
ATOM   799  C  CG  . PRO A 1 95  ? -12.475 -7.842  -6.510  1.00 43.64  ? 94  PRO A CG  1 
ATOM   800  C  CD  . PRO A 1 95  ? -11.823 -7.002  -7.591  1.00 41.93  ? 94  PRO A CD  1 
ATOM   801  N  N   . ILE A 1 96  ? -8.935  -6.298  -3.856  1.00 35.07  ? 95  ILE A N   1 
ATOM   802  C  CA  . ILE A 1 96  ? -7.507  -6.310  -3.430  1.00 36.46  ? 95  ILE A CA  1 
ATOM   803  C  C   . ILE A 1 96  ? -7.025  -7.764  -3.418  1.00 34.32  ? 95  ILE A C   1 
ATOM   804  O  O   . ILE A 1 96  ? -5.869  -7.972  -3.700  1.00 35.12  ? 95  ILE A O   1 
ATOM   805  C  CB  . ILE A 1 96  ? -7.221  -5.522  -2.125  1.00 34.34  ? 95  ILE A CB  1 
ATOM   806  C  CG1 . ILE A 1 96  ? -5.717  -5.350  -1.913  1.00 30.61  ? 95  ILE A CG1 1 
ATOM   807  C  CG2 . ILE A 1 96  ? -7.874  -6.125  -0.897  1.00 35.24  ? 95  ILE A CG2 1 
ATOM   808  C  CD1 . ILE A 1 96  ? -5.375  -4.252  -0.958  1.00 33.54  ? 95  ILE A CD1 1 
ATOM   809  N  N   . SER A 1 97  ? -7.897  -8.748  -3.214  1.00 36.91  ? 96  SER A N   1 
ATOM   810  C  CA  . SER A 1 97  ? -7.486  -10.177 -3.220  1.00 38.61  ? 96  SER A CA  1 
ATOM   811  C  C   . SER A 1 97  ? -6.863  -10.544 -4.581  1.00 37.90  ? 96  SER A C   1 
ATOM   812  O  O   . SER A 1 97  ? -5.881  -11.297 -4.554  1.00 31.62  ? 96  SER A O   1 
ATOM   813  C  CB  . SER A 1 97  ? -8.643  -11.076 -2.903  1.00 35.32  ? 96  SER A CB  1 
ATOM   814  O  OG  . SER A 1 97  ? -9.781  -10.697 -3.669  1.00 39.15  ? 96  SER A OG  1 
ATOM   815  N  N   . GLU A 1 98  ? -7.486  -10.104 -5.695  1.00 38.18  ? 97  GLU A N   1 
ATOM   816  C  CA  . GLU A 1 98  ? -7.038  -10.313 -7.101  1.00 39.77  ? 97  GLU A CA  1 
ATOM   817  C  C   . GLU A 1 98  ? -5.773  -9.491  -7.337  1.00 39.92  ? 97  GLU A C   1 
ATOM   818  O  O   . GLU A 1 98  ? -4.792  -10.035 -7.857  1.00 42.97  ? 97  GLU A O   1 
ATOM   819  C  CB  . GLU A 1 98  ? -8.063  -9.810  -8.123  1.00 46.61  ? 97  GLU A CB  1 
ATOM   820  C  CG  . GLU A 1 98  ? -8.944  -10.891 -8.721  1.00 54.06  ? 97  GLU A CG  1 
ATOM   821  C  CD  . GLU A 1 98  ? -10.239 -10.387 -9.351  1.00 61.25  ? 97  GLU A CD  1 
ATOM   822  O  OE1 . GLU A 1 98  ? -11.337 -10.651 -8.768  1.00 60.91  ? 97  GLU A OE1 1 
ATOM   823  O  OE2 . GLU A 1 98  ? -10.164 -9.722  -10.419 1.00 55.67  ? 97  GLU A OE2 1 
ATOM   824  N  N   . VAL A 1 99  ? -5.841  -8.207  -6.989  1.00 33.91  ? 98  VAL A N   1 
ATOM   825  C  CA  . VAL A 1 99  ? -4.704  -7.260  -7.115  1.00 37.24  ? 98  VAL A CA  1 
ATOM   826  C  C   . VAL A 1 99  ? -3.508  -7.929  -6.444  1.00 35.91  ? 98  VAL A C   1 
ATOM   827  O  O   . VAL A 1 99  ? -2.455  -8.031  -7.085  1.00 35.39  ? 98  VAL A O   1 
ATOM   828  C  CB  . VAL A 1 99  ? -5.069  -5.885  -6.527  1.00 37.42  ? 98  VAL A CB  1 
ATOM   829  C  CG1 . VAL A 1 99  ? -3.923  -4.885  -6.564  1.00 40.02  ? 98  VAL A CG1 1 
ATOM   830  C  CG2 . VAL A 1 99  ? -6.277  -5.341  -7.261  1.00 40.57  ? 98  VAL A CG2 1 
ATOM   831  N  N   . TYR A 1 100 ? -3.682  -8.435  -5.229  1.00 34.14  ? 99  TYR A N   1 
ATOM   832  C  CA  . TYR A 1 100 ? -2.582  -9.085  -4.462  1.00 34.99  ? 99  TYR A CA  1 
ATOM   833  C  C   . TYR A 1 100 ? -1.976  -10.222 -5.288  1.00 36.89  ? 99  TYR A C   1 
ATOM   834  O  O   . TYR A 1 100 ? -0.746  -10.278 -5.407  1.00 33.29  ? 99  TYR A O   1 
ATOM   835  C  CB  . TYR A 1 100 ? -3.062  -9.575  -3.096  1.00 30.84  ? 99  TYR A CB  1 
ATOM   836  C  CG  . TYR A 1 100 ? -2.002  -10.302 -2.299  1.00 30.39  ? 99  TYR A CG  1 
ATOM   837  C  CD1 . TYR A 1 100 ? -0.972  -9.622  -1.669  1.00 26.91  ? 99  TYR A CD1 1 
ATOM   838  C  CD2 . TYR A 1 100 ? -2.007  -11.683 -2.205  1.00 26.75  ? 99  TYR A CD2 1 
ATOM   839  C  CE1 . TYR A 1 100 ? 0.009   -10.298 -0.961  1.00 28.90  ? 99  TYR A CE1 1 
ATOM   840  C  CE2 . TYR A 1 100 ? -1.028  -12.372 -1.504  1.00 29.85  ? 99  TYR A CE2 1 
ATOM   841  C  CZ  . TYR A 1 100 ? -0.009  -11.684 -0.878  1.00 29.43  ? 99  TYR A CZ  1 
ATOM   842  O  OH  . TYR A 1 100 ? 0.932   -12.398 -0.179  1.00 29.74  ? 99  TYR A OH  1 
ATOM   843  N  N   . GLU A 1 101 ? -2.809  -11.113 -5.826  1.00 36.88  ? 100 GLU A N   1 
ATOM   844  C  CA  . GLU A 1 101 ? -2.319  -12.337 -6.498  1.00 39.87  ? 100 GLU A CA  1 
ATOM   845  C  C   . GLU A 1 101 ? -1.442  -11.969 -7.692  1.00 37.87  ? 100 GLU A C   1 
ATOM   846  O  O   . GLU A 1 101 ? -0.524  -12.744 -8.037  1.00 34.13  ? 100 GLU A O   1 
ATOM   847  C  CB  . GLU A 1 101 ? -3.463  -13.207 -7.006  1.00 44.31  ? 100 GLU A CB  1 
ATOM   848  C  CG  . GLU A 1 101 ? -3.819  -14.327 -6.063  1.00 53.70  ? 100 GLU A CG  1 
ATOM   849  C  CD  . GLU A 1 101 ? -4.340  -15.581 -6.749  1.00 58.61  ? 100 GLU A CD  1 
ATOM   850  O  OE1 . GLU A 1 101 ? -4.664  -15.525 -7.959  1.00 63.10  ? 100 GLU A OE1 1 
ATOM   851  O  OE2 . GLU A 1 101 ? -4.426  -16.605 -6.066  1.00 54.92  ? 100 GLU A OE2 1 
ATOM   852  N  N   . SER A 1 102 ? -1.748  -10.874 -8.376  1.00 37.63  ? 101 SER A N   1 
ATOM   853  C  CA  . SER A 1 102 ? -1.002  -10.538 -9.609  1.00 34.83  ? 101 SER A CA  1 
ATOM   854  C  C   . SER A 1 102 ? 0.090   -9.504  -9.312  1.00 36.98  ? 101 SER A C   1 
ATOM   855  O  O   . SER A 1 102 ? 1.030   -9.457  -10.105 1.00 43.67  ? 101 SER A O   1 
ATOM   856  C  CB  . SER A 1 102 ? -1.943  -10.148 -10.696 1.00 37.28  ? 101 SER A CB  1 
ATOM   857  O  OG  . SER A 1 102 ? -2.291  -8.798  -10.553 1.00 47.30  ? 101 SER A OG  1 
ATOM   858  N  N   . GLU A 1 103 ? 0.054   -8.767  -8.188  1.00 34.63  ? 102 GLU A N   1 
ATOM   859  C  CA  . GLU A 1 103 ? 1.011   -7.665  -7.957  1.00 30.96  ? 102 GLU A CA  1 
ATOM   860  C  C   . GLU A 1 103 ? 1.883   -7.906  -6.719  1.00 30.75  ? 102 GLU A C   1 
ATOM   861  O  O   . GLU A 1 103 ? 2.814   -7.102  -6.489  1.00 28.98  ? 102 GLU A O   1 
ATOM   862  C  CB  . GLU A 1 103 ? 0.250   -6.341  -7.904  1.00 33.60  ? 102 GLU A CB  1 
ATOM   863  C  CG  . GLU A 1 103 ? -0.529  -6.029  -9.176  1.00 34.88  ? 102 GLU A CG  1 
ATOM   864  C  CD  . GLU A 1 103 ? 0.338   -5.787  -10.412 1.00 39.73  ? 102 GLU A CD  1 
ATOM   865  O  OE1 . GLU A 1 103 ? 1.520   -5.435  -10.274 1.00 37.44  ? 102 GLU A OE1 1 
ATOM   866  O  OE2 . GLU A 1 103 ? -0.159  -6.003  -11.511 1.00 46.20  ? 102 GLU A OE2 1 
ATOM   867  N  N   . LYS A 1 104 ? 1.711   -8.993  -5.986  1.00 31.43  ? 103 LYS A N   1 
ATOM   868  C  CA  . LYS A 1 104 ? 2.496   -9.170  -4.738  1.00 31.15  ? 103 LYS A CA  1 
ATOM   869  C  C   . LYS A 1 104 ? 3.983   -9.187  -5.094  1.00 35.12  ? 103 LYS A C   1 
ATOM   870  O  O   . LYS A 1 104 ? 4.315   -9.712  -6.142  1.00 37.95  ? 103 LYS A O   1 
ATOM   871  C  CB  . LYS A 1 104 ? 2.154   -10.468 -4.022  1.00 33.29  ? 103 LYS A CB  1 
ATOM   872  C  CG  . LYS A 1 104 ? 2.426   -11.724 -4.826  1.00 37.19  ? 103 LYS A CG  1 
ATOM   873  C  CD  . LYS A 1 104 ? 1.636   -12.911 -4.389  1.00 35.33  ? 103 LYS A CD  1 
ATOM   874  C  CE  . LYS A 1 104 ? 1.915   -14.106 -5.267  1.00 39.81  ? 103 LYS A CE  1 
ATOM   875  N  NZ  . LYS A 1 104 ? 1.221   -14.045 -6.572  1.00 43.87  ? 103 LYS A NZ  1 
ATOM   876  N  N   . ASP A 1 105 ? 4.831   -8.631  -4.235  1.00 34.69  ? 104 ASP A N   1 
ATOM   877  C  CA  . ASP A 1 105 ? 6.307   -8.820  -4.234  1.00 35.62  ? 104 ASP A CA  1 
ATOM   878  C  C   . ASP A 1 105 ? 6.652   -10.277 -3.900  1.00 36.48  ? 104 ASP A C   1 
ATOM   879  O  O   . ASP A 1 105 ? 5.779   -11.006 -3.347  1.00 38.25  ? 104 ASP A O   1 
ATOM   880  C  CB  . ASP A 1 105 ? 6.910   -7.866  -3.202  1.00 37.72  ? 104 ASP A CB  1 
ATOM   881  C  CG  . ASP A 1 105 ? 8.386   -7.601  -3.376  1.00 39.48  ? 104 ASP A CG  1 
ATOM   882  O  OD1 . ASP A 1 105 ? 8.718   -6.614  -4.100  1.00 43.00  ? 104 ASP A OD1 1 
ATOM   883  O  OD2 . ASP A 1 105 ? 9.186   -8.367  -2.776  1.00 36.37  ? 104 ASP A OD2 1 
ATOM   884  N  N   . GLU A 1 106 ? 7.896   -10.684 -4.149  1.00 38.32  ? 105 GLU A N   1 
ATOM   885  C  CA  . GLU A 1 106 ? 8.404   -12.050 -3.822  1.00 41.33  ? 105 GLU A CA  1 
ATOM   886  C  C   . GLU A 1 106 ? 8.480   -12.283 -2.313  1.00 38.97  ? 105 GLU A C   1 
ATOM   887  O  O   . GLU A 1 106 ? 8.450   -13.473 -1.949  1.00 34.97  ? 105 GLU A O   1 
ATOM   888  C  CB  . GLU A 1 106 ? 9.821   -12.309 -4.321  1.00 46.39  ? 105 GLU A CB  1 
ATOM   889  C  CG  . GLU A 1 106 ? 9.974   -12.094 -5.806  1.00 54.29  ? 105 GLU A CG  1 
ATOM   890  C  CD  . GLU A 1 106 ? 11.386  -12.247 -6.358  1.00 61.13  ? 105 GLU A CD  1 
ATOM   891  O  OE1 . GLU A 1 106 ? 12.122  -13.241 -5.968  1.00 49.44  ? 105 GLU A OE1 1 
ATOM   892  O  OE2 . GLU A 1 106 ? 11.735  -11.370 -7.191  1.00 56.54  ? 105 GLU A OE2 1 
ATOM   893  N  N   . ASP A 1 107 ? 8.617   -11.225 -1.486  1.00 40.52  ? 106 ASP A N   1 
ATOM   894  C  CA  . ASP A 1 107 ? 8.604   -11.325 0.012   1.00 39.58  ? 106 ASP A CA  1 
ATOM   895  C  C   . ASP A 1 107 ? 7.164   -11.589 0.498   1.00 39.98  ? 106 ASP A C   1 
ATOM   896  O  O   . ASP A 1 107 ? 6.985   -11.946 1.696   1.00 39.97  ? 106 ASP A O   1 
ATOM   897  C  CB  . ASP A 1 107 ? 9.232   -10.087 0.673   1.00 41.55  ? 106 ASP A CB  1 
ATOM   898  C  CG  . ASP A 1 107 ? 8.469   -8.775  0.527   1.00 41.34  ? 106 ASP A CG  1 
ATOM   899  O  OD1 . ASP A 1 107 ? 7.366   -8.803  -0.027  1.00 44.15  ? 106 ASP A OD1 1 
ATOM   900  O  OD2 . ASP A 1 107 ? 8.997   -7.716  0.964   1.00 39.98  ? 106 ASP A OD2 1 
ATOM   901  N  N   . GLY A 1 108 ? 6.174   -11.360 -0.381  1.00 37.38  ? 107 GLY A N   1 
ATOM   902  C  CA  . GLY A 1 108 ? 4.745   -11.654 -0.146  1.00 38.52  ? 107 GLY A CA  1 
ATOM   903  C  C   . GLY A 1 108 ? 3.944   -10.433 0.308   1.00 36.79  ? 107 GLY A C   1 
ATOM   904  O  O   . GLY A 1 108 ? 2.714   -10.572 0.493   1.00 38.17  ? 107 GLY A O   1 
ATOM   905  N  N   . PHE A 1 109 ? 4.584   -9.272  0.454   1.00 31.97  ? 108 PHE A N   1 
ATOM   906  C  CA  . PHE A 1 109 ? 3.889   -7.990  0.736   1.00 32.74  ? 108 PHE A CA  1 
ATOM   907  C  C   . PHE A 1 109 ? 3.349   -7.410  -0.576  1.00 32.75  ? 108 PHE A C   1 
ATOM   908  O  O   . PHE A 1 109 ? 3.900   -7.765  -1.640  1.00 28.44  ? 108 PHE A O   1 
ATOM   909  C  CB  . PHE A 1 109 ? 4.830   -6.978  1.390   1.00 33.28  ? 108 PHE A CB  1 
ATOM   910  C  CG  . PHE A 1 109 ? 4.929   -7.108  2.876   1.00 35.91  ? 108 PHE A CG  1 
ATOM   911  C  CD1 . PHE A 1 109 ? 3.852   -6.776  3.674   1.00 34.40  ? 108 PHE A CD1 1 
ATOM   912  C  CD2 . PHE A 1 109 ? 6.088   -7.580  3.462   1.00 36.56  ? 108 PHE A CD2 1 
ATOM   913  C  CE1 . PHE A 1 109 ? 3.931   -6.933  5.043   1.00 35.70  ? 108 PHE A CE1 1 
ATOM   914  C  CE2 . PHE A 1 109 ? 6.174   -7.709  4.837   1.00 37.04  ? 108 PHE A CE2 1 
ATOM   915  C  CZ  . PHE A 1 109 ? 5.095   -7.384  5.623   1.00 37.68  ? 108 PHE A CZ  1 
ATOM   916  N  N   . LEU A 1 110 ? 2.335   -6.544  -0.483  1.00 30.39  ? 109 LEU A N   1 
ATOM   917  C  CA  . LEU A 1 110 ? 1.849   -5.681  -1.595  1.00 33.89  ? 109 LEU A CA  1 
ATOM   918  C  C   . LEU A 1 110 ? 2.334   -4.249  -1.317  1.00 32.59  ? 109 LEU A C   1 
ATOM   919  O  O   . LEU A 1 110 ? 1.952   -3.669  -0.281  1.00 33.15  ? 109 LEU A O   1 
ATOM   920  C  CB  . LEU A 1 110 ? 0.322   -5.784  -1.686  1.00 33.68  ? 109 LEU A CB  1 
ATOM   921  C  CG  . LEU A 1 110 ? -0.330  -5.201  -2.940  1.00 36.61  ? 109 LEU A CG  1 
ATOM   922  C  CD1 . LEU A 1 110 ? 0.183   -5.887  -4.199  1.00 37.50  ? 109 LEU A CD1 1 
ATOM   923  C  CD2 . LEU A 1 110 ? -1.856  -5.299  -2.859  1.00 34.54  ? 109 LEU A CD2 1 
ATOM   924  N  N   . TYR A 1 111 ? 3.193   -3.718  -2.197  1.00 32.20  ? 110 TYR A N   1 
ATOM   925  C  CA  . TYR A 1 111 ? 3.888   -2.421  -2.010  1.00 31.53  ? 110 TYR A CA  1 
ATOM   926  C  C   . TYR A 1 111 ? 3.118   -1.321  -2.744  1.00 34.41  ? 110 TYR A C   1 
ATOM   927  O  O   . TYR A 1 111 ? 2.732   -1.515  -3.892  1.00 31.02  ? 110 TYR A O   1 
ATOM   928  C  CB  . TYR A 1 111 ? 5.342   -2.564  -2.463  1.00 32.91  ? 110 TYR A CB  1 
ATOM   929  C  CG  . TYR A 1 111 ? 6.220   -3.310  -1.479  1.00 30.62  ? 110 TYR A CG  1 
ATOM   930  C  CD1 . TYR A 1 111 ? 6.392   -4.680  -1.560  1.00 29.11  ? 110 TYR A CD1 1 
ATOM   931  C  CD2 . TYR A 1 111 ? 6.855   -2.642  -0.451  1.00 29.22  ? 110 TYR A CD2 1 
ATOM   932  C  CE1 . TYR A 1 111 ? 7.202   -5.359  -0.661  1.00 29.35  ? 110 TYR A CE1 1 
ATOM   933  C  CE2 . TYR A 1 111 ? 7.628   -3.312  0.484   1.00 30.87  ? 110 TYR A CE2 1 
ATOM   934  C  CZ  . TYR A 1 111 ? 7.827   -4.671  0.356   1.00 27.79  ? 110 TYR A CZ  1 
ATOM   935  O  OH  . TYR A 1 111 ? 8.611   -5.326  1.241   1.00 30.36  ? 110 TYR A OH  1 
ATOM   936  N  N   . MET A 1 112 ? 2.871   -0.206  -2.058  1.00 35.40  ? 111 MET A N   1 
ATOM   937  C  CA  . MET A 1 112 ? 2.182   0.966   -2.636  1.00 36.60  ? 111 MET A CA  1 
ATOM   938  C  C   . MET A 1 112 ? 2.943   2.236   -2.268  1.00 37.07  ? 111 MET A C   1 
ATOM   939  O  O   . MET A 1 112 ? 3.563   2.294   -1.200  1.00 38.22  ? 111 MET A O   1 
ATOM   940  C  CB  . MET A 1 112 ? 0.749   1.089   -2.115  1.00 36.15  ? 111 MET A CB  1 
ATOM   941  C  CG  . MET A 1 112 ? -0.015  -0.180  -2.317  1.00 38.93  ? 111 MET A CG  1 
ATOM   942  S  SD  . MET A 1 112 ? -1.781  0.010   -2.174  1.00 39.74  ? 111 MET A SD  1 
ATOM   943  C  CE  . MET A 1 112 ? -2.247  -1.644  -2.682  1.00 38.33  ? 111 MET A CE  1 
ATOM   944  N  N   A VAL A 1 113 ? 2.853   3.232   -3.150  0.41 36.24  ? 112 VAL A N   1 
ATOM   945  N  N   B VAL A 1 113 ? 2.917   3.227   -3.162  0.10 36.23  ? 112 VAL A N   1 
ATOM   946  C  CA  A VAL A 1 113 ? 3.495   4.571   -3.022  0.41 36.98  ? 112 VAL A CA  1 
ATOM   947  C  CA  B VAL A 1 113 ? 3.497   4.581   -2.924  0.10 35.91  ? 112 VAL A CA  1 
ATOM   948  C  C   A VAL A 1 113 ? 2.477   5.623   -3.473  0.41 36.14  ? 112 VAL A C   1 
ATOM   949  C  C   B VAL A 1 113 ? 2.525   5.627   -3.477  0.10 35.80  ? 112 VAL A C   1 
ATOM   950  O  O   A VAL A 1 113 ? 1.749   5.357   -4.448  0.41 35.00  ? 112 VAL A O   1 
ATOM   951  O  O   B VAL A 1 113 ? 1.889   5.360   -4.516  0.10 35.65  ? 112 VAL A O   1 
ATOM   952  C  CB  A VAL A 1 113 ? 4.785   4.646   -3.859  0.41 38.01  ? 112 VAL A CB  1 
ATOM   953  C  CB  B VAL A 1 113 ? 4.908   4.724   -3.527  0.10 35.72  ? 112 VAL A CB  1 
ATOM   954  C  CG1 A VAL A 1 113 ? 5.483   5.984   -3.681  0.41 40.25  ? 112 VAL A CG1 1 
ATOM   955  C  CG1 B VAL A 1 113 ? 5.883   3.732   -2.912  0.10 35.45  ? 112 VAL A CG1 1 
ATOM   956  C  CG2 A VAL A 1 113 ? 5.728   3.493   -3.541  0.41 36.49  ? 112 VAL A CG2 1 
ATOM   957  C  CG2 B VAL A 1 113 ? 4.899   4.599   -5.040  0.10 35.34  ? 112 VAL A CG2 1 
ATOM   958  N  N   . TYR A 1 114 ? 2.428   6.768   -2.790  1.00 35.49  ? 113 TYR A N   1 
ATOM   959  C  CA  . TYR A 1 114 ? 1.417   7.809   -3.055  1.00 35.84  ? 113 TYR A CA  1 
ATOM   960  C  C   . TYR A 1 114 ? 2.109   9.154   -3.203  1.00 40.10  ? 113 TYR A C   1 
ATOM   961  O  O   . TYR A 1 114 ? 3.176   9.337   -2.619  1.00 40.52  ? 113 TYR A O   1 
ATOM   962  C  CB  . TYR A 1 114 ? 0.379   7.800   -1.935  1.00 33.61  ? 113 TYR A CB  1 
ATOM   963  C  CG  . TYR A 1 114 ? 0.854   8.231   -0.570  1.00 32.59  ? 113 TYR A CG  1 
ATOM   964  C  CD1 . TYR A 1 114 ? 1.163   7.309   0.419   1.00 31.95  ? 113 TYR A CD1 1 
ATOM   965  C  CD2 . TYR A 1 114 ? 0.900   9.574   -0.232  1.00 33.23  ? 113 TYR A CD2 1 
ATOM   966  C  CE1 . TYR A 1 114 ? 1.567   7.716   1.689   1.00 34.83  ? 113 TYR A CE1 1 
ATOM   967  C  CE2 . TYR A 1 114 ? 1.285   9.998   1.038   1.00 32.75  ? 113 TYR A CE2 1 
ATOM   968  C  CZ  . TYR A 1 114 ? 1.610   9.072   2.009   1.00 36.58  ? 113 TYR A CZ  1 
ATOM   969  O  OH  . TYR A 1 114 ? 1.970   9.529   3.256   1.00 38.03  ? 113 TYR A OH  1 
ATOM   970  N  N   . ALA A 1 115 ? 1.465   10.051  -3.951  1.00 42.89  ? 114 ALA A N   1 
ATOM   971  C  CA  . ALA A 1 115 ? 1.958   11.405  -4.287  1.00 48.20  ? 114 ALA A CA  1 
ATOM   972  C  C   . ALA A 1 115 ? 0.797   12.305  -4.762  1.00 47.76  ? 114 ALA A C   1 
ATOM   973  O  O   . ALA A 1 115 ? -0.328  11.795  -5.025  1.00 47.04  ? 114 ALA A O   1 
ATOM   974  C  CB  . ALA A 1 115 ? 3.041   11.266  -5.326  1.00 44.82  ? 114 ALA A CB  1 
ATOM   975  N  N   . SER A 1 116 ? 1.047   13.613  -4.838  1.00 56.19  ? 115 SER A N   1 
ATOM   976  C  CA  . SER A 1 116 ? 0.070   14.636  -5.310  1.00 57.38  ? 115 SER A CA  1 
ATOM   977  C  C   . SER A 1 116 ? 0.218   14.797  -6.822  1.00 59.52  ? 115 SER A C   1 
ATOM   978  O  O   . SER A 1 116 ? -0.804  15.056  -7.495  1.00 66.82  ? 115 SER A O   1 
ATOM   979  C  CB  . SER A 1 116 ? 0.215   15.953  -4.577  1.00 56.46  ? 115 SER A CB  1 
ATOM   980  O  OG  . SER A 1 116 ? 1.497   16.086  -3.992  1.00 54.14  ? 115 SER A OG  1 
ATOM   981  N  N   . GLN A 1 117 ? 1.444   14.618  -7.316  1.00 54.84  ? 116 GLN A N   1 
ATOM   982  C  CA  . GLN A 1 117 ? 1.774   14.541  -8.758  1.00 57.18  ? 116 GLN A CA  1 
ATOM   983  C  C   . GLN A 1 117 ? 1.527   13.091  -9.216  1.00 68.86  ? 116 GLN A C   1 
ATOM   984  O  O   . GLN A 1 117 ? 1.803   12.158  -8.414  1.00 67.46  ? 116 GLN A O   1 
ATOM   985  C  CB  . GLN A 1 117 ? 3.214   15.015  -8.974  1.00 49.79  ? 116 GLN A CB  1 
ATOM   986  N  N   . GLU A 1 118 ? 1.008   12.911  -10.438 1.00 70.47  ? 117 GLU A N   1 
ATOM   987  C  CA  . GLU A 1 118 ? 0.883   11.605  -11.142 1.00 79.58  ? 117 GLU A CA  1 
ATOM   988  C  C   . GLU A 1 118 ? 2.210   11.214  -11.812 1.00 86.68  ? 117 GLU A C   1 
ATOM   989  O  O   . GLU A 1 118 ? 2.435   9.997   -12.008 1.00 85.89  ? 117 GLU A O   1 
ATOM   990  C  CB  . GLU A 1 118 ? -0.203  11.709  -12.207 1.00 87.64  ? 117 GLU A CB  1 
ATOM   991  C  CG  . GLU A 1 118 ? -0.757  10.365  -12.625 1.00 96.88  ? 117 GLU A CG  1 
ATOM   992  C  CD  . GLU A 1 118 ? -2.098  10.483  -13.323 1.00 106.07 ? 117 GLU A CD  1 
ATOM   993  O  OE1 . GLU A 1 118 ? -2.281  11.473  -14.056 1.00 99.24  ? 117 GLU A OE1 1 
ATOM   994  O  OE2 . GLU A 1 118 ? -2.962  9.602   -13.105 1.00 122.50 ? 117 GLU A OE2 1 
ATOM   995  N  N   . THR A 1 119 ? 3.011   12.213  -12.211 1.00 92.85  ? 118 THR A N   1 
ATOM   996  C  CA  . THR A 1 119 ? 4.426   12.080  -12.651 1.00 102.79 ? 118 THR A CA  1 
ATOM   997  C  C   . THR A 1 119 ? 5.311   11.969  -11.399 1.00 110.73 ? 118 THR A C   1 
ATOM   998  O  O   . THR A 1 119 ? 5.743   13.024  -10.889 1.00 117.31 ? 118 THR A O   1 
ATOM   999  C  CB  . THR A 1 119 ? 4.824   13.254  -13.560 1.00 92.55  ? 118 THR A CB  1 
ATOM   1000 N  N   . PHE A 1 120 ? 5.542   10.744  -10.907 1.00 111.11 ? 119 PHE A N   1 
ATOM   1001 C  CA  . PHE A 1 120 ? 6.363   10.453  -9.701  1.00 112.25 ? 119 PHE A CA  1 
ATOM   1002 C  C   . PHE A 1 120 ? 7.825   10.770  -10.039 1.00 116.61 ? 119 PHE A C   1 
ATOM   1003 O  O   . PHE A 1 120 ? 8.678   9.888   -10.116 1.00 123.04 ? 119 PHE A O   1 
ATOM   1004 C  CB  . PHE A 1 120 ? 6.166   9.007   -9.221  1.00 113.14 ? 119 PHE A CB  1 
ATOM   1005 C  CG  . PHE A 1 120 ? 4.873   8.750   -8.481  1.00 120.49 ? 119 PHE A CG  1 
ATOM   1006 C  CD1 . PHE A 1 120 ? 3.649   8.849   -9.133  1.00 120.85 ? 119 PHE A CD1 1 
ATOM   1007 C  CD2 . PHE A 1 120 ? 4.874   8.390   -7.136  1.00 115.01 ? 119 PHE A CD2 1 
ATOM   1008 C  CE1 . PHE A 1 120 ? 2.457   8.612   -8.461  1.00 111.78 ? 119 PHE A CE1 1 
ATOM   1009 C  CE2 . PHE A 1 120 ? 3.680   8.157   -6.464  1.00 113.04 ? 119 PHE A CE2 1 
ATOM   1010 C  CZ  . PHE A 1 120 ? 2.475   8.269   -7.126  1.00 113.29 ? 119 PHE A CZ  1 
HETATM 1011 N  N1  . K0J B 2 .   ? -5.428  6.705   11.963  1.00 61.23  ? 201 K0J A N1  1 
HETATM 1012 N  N3  . K0J B 2 .   ? -3.797  7.324   13.217  1.00 70.38  ? 201 K0J A N3  1 
HETATM 1013 C  C4  . K0J B 2 .   ? -5.087  7.926   11.553  1.00 61.67  ? 201 K0J A C4  1 
HETATM 1014 N  N   . K0J B 2 .   ? -2.318  9.701   13.283  1.00 72.34  ? 201 K0J A N   1 
HETATM 1015 C  C   . K0J B 2 .   ? -0.323  10.616  14.398  1.00 75.07  ? 201 K0J A C   1 
HETATM 1016 O  O   . K0J B 2 .   ? -3.502  10.497  11.542  1.00 63.84  ? 201 K0J A O   1 
HETATM 1017 C  C1  . K0J B 2 .   ? -1.325  10.765  13.285  1.00 73.45  ? 201 K0J A C1  1 
HETATM 1018 C  C2  . K0J B 2 .   ? -3.277  9.594   12.360  1.00 66.13  ? 201 K0J A C2  1 
HETATM 1019 C  C3  . K0J B 2 .   ? -4.054  8.341   12.342  1.00 65.19  ? 201 K0J A C3  1 
HETATM 1020 N  N2  . K0J B 2 .   ? -4.632  6.341   12.982  1.00 61.86  ? 201 K0J A N2  1 
HETATM 1021 C  C1  . EDO C 3 .   ? -1.711  0.497   -16.036 1.00 88.70  ? 202 EDO A C1  1 
HETATM 1022 O  O1  . EDO C 3 .   ? -0.502  0.565   -15.286 1.00 96.31  ? 202 EDO A O1  1 
HETATM 1023 C  C2  . EDO C 3 .   ? -1.891  1.565   -17.074 1.00 81.96  ? 202 EDO A C2  1 
HETATM 1024 O  O2  . EDO C 3 .   ? -1.803  1.124   -18.434 1.00 63.56  ? 202 EDO A O2  1 
HETATM 1025 C  C1  . EDO D 3 .   ? -6.593  -0.378  7.290   1.00 51.76  ? 203 EDO A C1  1 
HETATM 1026 O  O1  . EDO D 3 .   ? -7.325  -1.239  6.445   1.00 56.99  ? 203 EDO A O1  1 
HETATM 1027 C  C2  . EDO D 3 .   ? -6.835  -0.669  8.712   1.00 50.19  ? 203 EDO A C2  1 
HETATM 1028 O  O2  . EDO D 3 .   ? -5.695  -1.240  9.334   1.00 52.68  ? 203 EDO A O2  1 
HETATM 1029 C  C1  . EDO E 3 .   ? 12.454  -8.202  -4.744  1.00 83.23  ? 204 EDO A C1  1 
HETATM 1030 O  O1  . EDO E 3 .   ? 13.053  -6.918  -4.634  1.00 78.67  ? 204 EDO A O1  1 
HETATM 1031 C  C2  . EDO E 3 .   ? 12.417  -8.970  -3.467  1.00 84.21  ? 204 EDO A C2  1 
HETATM 1032 O  O2  . EDO E 3 .   ? 12.002  -8.191  -2.356  1.00 78.10  ? 204 EDO A O2  1 
HETATM 1033 C  C1  . EDO F 3 .   ? -14.389 11.340  -1.773  1.00 67.97  ? 205 EDO A C1  1 
HETATM 1034 O  O1  . EDO F 3 .   ? -15.637 10.653  -1.842  1.00 68.21  ? 205 EDO A O1  1 
HETATM 1035 C  C2  . EDO F 3 .   ? -13.445 10.702  -0.803  1.00 64.24  ? 205 EDO A C2  1 
HETATM 1036 O  O2  . EDO F 3 .   ? -12.256 10.182  -1.374  1.00 61.42  ? 205 EDO A O2  1 
HETATM 1037 C  C1  . EDO G 3 .   ? -11.710 6.452   -6.808  1.00 77.24  ? 206 EDO A C1  1 
HETATM 1038 O  O1  . EDO G 3 .   ? -10.457 6.459   -7.490  1.00 66.58  ? 206 EDO A O1  1 
HETATM 1039 C  C2  . EDO G 3 .   ? -11.617 6.225   -5.318  1.00 77.18  ? 206 EDO A C2  1 
HETATM 1040 O  O2  . EDO G 3 .   ? -11.566 7.389   -4.492  1.00 77.66  ? 206 EDO A O2  1 
HETATM 1041 C  C1  . EDO H 3 .   ? 10.136  5.537   -1.709  1.00 91.84  ? 207 EDO A C1  1 
HETATM 1042 O  O1  . EDO H 3 .   ? 9.506   4.448   -1.062  1.00 84.34  ? 207 EDO A O1  1 
HETATM 1043 C  C2  . EDO H 3 .   ? 9.281   6.123   -2.775  1.00 91.39  ? 207 EDO A C2  1 
HETATM 1044 O  O2  . EDO H 3 .   ? 9.955   6.469   -3.978  1.00 80.97  ? 207 EDO A O2  1 
HETATM 1045 C  C1  . EDO I 3 .   ? 8.124   -7.237  8.746   1.00 77.55  ? 208 EDO A C1  1 
HETATM 1046 O  O1  . EDO I 3 .   ? 8.701   -8.526  8.806   1.00 71.66  ? 208 EDO A O1  1 
HETATM 1047 C  C2  . EDO I 3 .   ? 7.861   -6.624  10.083  1.00 82.20  ? 208 EDO A C2  1 
HETATM 1048 O  O2  . EDO I 3 .   ? 7.060   -5.457  10.036  1.00 81.32  ? 208 EDO A O2  1 
HETATM 1049 C  C1  . EDO J 3 .   ? 10.766  -0.864  -7.175  1.00 116.01 ? 209 EDO A C1  1 
HETATM 1050 O  O1  . EDO J 3 .   ? 11.828  -0.070  -6.673  1.00 99.71  ? 209 EDO A O1  1 
HETATM 1051 C  C2  . EDO J 3 .   ? 9.853   -0.122  -8.081  1.00 116.66 ? 209 EDO A C2  1 
HETATM 1052 O  O2  . EDO J 3 .   ? 9.777   -0.661  -9.387  1.00 115.55 ? 209 EDO A O2  1 
HETATM 1053 C  C1  . EDO K 3 .   ? -3.430  -3.268  -10.430 1.00 87.40  ? 210 EDO A C1  1 
HETATM 1054 O  O1  . EDO K 3 .   ? -2.618  -2.656  -11.429 1.00 78.79  ? 210 EDO A O1  1 
HETATM 1055 C  C2  . EDO K 3 .   ? -4.372  -2.336  -9.739  1.00 87.60  ? 210 EDO A C2  1 
HETATM 1056 O  O2  . EDO K 3 .   ? -5.766  -2.525  -10.003 1.00 80.66  ? 210 EDO A O2  1 
HETATM 1057 CL CL  . CL  L 4 .   ? -8.505  -12.539 9.646   1.00 41.01  ? 211 CL  A CL  1 
HETATM 1058 O  O   . HOH M 5 .   ? 13.355  0.548   -0.302  1.00 66.11  ? 301 HOH A O   1 
HETATM 1059 O  O   . HOH M 5 .   ? -3.967  -2.250  9.664   1.00 38.33  ? 302 HOH A O   1 
HETATM 1060 O  O   . HOH M 5 .   ? -10.370 15.908  10.662  1.00 61.37  ? 303 HOH A O   1 
HETATM 1061 O  O   . HOH M 5 .   ? 8.508   11.040  1.011   1.00 72.18  ? 304 HOH A O   1 
HETATM 1062 O  O   . HOH M 5 .   ? 8.178   3.395   4.989   1.00 63.63  ? 305 HOH A O   1 
HETATM 1063 O  O   . HOH M 5 .   ? -2.886  7.301   -13.130 1.00 65.61  ? 306 HOH A O   1 
HETATM 1064 O  O   . HOH M 5 .   ? -8.369  -9.285  -11.802 1.00 55.51  ? 307 HOH A O   1 
HETATM 1065 O  O   . HOH M 5 .   ? -2.574  4.316   -9.795  1.00 55.39  ? 308 HOH A O   1 
HETATM 1066 O  O   . HOH M 5 .   ? -15.251 3.052   -3.181  1.00 34.34  ? 309 HOH A O   1 
HETATM 1067 O  O   . HOH M 5 .   ? -10.954 -7.001  -2.453  1.00 186.67 ? 310 HOH A O   1 
HETATM 1068 O  O   . HOH M 5 .   ? -2.836  8.766   9.530   1.00 102.50 ? 311 HOH A O   1 
HETATM 1069 O  O   . HOH M 5 .   ? 8.700   13.108  -0.039  1.00 90.64  ? 312 HOH A O   1 
HETATM 1070 O  O   . HOH M 5 .   ? 9.310   -1.999  10.218  1.00 56.27  ? 313 HOH A O   1 
HETATM 1071 O  O   . HOH M 5 .   ? 0.727   -2.766  11.079  1.00 53.49  ? 314 HOH A O   1 
HETATM 1072 O  O   . HOH M 5 .   ? 3.761   4.953   5.562   1.00 38.29  ? 315 HOH A O   1 
HETATM 1073 O  O   . HOH M 5 .   ? -9.645  1.765   -15.932 1.00 40.02  ? 316 HOH A O   1 
HETATM 1074 O  O   . HOH M 5 .   ? -11.837 1.146   -14.202 1.00 55.59  ? 317 HOH A O   1 
HETATM 1075 O  O   . HOH M 5 .   ? 2.393   -19.106 8.821   1.00 72.66  ? 318 HOH A O   1 
HETATM 1076 O  O   . HOH M 5 .   ? 6.775   -4.957  -5.451  1.00 38.89  ? 319 HOH A O   1 
HETATM 1077 O  O   . HOH M 5 .   ? -1.446  6.472   -15.092 1.00 60.70  ? 320 HOH A O   1 
HETATM 1078 O  O   . HOH M 5 .   ? -8.908  17.737  5.847   1.00 56.74  ? 321 HOH A O   1 
HETATM 1079 O  O   . HOH M 5 .   ? 3.206   -10.123 -8.508  1.00 59.99  ? 322 HOH A O   1 
HETATM 1080 O  O   . HOH M 5 .   ? 11.900  -2.265  -5.156  1.00 80.05  ? 323 HOH A O   1 
HETATM 1081 O  O   . HOH M 5 .   ? 19.145  -13.120 6.119   1.00 87.43  ? 324 HOH A O   1 
HETATM 1082 O  O   . HOH M 5 .   ? 7.884   -5.324  -9.182  1.00 35.83  ? 325 HOH A O   1 
HETATM 1083 O  O   . HOH M 5 .   ? 9.853   -2.544  -4.201  1.00 48.01  ? 326 HOH A O   1 
HETATM 1084 O  O   . HOH M 5 .   ? 11.342  -15.207 -4.312  1.00 65.55  ? 327 HOH A O   1 
HETATM 1085 O  O   . HOH M 5 .   ? -15.606 10.555  -4.529  1.00 80.58  ? 328 HOH A O   1 
HETATM 1086 O  O   . HOH M 5 .   ? -8.741  5.207   7.189   1.00 26.17  ? 329 HOH A O   1 
HETATM 1087 O  O   . HOH M 5 .   ? 10.081  -0.347  0.885   1.00 45.22  ? 330 HOH A O   1 
HETATM 1088 O  O   . HOH M 5 .   ? -2.844  -12.747 5.506   1.00 33.76  ? 331 HOH A O   1 
HETATM 1089 O  O   . HOH M 5 .   ? -12.549 -10.488 3.926   1.00 44.69  ? 332 HOH A O   1 
HETATM 1090 O  O   . HOH M 5 .   ? 6.520   7.119   3.643   1.00 58.92  ? 333 HOH A O   1 
HETATM 1091 O  O   . HOH M 5 .   ? 5.911   0.889   -0.774  1.00 36.59  ? 334 HOH A O   1 
HETATM 1092 O  O   . HOH M 5 .   ? -6.474  12.540  -7.335  1.00 48.30  ? 335 HOH A O   1 
HETATM 1093 O  O   . HOH M 5 .   ? -6.841  3.787   -13.071 1.00 63.78  ? 336 HOH A O   1 
HETATM 1094 O  O   . HOH M 5 .   ? -0.474  10.883  9.324   1.00 53.79  ? 337 HOH A O   1 
HETATM 1095 O  O   . HOH M 5 .   ? -3.161  -19.058 6.270   1.00 29.79  ? 338 HOH A O   1 
HETATM 1096 O  O   . HOH M 5 .   ? 3.856   7.561   4.948   1.00 48.79  ? 339 HOH A O   1 
HETATM 1097 O  O   . HOH M 5 .   ? -5.642  -13.281 -2.563  1.00 33.04  ? 340 HOH A O   1 
HETATM 1098 O  O   . HOH M 5 .   ? -12.958 -11.797 -0.162  1.00 40.36  ? 341 HOH A O   1 
HETATM 1099 O  O   . HOH M 5 .   ? 8.065   -2.749  -8.493  1.00 43.70  ? 342 HOH A O   1 
HETATM 1100 O  O   . HOH M 5 .   ? 4.388   1.085   -5.758  1.00 42.27  ? 343 HOH A O   1 
HETATM 1101 O  O   . HOH M 5 .   ? 3.477   14.480  7.630   1.00 46.10  ? 344 HOH A O   1 
HETATM 1102 O  O   . HOH M 5 .   ? 3.714   -5.053  -4.676  1.00 44.05  ? 345 HOH A O   1 
HETATM 1103 O  O   . HOH M 5 .   ? -11.273 -9.382  5.960   1.00 36.74  ? 346 HOH A O   1 
HETATM 1104 O  O   . HOH M 5 .   ? -5.400  -10.970 -10.515 1.00 69.92  ? 347 HOH A O   1 
HETATM 1105 O  O   . HOH M 5 .   ? 5.562   -7.809  -10.704 1.00 44.83  ? 348 HOH A O   1 
HETATM 1106 O  O   . HOH M 5 .   ? -0.536  -13.569 2.354   1.00 41.58  ? 349 HOH A O   1 
HETATM 1107 O  O   . HOH M 5 .   ? -11.907 9.602   1.464   1.00 48.01  ? 350 HOH A O   1 
HETATM 1108 O  O   . HOH M 5 .   ? -3.799  -15.029 3.885   1.00 31.93  ? 351 HOH A O   1 
HETATM 1109 O  O   . HOH M 5 .   ? -7.631  10.732  -4.751  1.00 44.56  ? 352 HOH A O   1 
HETATM 1110 O  O   . HOH M 5 .   ? -0.966  14.696  -11.700 1.00 68.01  ? 353 HOH A O   1 
HETATM 1111 O  O   . HOH M 5 .   ? 5.598   2.229   10.542  1.00 52.98  ? 354 HOH A O   1 
HETATM 1112 O  O   . HOH M 5 .   ? -7.861  -10.476 11.322  1.00 34.23  ? 355 HOH A O   1 
HETATM 1113 O  O   . HOH M 5 .   ? -5.429  7.866   -7.005  1.00 67.47  ? 356 HOH A O   1 
HETATM 1114 O  O   . HOH M 5 .   ? 2.189   -12.972 -9.253  1.00 71.21  ? 357 HOH A O   1 
HETATM 1115 O  O   . HOH M 5 .   ? -14.770 -2.073  -1.570  1.00 35.67  ? 358 HOH A O   1 
HETATM 1116 O  O   . HOH M 5 .   ? 6.799   -0.537  10.319  1.00 51.17  ? 359 HOH A O   1 
HETATM 1117 O  O   . HOH M 5 .   ? 6.003   -14.774 2.224   1.00 50.06  ? 360 HOH A O   1 
HETATM 1118 O  O   . HOH M 5 .   ? -10.804 12.958  4.796   1.00 46.57  ? 361 HOH A O   1 
HETATM 1119 O  O   . HOH M 5 .   ? 5.922   -17.098 1.415   1.00 55.39  ? 362 HOH A O   1 
HETATM 1120 O  O   . HOH M 5 .   ? -2.388  17.269  -2.377  1.00 62.15  ? 363 HOH A O   1 
HETATM 1121 O  O   . HOH M 5 .   ? -0.285  -12.382 4.717   1.00 28.37  ? 364 HOH A O   1 
HETATM 1122 O  O   . HOH M 5 .   ? -6.235  -13.290 -9.467  1.00 55.06  ? 365 HOH A O   1 
HETATM 1123 O  O   . HOH M 5 .   ? 5.642   6.337   9.558   1.00 48.22  ? 366 HOH A O   1 
HETATM 1124 O  O   . HOH M 5 .   ? 8.328   2.453   -9.364  1.00 57.68  ? 367 HOH A O   1 
HETATM 1125 O  O   . HOH M 5 .   ? 4.364   -0.060  10.418  1.00 32.62  ? 368 HOH A O   1 
HETATM 1126 O  O   . HOH M 5 .   ? -1.520  9.320   8.905   1.00 58.54  ? 369 HOH A O   1 
HETATM 1127 O  O   . HOH M 5 .   ? 5.289   16.977  -4.576  1.00 56.47  ? 370 HOH A O   1 
HETATM 1128 O  O   . HOH M 5 .   ? 0.358   11.896  -15.890 1.00 76.78  ? 371 HOH A O   1 
HETATM 1129 O  O   . HOH M 5 .   ? -2.625  18.683  -4.687  1.00 55.33  ? 372 HOH A O   1 
HETATM 1130 O  O   . HOH M 5 .   ? 4.349   15.835  -6.459  1.00 55.17  ? 373 HOH A O   1 
HETATM 1131 O  O   . HOH M 5 .   ? 5.961   -8.210  -8.726  1.00 55.44  ? 374 HOH A O   1 
HETATM 1132 O  O   . HOH M 5 .   ? 8.789   -8.998  -6.870  1.00 49.71  ? 375 HOH A O   1 
HETATM 1133 O  O   . HOH M 5 .   ? -4.731  6.296   -8.101  1.00 38.85  ? 376 HOH A O   1 
HETATM 1134 O  O   . HOH M 5 .   ? 9.429   -9.973  14.096  1.00 73.42  ? 377 HOH A O   1 
HETATM 1135 O  O   . HOH M 5 .   ? 6.088   4.386   10.293  1.00 58.32  ? 378 HOH A O   1 
HETATM 1136 O  O   . HOH M 5 .   ? -7.987  -15.406 13.272  1.00 39.56  ? 379 HOH A O   1 
HETATM 1137 O  O   . HOH M 5 .   ? 2.922   -13.115 18.258  1.00 48.29  ? 380 HOH A O   1 
HETATM 1138 O  O   . HOH M 5 .   ? -16.672 -3.611  3.197   1.00 55.50  ? 381 HOH A O   1 
HETATM 1139 O  O   . HOH M 5 .   ? 8.685   1.989   -6.721  1.00 51.95  ? 382 HOH A O   1 
HETATM 1140 O  O   . HOH M 5 .   ? 6.917   0.445   -4.983  1.00 38.83  ? 383 HOH A O   1 
HETATM 1141 O  O   . HOH M 5 .   ? 7.384   0.975   -2.726  1.00 44.74  ? 384 HOH A O   1 
HETATM 1142 O  O   . HOH M 5 .   ? 7.829   -6.736  13.657  1.00 71.59  ? 385 HOH A O   1 
HETATM 1143 O  O   . HOH M 5 .   ? 7.400   -2.094  -5.591  1.00 48.40  ? 386 HOH A O   1 
HETATM 1144 O  O   . HOH M 5 .   ? 9.637   -16.804 -0.236  1.00 56.36  ? 387 HOH A O   1 
HETATM 1145 O  O   . HOH M 5 .   ? 2.819   -1.032  11.966  1.00 47.74  ? 388 HOH A O   1 
HETATM 1146 O  O   . HOH M 5 .   ? -13.634 -4.576  7.046   1.00 59.66  ? 389 HOH A O   1 
HETATM 1147 O  O   . HOH M 5 .   ? 9.878   -0.841  -1.707  1.00 50.13  ? 390 HOH A O   1 
HETATM 1148 O  O   . HOH M 5 .   ? -0.273  -4.542  11.446  1.00 56.04  ? 391 HOH A O   1 
HETATM 1149 O  O   . HOH M 5 .   ? -13.921 -13.120 5.601   1.00 58.39  ? 392 HOH A O   1 
HETATM 1150 O  O   . HOH M 5 .   ? -6.249  5.432   -9.731  1.00 80.55  ? 393 HOH A O   1 
HETATM 1151 O  O   . HOH M 5 .   ? -14.462 3.373   -10.961 1.00 57.13  ? 394 HOH A O   1 
# 
